data_1S6U
#
_entry.id   1S6U
#
loop_
_entity.id
_entity.type
_entity.pdbx_description
1 polymer 'Copper-transporting ATPase 1'
2 non-polymer 'COPPER (I) ION'
#
_entity_poly.entity_id   1
_entity_poly.type   'polypeptide(L)'
_entity_poly.pdbx_seq_one_letter_code
;GEVVLKMKVEGMTCHSCTSTIEGKIGKLQGVQRIKVSLDNQEATIVYQPHLISVEEMKKQIEAMGFPAFVKKIEGR
;
_entity_poly.pdbx_strand_id   A
#
loop_
_chem_comp.id
_chem_comp.type
_chem_comp.name
_chem_comp.formula
CU1 non-polymer 'COPPER (I) ION' 'Cu 1'
#
# COMPACT_ATOMS: atom_id res chain seq x y z
N GLY A 1 14.09 -12.07 -0.23
CA GLY A 1 12.67 -11.91 0.09
C GLY A 1 12.28 -10.46 -0.13
N GLU A 2 10.98 -10.21 -0.13
CA GLU A 2 10.36 -8.92 -0.41
C GLU A 2 10.44 -8.04 0.84
N VAL A 3 9.88 -6.84 0.77
CA VAL A 3 9.82 -5.91 1.89
C VAL A 3 8.37 -5.47 2.07
N VAL A 4 7.95 -5.46 3.34
CA VAL A 4 6.67 -4.98 3.82
C VAL A 4 6.82 -3.50 4.14
N LEU A 5 5.87 -2.67 3.67
CA LEU A 5 5.69 -1.30 4.11
C LEU A 5 4.35 -1.24 4.84
N LYS A 6 4.31 -0.56 6.00
CA LYS A 6 3.07 -0.29 6.72
C LYS A 6 2.82 1.21 6.65
N MET A 7 1.67 1.60 6.10
CA MET A 7 1.23 2.96 5.96
C MET A 7 -0.11 3.14 6.64
N LYS A 8 -0.21 4.04 7.62
CA LYS A 8 -1.50 4.34 8.23
C LYS A 8 -2.31 5.14 7.21
N VAL A 9 -3.57 4.81 7.01
CA VAL A 9 -4.43 5.52 6.07
C VAL A 9 -5.56 6.15 6.87
N GLU A 10 -6.09 7.28 6.40
CA GLU A 10 -7.23 7.94 7.00
C GLU A 10 -8.39 7.87 6.01
N GLY A 11 -9.62 7.84 6.50
CA GLY A 11 -10.82 7.98 5.68
C GLY A 11 -11.24 6.68 4.99
N MET A 12 -10.28 5.84 4.56
CA MET A 12 -10.59 4.56 3.93
C MET A 12 -11.29 3.60 4.90
N THR A 13 -12.61 3.74 5.00
CA THR A 13 -13.50 2.92 5.78
C THR A 13 -14.57 2.32 4.86
N CYS A 14 -14.15 1.68 3.75
CA CYS A 14 -15.00 0.82 2.97
C CYS A 14 -14.12 -0.12 2.15
N HIS A 15 -14.75 -1.14 1.56
CA HIS A 15 -14.04 -2.13 0.79
C HIS A 15 -13.66 -1.60 -0.60
N SER A 16 -14.38 -0.58 -1.10
CA SER A 16 -14.18 -0.05 -2.43
C SER A 16 -12.80 0.60 -2.56
N CYS A 17 -12.51 1.65 -1.79
CA CYS A 17 -11.26 2.38 -1.87
C CYS A 17 -10.08 1.42 -1.77
N THR A 18 -10.15 0.59 -0.73
CA THR A 18 -9.14 -0.40 -0.41
C THR A 18 -8.96 -1.37 -1.59
N SER A 19 -10.03 -2.03 -2.05
CA SER A 19 -10.00 -2.92 -3.20
C SER A 19 -9.42 -2.23 -4.44
N THR A 20 -9.91 -1.03 -4.76
CA THR A 20 -9.41 -0.25 -5.88
C THR A 20 -7.89 -0.10 -5.80
N ILE A 21 -7.38 0.35 -4.66
CA ILE A 21 -5.95 0.48 -4.45
C ILE A 21 -5.29 -0.90 -4.58
N GLU A 22 -5.87 -1.93 -3.98
CA GLU A 22 -5.36 -3.29 -4.06
C GLU A 22 -5.16 -3.73 -5.51
N GLY A 23 -6.17 -3.52 -6.36
CA GLY A 23 -6.08 -3.75 -7.79
C GLY A 23 -4.98 -2.90 -8.42
N LYS A 24 -5.03 -1.58 -8.24
CA LYS A 24 -4.12 -0.65 -8.89
C LYS A 24 -2.66 -1.00 -8.56
N ILE A 25 -2.40 -1.24 -7.28
CA ILE A 25 -1.10 -1.60 -6.77
C ILE A 25 -0.72 -2.98 -7.30
N GLY A 26 -1.62 -3.96 -7.20
CA GLY A 26 -1.43 -5.28 -7.77
C GLY A 26 -0.99 -5.24 -9.23
N LYS A 27 -1.55 -4.31 -10.01
CA LYS A 27 -1.19 -4.13 -11.40
C LYS A 27 0.30 -3.78 -11.59
N LEU A 28 0.94 -3.11 -10.62
CA LEU A 28 2.26 -2.56 -10.83
C LEU A 28 3.34 -3.63 -10.83
N GLN A 29 4.25 -3.52 -11.81
CA GLN A 29 5.32 -4.46 -12.01
C GLN A 29 6.39 -4.35 -10.91
N GLY A 30 6.20 -5.06 -9.80
CA GLY A 30 7.16 -5.02 -8.68
C GLY A 30 6.58 -5.36 -7.32
N VAL A 31 5.24 -5.35 -7.18
CA VAL A 31 4.60 -5.75 -5.96
C VAL A 31 4.38 -7.26 -5.98
N GLN A 32 4.39 -7.88 -4.79
CA GLN A 32 4.29 -9.32 -4.61
C GLN A 32 3.07 -9.67 -3.74
N ARG A 33 2.73 -8.84 -2.77
CA ARG A 33 1.56 -9.04 -1.93
C ARG A 33 1.17 -7.69 -1.36
N ILE A 34 -0.05 -7.59 -0.84
CA ILE A 34 -0.63 -6.36 -0.41
C ILE A 34 -1.71 -6.78 0.58
N LYS A 35 -1.84 -6.01 1.66
CA LYS A 35 -2.85 -6.18 2.66
C LYS A 35 -3.38 -4.83 3.16
N VAL A 36 -4.32 -4.26 2.42
CA VAL A 36 -4.93 -2.99 2.77
C VAL A 36 -6.07 -3.22 3.75
N SER A 37 -5.91 -2.79 5.02
CA SER A 37 -6.96 -2.90 6.01
C SER A 37 -7.82 -1.63 5.96
N LEU A 38 -8.92 -1.65 6.70
CA LEU A 38 -9.85 -0.54 6.81
C LEU A 38 -10.21 -0.30 8.28
N ASP A 39 -10.55 -1.38 9.00
CA ASP A 39 -10.93 -1.40 10.39
C ASP A 39 -9.97 -0.56 11.22
N ASN A 40 -8.70 -0.99 11.19
CA ASN A 40 -7.65 -0.36 11.97
C ASN A 40 -6.93 0.72 11.13
N GLN A 41 -7.60 1.19 10.07
CA GLN A 41 -7.18 2.17 9.09
C GLN A 41 -5.66 2.15 8.81
N GLU A 42 -5.19 1.02 8.26
CA GLU A 42 -3.77 0.82 8.00
C GLU A 42 -3.66 -0.03 6.74
N ALA A 43 -2.62 0.21 5.95
CA ALA A 43 -2.39 -0.42 4.68
C ALA A 43 -1.00 -1.06 4.66
N THR A 44 -0.97 -2.36 4.36
CA THR A 44 0.22 -3.17 4.19
C THR A 44 0.50 -3.26 2.70
N ILE A 45 1.72 -2.96 2.26
CA ILE A 45 2.11 -3.07 0.87
C ILE A 45 3.39 -3.90 0.84
N VAL A 46 3.42 -5.02 0.11
CA VAL A 46 4.54 -5.97 0.12
C VAL A 46 5.17 -6.04 -1.27
N TYR A 47 6.33 -5.40 -1.44
CA TYR A 47 6.93 -5.23 -2.76
C TYR A 47 8.42 -5.57 -2.76
N GLN A 48 8.97 -5.69 -3.97
CA GLN A 48 10.33 -6.12 -4.19
C GLN A 48 11.25 -4.91 -4.40
N PRO A 49 12.19 -4.63 -3.48
CA PRO A 49 12.98 -3.40 -3.46
C PRO A 49 14.02 -3.41 -4.58
N HIS A 50 13.55 -3.12 -5.79
CA HIS A 50 14.30 -3.19 -7.03
C HIS A 50 13.35 -2.74 -8.15
N LEU A 51 12.18 -3.39 -8.21
CA LEU A 51 11.25 -3.16 -9.30
C LEU A 51 10.44 -1.89 -9.08
N ILE A 52 9.91 -1.72 -7.85
CA ILE A 52 9.05 -0.62 -7.46
C ILE A 52 9.55 -0.08 -6.10
N SER A 53 9.03 1.05 -5.66
CA SER A 53 9.54 1.78 -4.50
C SER A 53 8.38 2.34 -3.65
N VAL A 54 8.69 2.69 -2.39
CA VAL A 54 7.79 3.39 -1.49
C VAL A 54 7.05 4.51 -2.20
N GLU A 55 7.78 5.35 -2.93
CA GLU A 55 7.19 6.53 -3.55
C GLU A 55 6.13 6.11 -4.58
N GLU A 56 6.41 5.14 -5.46
CA GLU A 56 5.41 4.62 -6.38
C GLU A 56 4.16 4.23 -5.58
N MET A 57 4.32 3.35 -4.59
CA MET A 57 3.22 3.00 -3.71
C MET A 57 2.46 4.23 -3.19
N LYS A 58 3.10 5.09 -2.40
CA LYS A 58 2.45 6.27 -1.84
C LYS A 58 1.91 7.20 -2.90
N LYS A 59 2.75 7.73 -3.78
CA LYS A 59 2.32 8.63 -4.84
C LYS A 59 1.07 8.08 -5.50
N GLN A 60 1.06 6.80 -5.87
CA GLN A 60 -0.13 6.22 -6.49
C GLN A 60 -1.32 6.17 -5.51
N ILE A 61 -1.07 5.82 -4.25
CA ILE A 61 -2.11 5.75 -3.22
C ILE A 61 -2.63 7.16 -2.90
N GLU A 62 -1.79 8.03 -2.34
CA GLU A 62 -2.10 9.42 -2.14
C GLU A 62 -2.79 10.05 -3.35
N ALA A 63 -2.35 9.76 -4.58
CA ALA A 63 -2.98 10.31 -5.78
C ALA A 63 -4.48 10.03 -5.85
N MET A 64 -4.95 8.89 -5.33
CA MET A 64 -6.37 8.63 -5.26
C MET A 64 -7.09 9.69 -4.43
N GLY A 65 -6.46 10.12 -3.33
CA GLY A 65 -6.97 11.16 -2.44
C GLY A 65 -6.69 10.82 -0.98
N PHE A 66 -6.40 9.55 -0.69
CA PHE A 66 -6.29 9.02 0.65
C PHE A 66 -4.89 9.30 1.20
N PRO A 67 -4.72 10.19 2.19
CA PRO A 67 -3.40 10.44 2.75
C PRO A 67 -2.93 9.17 3.46
N ALA A 68 -1.63 8.85 3.35
CA ALA A 68 -1.08 7.63 3.92
C ALA A 68 0.30 7.88 4.53
N PHE A 69 0.55 7.32 5.73
CA PHE A 69 1.75 7.55 6.51
C PHE A 69 2.63 6.30 6.48
N VAL A 70 3.35 6.12 5.38
CA VAL A 70 4.33 5.05 5.17
C VAL A 70 5.53 5.17 6.10
N LYS A 71 5.58 4.37 7.17
CA LYS A 71 6.69 4.41 8.11
C LYS A 71 6.87 3.11 8.91
N LYS A 72 7.04 1.99 8.24
CA LYS A 72 7.47 0.75 8.87
C LYS A 72 8.07 -0.12 7.78
N ILE A 73 9.28 -0.67 7.97
CA ILE A 73 9.98 -1.49 6.99
C ILE A 73 10.22 -2.86 7.65
N GLU A 74 9.15 -3.57 7.98
CA GLU A 74 9.19 -4.79 8.78
C GLU A 74 9.16 -6.01 7.85
N GLY A 75 10.16 -6.12 6.97
CA GLY A 75 10.25 -7.24 6.02
C GLY A 75 10.59 -8.55 6.74
N ARG A 76 10.39 -9.69 6.05
CA ARG A 76 10.70 -11.01 6.53
C ARG A 76 10.81 -11.89 5.28
CU CU1 B . -13.85 3.93 1.05
N GLY A 1 11.79 -12.76 -2.58
CA GLY A 1 12.38 -11.73 -1.71
C GLY A 1 11.48 -10.51 -1.83
N GLU A 2 11.22 -9.82 -0.73
CA GLU A 2 10.19 -8.81 -0.67
C GLU A 2 10.34 -8.08 0.67
N VAL A 3 9.85 -6.85 0.72
CA VAL A 3 9.83 -6.02 1.92
C VAL A 3 8.38 -5.57 2.12
N VAL A 4 7.93 -5.67 3.38
CA VAL A 4 6.64 -5.18 3.84
C VAL A 4 6.86 -3.74 4.27
N LEU A 5 5.96 -2.84 3.88
CA LEU A 5 5.83 -1.53 4.48
C LEU A 5 4.43 -1.43 5.08
N LYS A 6 4.31 -0.70 6.19
CA LYS A 6 3.07 -0.44 6.87
C LYS A 6 2.83 1.07 6.84
N MET A 7 1.75 1.46 6.18
CA MET A 7 1.32 2.83 6.01
C MET A 7 -0.04 2.98 6.67
N LYS A 8 -0.15 3.86 7.67
CA LYS A 8 -1.44 4.17 8.25
C LYS A 8 -2.22 4.95 7.21
N VAL A 9 -3.53 4.71 7.05
CA VAL A 9 -4.36 5.45 6.11
C VAL A 9 -5.56 5.98 6.86
N GLU A 10 -6.05 7.16 6.46
CA GLU A 10 -7.18 7.81 7.09
C GLU A 10 -8.40 7.68 6.18
N GLY A 11 -9.61 7.59 6.74
CA GLY A 11 -10.85 7.68 5.97
C GLY A 11 -11.24 6.38 5.25
N MET A 12 -10.24 5.60 4.82
CA MET A 12 -10.47 4.34 4.12
C MET A 12 -11.21 3.36 5.02
N THR A 13 -12.55 3.37 4.93
CA THR A 13 -13.45 2.64 5.80
C THR A 13 -14.66 2.14 5.00
N CYS A 14 -14.40 1.50 3.85
CA CYS A 14 -15.40 0.78 3.07
C CYS A 14 -14.67 -0.14 2.10
N HIS A 15 -15.34 -1.20 1.62
CA HIS A 15 -14.78 -2.13 0.65
C HIS A 15 -14.80 -1.54 -0.77
N SER A 16 -14.41 -0.27 -0.92
CA SER A 16 -14.25 0.40 -2.19
C SER A 16 -12.88 1.05 -2.23
N CYS A 17 -12.58 1.97 -1.30
CA CYS A 17 -11.30 2.67 -1.28
C CYS A 17 -10.14 1.66 -1.27
N THR A 18 -10.12 0.80 -0.24
CA THR A 18 -9.12 -0.25 -0.11
C THR A 18 -9.06 -1.07 -1.41
N SER A 19 -10.20 -1.65 -1.81
CA SER A 19 -10.28 -2.59 -2.93
C SER A 19 -9.74 -1.94 -4.21
N THR A 20 -10.07 -0.66 -4.43
CA THR A 20 -9.57 0.08 -5.58
C THR A 20 -8.03 0.15 -5.52
N ILE A 21 -7.46 0.53 -4.38
CA ILE A 21 -6.01 0.56 -4.23
C ILE A 21 -5.45 -0.85 -4.49
N GLU A 22 -6.00 -1.86 -3.82
CA GLU A 22 -5.55 -3.23 -3.89
C GLU A 22 -5.52 -3.69 -5.35
N GLY A 23 -6.63 -3.50 -6.06
CA GLY A 23 -6.73 -3.75 -7.49
C GLY A 23 -5.66 -2.99 -8.28
N LYS A 24 -5.55 -1.67 -8.08
CA LYS A 24 -4.63 -0.85 -8.86
C LYS A 24 -3.20 -1.31 -8.66
N ILE A 25 -2.73 -1.28 -7.41
CA ILE A 25 -1.39 -1.67 -7.02
C ILE A 25 -1.12 -3.11 -7.44
N GLY A 26 -2.13 -3.98 -7.33
CA GLY A 26 -2.08 -5.35 -7.81
C GLY A 26 -1.50 -5.48 -9.23
N LYS A 27 -1.80 -4.53 -10.11
CA LYS A 27 -1.38 -4.58 -11.50
C LYS A 27 0.06 -4.07 -11.70
N LEU A 28 0.70 -3.52 -10.67
CA LEU A 28 2.02 -2.94 -10.81
C LEU A 28 3.11 -4.01 -10.82
N GLN A 29 4.19 -3.71 -11.54
CA GLN A 29 5.35 -4.59 -11.65
C GLN A 29 6.34 -4.25 -10.53
N GLY A 30 6.75 -5.25 -9.75
CA GLY A 30 7.68 -5.07 -8.63
C GLY A 30 7.07 -5.57 -7.33
N VAL A 31 5.73 -5.66 -7.29
CA VAL A 31 4.98 -5.99 -6.10
C VAL A 31 4.87 -7.50 -5.96
N GLN A 32 4.75 -7.96 -4.70
CA GLN A 32 4.63 -9.37 -4.35
C GLN A 32 3.31 -9.64 -3.64
N ARG A 33 2.88 -8.74 -2.74
CA ARG A 33 1.63 -8.87 -2.01
C ARG A 33 1.24 -7.49 -1.51
N ILE A 34 0.03 -7.41 -0.99
CA ILE A 34 -0.58 -6.18 -0.56
C ILE A 34 -1.65 -6.62 0.42
N LYS A 35 -1.81 -5.88 1.52
CA LYS A 35 -2.82 -6.13 2.53
C LYS A 35 -3.37 -4.82 3.09
N VAL A 36 -4.35 -4.24 2.41
CA VAL A 36 -4.88 -2.93 2.72
C VAL A 36 -6.09 -3.07 3.64
N SER A 37 -5.91 -2.80 4.92
CA SER A 37 -7.01 -2.90 5.87
C SER A 37 -7.89 -1.65 5.75
N LEU A 38 -8.96 -1.64 6.53
CA LEU A 38 -9.90 -0.54 6.56
C LEU A 38 -10.37 -0.32 8.00
N ASP A 39 -10.76 -1.38 8.67
CA ASP A 39 -11.22 -1.40 10.05
C ASP A 39 -10.26 -0.61 10.93
N ASN A 40 -9.02 -1.11 10.97
CA ASN A 40 -7.99 -0.53 11.80
C ASN A 40 -7.20 0.53 11.02
N GLN A 41 -7.78 1.04 9.93
CA GLN A 41 -7.26 2.10 9.07
C GLN A 41 -5.74 2.04 8.87
N GLU A 42 -5.27 0.94 8.27
CA GLU A 42 -3.85 0.70 8.03
C GLU A 42 -3.73 -0.06 6.72
N ALA A 43 -2.63 0.14 6.01
CA ALA A 43 -2.37 -0.47 4.73
C ALA A 43 -0.99 -1.12 4.73
N THR A 44 -0.93 -2.38 4.29
CA THR A 44 0.27 -3.16 4.11
C THR A 44 0.57 -3.16 2.62
N ILE A 45 1.80 -2.83 2.21
CA ILE A 45 2.22 -2.99 0.82
C ILE A 45 3.46 -3.87 0.85
N VAL A 46 3.49 -4.96 0.07
CA VAL A 46 4.58 -5.93 0.07
C VAL A 46 5.22 -5.98 -1.32
N TYR A 47 6.42 -5.44 -1.48
CA TYR A 47 7.04 -5.35 -2.80
C TYR A 47 8.54 -5.51 -2.74
N GLN A 48 9.14 -5.57 -3.93
CA GLN A 48 10.55 -5.76 -4.13
C GLN A 48 11.20 -4.39 -4.40
N PRO A 49 11.91 -3.80 -3.41
CA PRO A 49 12.49 -2.47 -3.57
C PRO A 49 13.48 -2.40 -4.74
N HIS A 50 14.05 -3.54 -5.13
CA HIS A 50 14.90 -3.66 -6.30
C HIS A 50 14.19 -3.26 -7.61
N LEU A 51 12.84 -3.32 -7.65
CA LEU A 51 12.06 -3.04 -8.84
C LEU A 51 11.32 -1.70 -8.71
N ILE A 52 10.37 -1.60 -7.77
CA ILE A 52 9.52 -0.44 -7.59
C ILE A 52 9.82 0.15 -6.21
N SER A 53 9.44 1.41 -5.96
CA SER A 53 9.88 2.15 -4.78
C SER A 53 8.69 2.76 -4.02
N VAL A 54 8.95 3.20 -2.78
CA VAL A 54 7.98 3.88 -1.93
C VAL A 54 7.25 4.96 -2.72
N GLU A 55 7.99 5.75 -3.49
CA GLU A 55 7.39 6.85 -4.21
C GLU A 55 6.33 6.37 -5.19
N GLU A 56 6.50 5.23 -5.87
CA GLU A 56 5.53 4.74 -6.81
C GLU A 56 4.28 4.34 -6.03
N MET A 57 4.47 3.48 -5.01
CA MET A 57 3.42 3.11 -4.10
C MET A 57 2.63 4.34 -3.62
N LYS A 58 3.31 5.29 -2.98
CA LYS A 58 2.67 6.48 -2.43
C LYS A 58 2.06 7.36 -3.51
N LYS A 59 2.79 7.77 -4.55
CA LYS A 59 2.22 8.57 -5.60
C LYS A 59 0.94 7.90 -6.10
N GLN A 60 0.98 6.60 -6.36
CA GLN A 60 -0.23 5.89 -6.78
C GLN A 60 -1.35 5.98 -5.74
N ILE A 61 -1.04 5.71 -4.47
CA ILE A 61 -2.02 5.70 -3.39
C ILE A 61 -2.50 7.12 -3.10
N GLU A 62 -1.61 8.01 -2.64
CA GLU A 62 -1.94 9.40 -2.41
C GLU A 62 -2.67 10.03 -3.61
N ALA A 63 -2.34 9.66 -4.86
CA ALA A 63 -3.05 10.20 -6.01
C ALA A 63 -4.57 9.96 -5.95
N MET A 64 -5.01 8.84 -5.35
CA MET A 64 -6.42 8.59 -5.16
C MET A 64 -7.05 9.67 -4.27
N GLY A 65 -6.27 10.25 -3.36
CA GLY A 65 -6.65 11.36 -2.48
C GLY A 65 -6.44 10.99 -1.02
N PHE A 66 -6.19 9.71 -0.75
CA PHE A 66 -6.14 9.15 0.58
C PHE A 66 -4.76 9.39 1.19
N PRO A 67 -4.63 10.17 2.28
CA PRO A 67 -3.35 10.41 2.90
C PRO A 67 -2.86 9.09 3.53
N ALA A 68 -1.54 8.85 3.49
CA ALA A 68 -0.95 7.63 4.01
C ALA A 68 0.37 7.93 4.72
N PHE A 69 0.64 7.26 5.85
CA PHE A 69 1.84 7.45 6.64
C PHE A 69 2.71 6.18 6.62
N VAL A 70 3.45 5.99 5.52
CA VAL A 70 4.46 4.94 5.37
C VAL A 70 5.58 5.10 6.41
N LYS A 71 5.58 4.28 7.46
CA LYS A 71 6.58 4.37 8.52
C LYS A 71 6.76 3.03 9.26
N LYS A 72 7.08 1.98 8.52
CA LYS A 72 7.43 0.67 9.07
C LYS A 72 8.22 -0.09 8.01
N ILE A 73 9.02 -1.09 8.43
CA ILE A 73 9.81 -1.91 7.53
C ILE A 73 10.05 -3.29 8.16
N GLU A 74 8.96 -4.05 8.34
CA GLU A 74 9.02 -5.41 8.83
C GLU A 74 9.43 -6.33 7.66
N GLY A 75 10.73 -6.59 7.53
CA GLY A 75 11.21 -7.63 6.63
C GLY A 75 10.98 -9.00 7.28
N ARG A 76 12.04 -9.56 7.87
CA ARG A 76 12.03 -10.88 8.51
C ARG A 76 11.97 -11.98 7.46
CU CU1 B . -13.98 4.06 1.68
N GLY A 1 14.11 -10.57 2.30
CA GLY A 1 13.32 -11.05 1.16
C GLY A 1 12.62 -9.86 0.52
N GLU A 2 11.37 -10.05 0.10
CA GLU A 2 10.40 -8.98 -0.09
C GLU A 2 10.36 -8.09 1.16
N VAL A 3 9.86 -6.85 1.02
CA VAL A 3 9.75 -5.95 2.13
C VAL A 3 8.28 -5.53 2.28
N VAL A 4 7.75 -5.63 3.50
CA VAL A 4 6.43 -5.14 3.85
C VAL A 4 6.58 -3.70 4.35
N LEU A 5 5.92 -2.78 3.65
CA LEU A 5 5.82 -1.39 4.02
C LEU A 5 4.43 -1.24 4.66
N LYS A 6 4.34 -0.56 5.81
CA LYS A 6 3.10 -0.36 6.52
C LYS A 6 2.86 1.16 6.59
N MET A 7 1.79 1.61 5.93
CA MET A 7 1.36 2.98 5.88
C MET A 7 -0.02 3.08 6.52
N LYS A 8 -0.18 3.98 7.51
CA LYS A 8 -1.52 4.29 7.98
C LYS A 8 -2.21 5.07 6.88
N VAL A 9 -3.50 4.83 6.64
CA VAL A 9 -4.27 5.53 5.64
C VAL A 9 -5.56 6.00 6.30
N GLU A 10 -6.03 7.18 5.94
CA GLU A 10 -7.22 7.78 6.53
C GLU A 10 -8.42 7.57 5.59
N GLY A 11 -9.63 7.66 6.13
CA GLY A 11 -10.83 7.89 5.33
C GLY A 11 -11.45 6.62 4.75
N MET A 12 -10.64 5.67 4.27
CA MET A 12 -11.15 4.42 3.71
C MET A 12 -11.92 3.63 4.77
N THR A 13 -13.26 3.67 4.70
CA THR A 13 -14.16 3.03 5.65
C THR A 13 -15.28 2.30 4.89
N CYS A 14 -14.97 1.75 3.72
CA CYS A 14 -15.82 0.79 3.02
C CYS A 14 -14.86 -0.15 2.30
N HIS A 15 -15.36 -1.30 1.84
CA HIS A 15 -14.53 -2.29 1.18
C HIS A 15 -14.12 -1.82 -0.22
N SER A 16 -14.93 -0.94 -0.84
CA SER A 16 -14.72 -0.47 -2.19
C SER A 16 -13.35 0.20 -2.33
N CYS A 17 -13.06 1.24 -1.52
CA CYS A 17 -11.81 1.99 -1.66
C CYS A 17 -10.60 1.07 -1.51
N THR A 18 -10.54 0.37 -0.37
CA THR A 18 -9.49 -0.59 -0.07
C THR A 18 -9.27 -1.54 -1.26
N SER A 19 -10.33 -2.26 -1.67
CA SER A 19 -10.24 -3.22 -2.77
C SER A 19 -9.80 -2.53 -4.07
N THR A 20 -10.33 -1.35 -4.36
CA THR A 20 -9.95 -0.59 -5.55
C THR A 20 -8.44 -0.33 -5.54
N ILE A 21 -7.91 0.17 -4.43
CA ILE A 21 -6.50 0.48 -4.30
C ILE A 21 -5.66 -0.81 -4.36
N GLU A 22 -6.04 -1.83 -3.58
CA GLU A 22 -5.44 -3.16 -3.65
C GLU A 22 -5.31 -3.60 -5.11
N GLY A 23 -6.42 -3.55 -5.85
CA GLY A 23 -6.48 -3.87 -7.26
C GLY A 23 -5.52 -3.02 -8.10
N LYS A 24 -5.67 -1.68 -8.04
CA LYS A 24 -4.91 -0.79 -8.89
C LYS A 24 -3.41 -1.01 -8.66
N ILE A 25 -3.01 -0.91 -7.40
CA ILE A 25 -1.61 -0.93 -7.01
C ILE A 25 -1.06 -2.35 -7.22
N GLY A 26 -1.87 -3.37 -6.97
CA GLY A 26 -1.53 -4.75 -7.27
C GLY A 26 -1.01 -4.93 -8.70
N LYS A 27 -1.46 -4.10 -9.64
CA LYS A 27 -1.09 -4.23 -11.03
C LYS A 27 0.35 -3.76 -11.32
N LEU A 28 1.01 -3.01 -10.43
CA LEU A 28 2.35 -2.53 -10.72
C LEU A 28 3.39 -3.66 -10.76
N GLN A 29 4.38 -3.47 -11.62
CA GLN A 29 5.46 -4.42 -11.78
C GLN A 29 6.51 -4.26 -10.68
N GLY A 30 6.44 -5.10 -9.65
CA GLY A 30 7.38 -5.04 -8.52
C GLY A 30 6.76 -5.36 -7.18
N VAL A 31 5.43 -5.45 -7.12
CA VAL A 31 4.71 -5.84 -5.92
C VAL A 31 4.43 -7.34 -6.01
N GLN A 32 4.59 -8.07 -4.90
CA GLN A 32 4.23 -9.48 -4.82
C GLN A 32 2.90 -9.68 -4.09
N ARG A 33 2.61 -8.81 -3.12
CA ARG A 33 1.43 -8.88 -2.29
C ARG A 33 1.09 -7.46 -1.86
N ILE A 34 -0.15 -7.25 -1.45
CA ILE A 34 -0.67 -5.97 -1.03
C ILE A 34 -1.86 -6.34 -0.16
N LYS A 35 -2.05 -5.61 0.94
CA LYS A 35 -3.14 -5.82 1.87
C LYS A 35 -3.63 -4.49 2.44
N VAL A 36 -4.93 -4.24 2.57
CA VAL A 36 -5.43 -2.99 3.13
C VAL A 36 -6.52 -3.23 4.18
N SER A 37 -6.13 -3.08 5.45
CA SER A 37 -6.95 -3.27 6.64
C SER A 37 -7.77 -2.01 6.92
N LEU A 38 -9.07 -2.04 6.63
CA LEU A 38 -9.96 -0.92 6.94
C LEU A 38 -10.01 -0.66 8.45
N ASP A 39 -10.14 -1.73 9.25
CA ASP A 39 -10.36 -1.68 10.68
C ASP A 39 -9.37 -0.76 11.36
N ASN A 40 -8.09 -1.06 11.15
CA ASN A 40 -6.99 -0.34 11.78
C ASN A 40 -6.54 0.84 10.90
N GLN A 41 -7.34 1.16 9.87
CA GLN A 41 -7.06 2.06 8.77
C GLN A 41 -5.57 2.04 8.36
N GLU A 42 -5.12 0.86 7.89
CA GLU A 42 -3.73 0.58 7.61
C GLU A 42 -3.58 -0.16 6.29
N ALA A 43 -2.61 0.25 5.47
CA ALA A 43 -2.24 -0.34 4.21
C ALA A 43 -0.85 -1.00 4.30
N THR A 44 -0.78 -2.21 3.76
CA THR A 44 0.32 -3.16 3.69
C THR A 44 0.72 -3.23 2.22
N ILE A 45 1.98 -2.98 1.90
CA ILE A 45 2.47 -3.08 0.54
C ILE A 45 3.67 -4.02 0.60
N VAL A 46 3.59 -5.16 -0.09
CA VAL A 46 4.63 -6.19 -0.05
C VAL A 46 5.35 -6.17 -1.39
N TYR A 47 6.46 -5.44 -1.45
CA TYR A 47 7.14 -5.16 -2.70
C TYR A 47 8.59 -5.61 -2.68
N GLN A 48 9.20 -5.58 -3.86
CA GLN A 48 10.54 -6.07 -4.10
C GLN A 48 11.49 -4.88 -4.33
N PRO A 49 12.41 -4.59 -3.37
CA PRO A 49 13.22 -3.38 -3.40
C PRO A 49 14.28 -3.45 -4.49
N HIS A 50 13.84 -3.16 -5.71
CA HIS A 50 14.61 -3.07 -6.95
C HIS A 50 13.65 -2.79 -8.10
N LEU A 51 12.48 -3.44 -8.09
CA LEU A 51 11.53 -3.31 -9.20
C LEU A 51 10.75 -2.01 -9.10
N ILE A 52 10.22 -1.70 -7.90
CA ILE A 52 9.39 -0.55 -7.63
C ILE A 52 9.81 0.00 -6.25
N SER A 53 9.32 1.19 -5.86
CA SER A 53 9.74 1.90 -4.65
C SER A 53 8.54 2.34 -3.81
N VAL A 54 8.77 2.53 -2.50
CA VAL A 54 7.82 3.17 -1.60
C VAL A 54 7.25 4.44 -2.22
N GLU A 55 8.10 5.26 -2.85
CA GLU A 55 7.66 6.52 -3.41
C GLU A 55 6.60 6.26 -4.47
N GLU A 56 6.80 5.30 -5.38
CA GLU A 56 5.84 4.90 -6.38
C GLU A 56 4.57 4.48 -5.66
N MET A 57 4.66 3.52 -4.73
CA MET A 57 3.52 3.08 -3.96
C MET A 57 2.72 4.26 -3.40
N LYS A 58 3.33 5.14 -2.61
CA LYS A 58 2.64 6.31 -2.09
C LYS A 58 2.13 7.22 -3.19
N LYS A 59 2.98 7.60 -4.13
CA LYS A 59 2.61 8.55 -5.16
C LYS A 59 1.33 8.04 -5.83
N GLN A 60 1.32 6.76 -6.20
CA GLN A 60 0.13 6.16 -6.77
C GLN A 60 -1.04 6.20 -5.78
N ILE A 61 -0.81 5.79 -4.53
CA ILE A 61 -1.86 5.72 -3.52
C ILE A 61 -2.35 7.11 -3.14
N GLU A 62 -1.51 7.93 -2.51
CA GLU A 62 -1.87 9.30 -2.17
C GLU A 62 -2.45 10.06 -3.37
N ALA A 63 -2.02 9.81 -4.61
CA ALA A 63 -2.64 10.46 -5.76
C ALA A 63 -4.16 10.23 -5.84
N MET A 64 -4.65 9.08 -5.36
CA MET A 64 -6.07 8.82 -5.25
C MET A 64 -6.75 9.91 -4.40
N GLY A 65 -6.10 10.32 -3.30
CA GLY A 65 -6.56 11.39 -2.44
C GLY A 65 -6.28 11.07 -0.97
N PHE A 66 -6.18 9.79 -0.63
CA PHE A 66 -6.06 9.31 0.74
C PHE A 66 -4.66 9.61 1.27
N PRO A 67 -4.49 10.49 2.28
CA PRO A 67 -3.17 10.77 2.83
C PRO A 67 -2.64 9.50 3.51
N ALA A 68 -1.34 9.25 3.42
CA ALA A 68 -0.75 8.02 3.95
C ALA A 68 0.51 8.26 4.77
N PHE A 69 0.57 7.64 5.96
CA PHE A 69 1.71 7.71 6.85
C PHE A 69 2.48 6.39 6.77
N VAL A 70 3.23 6.24 5.69
CA VAL A 70 4.31 5.26 5.55
C VAL A 70 5.29 5.38 6.71
N LYS A 71 5.28 4.41 7.64
CA LYS A 71 6.21 4.39 8.77
C LYS A 71 6.44 2.98 9.30
N LYS A 72 6.94 2.09 8.45
CA LYS A 72 7.41 0.77 8.85
C LYS A 72 8.40 0.30 7.79
N ILE A 73 9.12 -0.77 8.10
CA ILE A 73 10.01 -1.45 7.18
C ILE A 73 10.07 -2.91 7.63
N GLU A 74 8.94 -3.60 7.54
CA GLU A 74 8.78 -4.94 8.08
C GLU A 74 9.36 -5.94 7.06
N GLY A 75 10.65 -5.77 6.76
CA GLY A 75 11.42 -6.64 5.90
C GLY A 75 12.37 -7.45 6.78
N ARG A 76 12.65 -8.69 6.38
CA ARG A 76 13.54 -9.58 7.07
C ARG A 76 14.07 -10.54 6.00
CU CU1 B . -14.56 3.70 0.98
N GLY A 1 15.16 -10.09 -0.10
CA GLY A 1 14.02 -10.44 -0.95
C GLY A 1 13.08 -9.25 -0.94
N GLU A 2 11.77 -9.48 -1.03
CA GLU A 2 10.76 -8.47 -0.84
C GLU A 2 10.79 -7.86 0.57
N VAL A 3 10.03 -6.79 0.75
CA VAL A 3 9.94 -6.00 1.97
C VAL A 3 8.47 -5.64 2.18
N VAL A 4 8.06 -5.59 3.44
CA VAL A 4 6.74 -5.18 3.89
C VAL A 4 6.81 -3.70 4.26
N LEU A 5 5.87 -2.91 3.76
CA LEU A 5 5.73 -1.50 3.98
C LEU A 5 4.36 -1.31 4.63
N LYS A 6 4.31 -0.73 5.83
CA LYS A 6 3.06 -0.50 6.54
C LYS A 6 2.84 1.02 6.59
N MET A 7 1.74 1.49 5.99
CA MET A 7 1.33 2.87 6.03
C MET A 7 -0.02 2.99 6.74
N LYS A 8 -0.10 3.90 7.72
CA LYS A 8 -1.36 4.22 8.37
C LYS A 8 -2.14 5.09 7.39
N VAL A 9 -3.38 4.72 7.04
CA VAL A 9 -4.21 5.49 6.10
C VAL A 9 -5.39 6.08 6.86
N GLU A 10 -5.95 7.18 6.36
CA GLU A 10 -7.15 7.78 6.93
C GLU A 10 -8.29 7.69 5.94
N GLY A 11 -9.53 7.70 6.45
CA GLY A 11 -10.73 7.80 5.64
C GLY A 11 -11.17 6.45 5.09
N MET A 12 -10.23 5.68 4.50
CA MET A 12 -10.53 4.40 3.89
C MET A 12 -11.01 3.38 4.92
N THR A 13 -12.32 3.38 5.20
CA THR A 13 -12.99 2.47 6.10
C THR A 13 -14.30 1.99 5.46
N CYS A 14 -14.21 1.49 4.22
CA CYS A 14 -15.27 0.73 3.57
C CYS A 14 -14.63 -0.03 2.41
N HIS A 15 -15.36 -0.99 1.83
CA HIS A 15 -14.97 -1.65 0.60
C HIS A 15 -14.96 -0.64 -0.55
N SER A 16 -14.56 -1.08 -1.74
CA SER A 16 -14.31 -0.21 -2.88
C SER A 16 -13.00 0.55 -2.64
N CYS A 17 -12.94 1.43 -1.64
CA CYS A 17 -11.73 2.19 -1.30
C CYS A 17 -10.50 1.29 -1.25
N THR A 18 -10.50 0.33 -0.31
CA THR A 18 -9.41 -0.62 -0.17
C THR A 18 -9.19 -1.37 -1.49
N SER A 19 -10.24 -2.01 -2.01
CA SER A 19 -10.16 -2.95 -3.12
C SER A 19 -9.58 -2.28 -4.38
N THR A 20 -10.03 -1.08 -4.72
CA THR A 20 -9.51 -0.30 -5.83
C THR A 20 -8.00 -0.15 -5.69
N ILE A 21 -7.53 0.29 -4.51
CA ILE A 21 -6.11 0.48 -4.28
C ILE A 21 -5.37 -0.86 -4.33
N GLU A 22 -5.93 -1.90 -3.72
CA GLU A 22 -5.39 -3.24 -3.75
C GLU A 22 -5.16 -3.67 -5.20
N GLY A 23 -6.19 -3.53 -6.03
CA GLY A 23 -6.11 -3.77 -7.47
C GLY A 23 -5.03 -2.92 -8.13
N LYS A 24 -5.07 -1.60 -7.94
CA LYS A 24 -4.19 -0.69 -8.65
C LYS A 24 -2.72 -1.00 -8.34
N ILE A 25 -2.39 -1.02 -7.06
CA ILE A 25 -1.03 -1.27 -6.60
C ILE A 25 -0.63 -2.69 -6.97
N GLY A 26 -1.53 -3.65 -6.78
CA GLY A 26 -1.33 -5.03 -7.18
C GLY A 26 -0.93 -5.20 -8.65
N LYS A 27 -1.25 -4.22 -9.52
CA LYS A 27 -0.90 -4.28 -10.92
C LYS A 27 0.55 -3.82 -11.19
N LEU A 28 1.21 -3.10 -10.28
CA LEU A 28 2.53 -2.57 -10.59
C LEU A 28 3.59 -3.69 -10.57
N GLN A 29 4.39 -3.73 -11.63
CA GLN A 29 5.37 -4.76 -11.84
C GLN A 29 6.51 -4.64 -10.82
N GLY A 30 6.39 -5.35 -9.69
CA GLY A 30 7.31 -5.19 -8.57
C GLY A 30 6.66 -5.40 -7.22
N VAL A 31 5.32 -5.31 -7.15
CA VAL A 31 4.61 -5.68 -5.95
C VAL A 31 4.47 -7.20 -5.89
N GLN A 32 4.51 -7.75 -4.66
CA GLN A 32 4.38 -9.17 -4.36
C GLN A 32 3.02 -9.46 -3.74
N ARG A 33 2.58 -8.62 -2.80
CA ARG A 33 1.36 -8.79 -2.05
C ARG A 33 0.96 -7.42 -1.53
N ILE A 34 -0.25 -7.31 -1.01
CA ILE A 34 -0.79 -6.09 -0.49
C ILE A 34 -1.91 -6.53 0.45
N LYS A 35 -2.01 -5.86 1.60
CA LYS A 35 -3.03 -6.06 2.60
C LYS A 35 -3.56 -4.73 3.12
N VAL A 36 -4.56 -4.18 2.43
CA VAL A 36 -5.14 -2.88 2.76
C VAL A 36 -6.32 -3.08 3.71
N SER A 37 -6.07 -2.92 5.01
CA SER A 37 -7.11 -2.99 6.01
C SER A 37 -7.94 -1.71 5.98
N LEU A 38 -9.09 -1.74 6.62
CA LEU A 38 -10.08 -0.66 6.58
C LEU A 38 -10.53 -0.34 8.00
N ASP A 39 -10.84 -1.38 8.77
CA ASP A 39 -11.23 -1.29 10.17
C ASP A 39 -10.15 -0.54 10.94
N ASN A 40 -8.93 -1.09 10.86
CA ASN A 40 -7.79 -0.60 11.61
C ASN A 40 -7.06 0.52 10.85
N GLN A 41 -7.70 1.04 9.79
CA GLN A 41 -7.21 2.10 8.90
C GLN A 41 -5.70 2.02 8.63
N GLU A 42 -5.24 0.87 8.11
CA GLU A 42 -3.83 0.61 7.88
C GLU A 42 -3.68 -0.16 6.58
N ALA A 43 -2.65 0.18 5.80
CA ALA A 43 -2.39 -0.36 4.49
C ALA A 43 -1.01 -1.00 4.47
N THR A 44 -1.00 -2.33 4.32
CA THR A 44 0.19 -3.14 4.10
C THR A 44 0.44 -3.19 2.60
N ILE A 45 1.63 -2.85 2.14
CA ILE A 45 2.05 -3.06 0.77
C ILE A 45 3.31 -3.93 0.85
N VAL A 46 3.35 -5.03 0.12
CA VAL A 46 4.48 -5.95 0.13
C VAL A 46 5.13 -5.94 -1.24
N TYR A 47 6.34 -5.39 -1.35
CA TYR A 47 6.94 -5.10 -2.65
C TYR A 47 8.42 -5.45 -2.68
N GLN A 48 8.97 -5.45 -3.89
CA GLN A 48 10.34 -5.87 -4.15
C GLN A 48 11.25 -4.65 -4.38
N PRO A 49 12.16 -4.32 -3.44
CA PRO A 49 12.98 -3.12 -3.48
C PRO A 49 14.06 -3.25 -4.55
N HIS A 50 13.65 -3.07 -5.80
CA HIS A 50 14.46 -3.13 -7.02
C HIS A 50 13.54 -2.84 -8.21
N LEU A 51 12.35 -3.44 -8.22
CA LEU A 51 11.43 -3.28 -9.33
C LEU A 51 10.60 -2.00 -9.16
N ILE A 52 10.02 -1.81 -7.98
CA ILE A 52 9.15 -0.70 -7.63
C ILE A 52 9.59 -0.14 -6.28
N SER A 53 9.17 1.08 -5.94
CA SER A 53 9.61 1.78 -4.74
C SER A 53 8.43 2.22 -3.87
N VAL A 54 8.71 2.56 -2.60
CA VAL A 54 7.76 3.23 -1.71
C VAL A 54 7.10 4.41 -2.41
N GLU A 55 7.86 5.20 -3.16
CA GLU A 55 7.32 6.39 -3.78
C GLU A 55 6.27 6.01 -4.83
N GLU A 56 6.51 5.01 -5.67
CA GLU A 56 5.49 4.49 -6.56
C GLU A 56 4.25 4.13 -5.75
N MET A 57 4.41 3.35 -4.68
CA MET A 57 3.31 3.04 -3.79
C MET A 57 2.57 4.32 -3.33
N LYS A 58 3.20 5.19 -2.54
CA LYS A 58 2.58 6.41 -2.03
C LYS A 58 2.03 7.30 -3.14
N LYS A 59 2.86 7.67 -4.09
CA LYS A 59 2.46 8.56 -5.18
C LYS A 59 1.18 8.04 -5.80
N GLN A 60 1.14 6.74 -6.13
CA GLN A 60 -0.10 6.19 -6.66
C GLN A 60 -1.25 6.21 -5.64
N ILE A 61 -0.98 5.87 -4.37
CA ILE A 61 -2.00 5.85 -3.32
C ILE A 61 -2.51 7.27 -3.06
N GLU A 62 -1.67 8.15 -2.54
CA GLU A 62 -2.00 9.54 -2.34
C GLU A 62 -2.62 10.17 -3.59
N ALA A 63 -2.20 9.80 -4.81
CA ALA A 63 -2.84 10.34 -6.02
C ALA A 63 -4.35 10.11 -6.04
N MET A 64 -4.84 9.00 -5.46
CA MET A 64 -6.26 8.77 -5.31
C MET A 64 -6.91 9.90 -4.49
N GLY A 65 -6.24 10.32 -3.42
CA GLY A 65 -6.68 11.38 -2.51
C GLY A 65 -6.45 10.98 -1.06
N PHE A 66 -6.30 9.68 -0.80
CA PHE A 66 -6.21 9.13 0.55
C PHE A 66 -4.83 9.43 1.14
N PRO A 67 -4.72 10.24 2.21
CA PRO A 67 -3.43 10.50 2.83
C PRO A 67 -2.93 9.21 3.49
N ALA A 68 -1.61 9.00 3.47
CA ALA A 68 -1.01 7.79 4.00
C ALA A 68 0.34 8.07 4.67
N PHE A 69 0.53 7.49 5.84
CA PHE A 69 1.72 7.60 6.67
C PHE A 69 2.49 6.29 6.65
N VAL A 70 3.22 6.08 5.54
CA VAL A 70 4.27 5.09 5.38
C VAL A 70 5.34 5.27 6.45
N LYS A 71 5.43 4.34 7.41
CA LYS A 71 6.47 4.35 8.42
C LYS A 71 6.75 2.96 9.03
N LYS A 72 7.05 1.99 8.17
CA LYS A 72 7.39 0.63 8.59
C LYS A 72 8.22 0.00 7.48
N ILE A 73 9.27 -0.72 7.85
CA ILE A 73 10.04 -1.55 6.94
C ILE A 73 10.24 -2.87 7.68
N GLU A 74 9.20 -3.71 7.67
CA GLU A 74 9.24 -5.05 8.26
C GLU A 74 9.37 -6.10 7.13
N GLY A 75 9.52 -7.37 7.50
CA GLY A 75 9.64 -8.49 6.57
C GLY A 75 9.30 -9.77 7.33
N ARG A 76 8.58 -10.69 6.69
CA ARG A 76 8.03 -11.93 7.22
C ARG A 76 7.19 -12.53 6.07
CU CU1 B . -14.30 4.03 1.96
N GLY A 1 11.06 -12.80 -2.21
CA GLY A 1 11.87 -12.19 -1.14
C GLY A 1 11.67 -10.69 -1.16
N GLU A 2 10.63 -10.23 -0.46
CA GLU A 2 10.10 -8.88 -0.54
C GLU A 2 9.87 -8.35 0.87
N VAL A 3 9.46 -7.09 0.95
CA VAL A 3 9.32 -6.33 2.18
C VAL A 3 7.91 -5.77 2.24
N VAL A 4 7.32 -5.78 3.42
CA VAL A 4 6.02 -5.17 3.70
C VAL A 4 6.24 -3.73 4.11
N LEU A 5 5.68 -2.80 3.34
CA LEU A 5 5.55 -1.42 3.73
C LEU A 5 4.17 -1.27 4.33
N LYS A 6 4.10 -0.75 5.57
CA LYS A 6 2.88 -0.55 6.30
C LYS A 6 2.60 0.96 6.28
N MET A 7 1.46 1.36 5.73
CA MET A 7 1.03 2.73 5.63
C MET A 7 -0.26 2.91 6.41
N LYS A 8 -0.33 3.86 7.34
CA LYS A 8 -1.62 4.21 7.91
C LYS A 8 -2.35 5.08 6.91
N VAL A 9 -3.60 4.78 6.58
CA VAL A 9 -4.36 5.53 5.60
C VAL A 9 -5.63 6.03 6.27
N GLU A 10 -6.01 7.27 6.00
CA GLU A 10 -7.20 7.87 6.58
C GLU A 10 -8.32 7.92 5.54
N GLY A 11 -9.56 7.77 6.00
CA GLY A 11 -10.75 8.00 5.19
C GLY A 11 -11.39 6.72 4.65
N MET A 12 -10.57 5.73 4.28
CA MET A 12 -11.03 4.45 3.78
C MET A 12 -11.79 3.69 4.87
N THR A 13 -13.12 3.83 4.89
CA THR A 13 -14.01 3.22 5.86
C THR A 13 -14.99 2.30 5.12
N CYS A 14 -14.46 1.37 4.32
CA CYS A 14 -15.25 0.59 3.38
C CYS A 14 -14.36 -0.52 2.79
N HIS A 15 -15.00 -1.58 2.29
CA HIS A 15 -14.34 -2.58 1.46
C HIS A 15 -14.08 -2.03 0.05
N SER A 16 -14.92 -1.08 -0.41
CA SER A 16 -14.84 -0.54 -1.76
C SER A 16 -13.45 0.07 -2.04
N CYS A 17 -13.11 1.19 -1.41
CA CYS A 17 -11.88 1.91 -1.71
C CYS A 17 -10.67 1.02 -1.46
N THR A 18 -10.63 0.35 -0.32
CA THR A 18 -9.58 -0.60 0.03
C THR A 18 -9.37 -1.62 -1.11
N SER A 19 -10.43 -2.33 -1.51
CA SER A 19 -10.38 -3.29 -2.61
C SER A 19 -9.94 -2.61 -3.92
N THR A 20 -10.50 -1.46 -4.27
CA THR A 20 -10.13 -0.72 -5.46
C THR A 20 -8.62 -0.42 -5.48
N ILE A 21 -8.09 0.07 -4.37
CA ILE A 21 -6.68 0.36 -4.22
C ILE A 21 -5.89 -0.94 -4.35
N GLU A 22 -6.29 -1.99 -3.62
CA GLU A 22 -5.73 -3.32 -3.73
C GLU A 22 -5.61 -3.72 -5.21
N GLY A 23 -6.68 -3.58 -5.97
CA GLY A 23 -6.71 -3.83 -7.41
C GLY A 23 -5.69 -2.97 -8.16
N LYS A 24 -5.81 -1.64 -8.05
CA LYS A 24 -4.99 -0.71 -8.81
C LYS A 24 -3.50 -0.98 -8.53
N ILE A 25 -3.14 -0.90 -7.26
CA ILE A 25 -1.78 -1.02 -6.82
C ILE A 25 -1.28 -2.45 -7.00
N GLY A 26 -2.18 -3.44 -6.87
CA GLY A 26 -1.89 -4.82 -7.20
C GLY A 26 -1.28 -4.98 -8.59
N LYS A 27 -1.67 -4.11 -9.55
CA LYS A 27 -1.19 -4.15 -10.91
C LYS A 27 0.12 -3.36 -11.08
N LEU A 28 0.73 -2.80 -10.03
CA LEU A 28 2.04 -2.19 -10.17
C LEU A 28 3.09 -3.26 -10.41
N GLN A 29 4.17 -2.86 -11.10
CA GLN A 29 5.36 -3.69 -11.24
C GLN A 29 6.22 -3.52 -10.00
N GLY A 30 6.72 -4.63 -9.45
CA GLY A 30 7.65 -4.64 -8.33
C GLY A 30 6.98 -5.06 -7.02
N VAL A 31 5.83 -5.71 -7.11
CA VAL A 31 5.01 -6.12 -5.99
C VAL A 31 4.79 -7.63 -6.04
N GLN A 32 4.75 -8.28 -4.87
CA GLN A 32 4.39 -9.69 -4.75
C GLN A 32 2.98 -9.87 -4.17
N ARG A 33 2.54 -8.93 -3.30
CA ARG A 33 1.30 -9.00 -2.58
C ARG A 33 0.94 -7.60 -2.12
N ILE A 34 -0.30 -7.46 -1.67
CA ILE A 34 -0.85 -6.25 -1.15
C ILE A 34 -1.97 -6.74 -0.23
N LYS A 35 -2.15 -6.06 0.90
CA LYS A 35 -3.22 -6.27 1.84
C LYS A 35 -3.71 -4.91 2.35
N VAL A 36 -4.97 -4.79 2.74
CA VAL A 36 -5.48 -3.57 3.36
C VAL A 36 -6.45 -3.93 4.49
N SER A 37 -6.41 -3.14 5.57
CA SER A 37 -7.24 -3.25 6.75
C SER A 37 -8.19 -2.04 6.82
N LEU A 38 -9.18 -2.11 7.71
CA LEU A 38 -10.19 -1.07 7.90
C LEU A 38 -10.14 -0.59 9.35
N ASP A 39 -10.31 -1.49 10.31
CA ASP A 39 -10.39 -1.20 11.73
C ASP A 39 -9.29 -0.24 12.15
N ASN A 40 -8.05 -0.66 11.92
CA ASN A 40 -6.88 0.10 12.30
C ASN A 40 -6.42 1.04 11.17
N GLN A 41 -7.27 1.22 10.17
CA GLN A 41 -7.11 1.97 8.92
C GLN A 41 -5.66 1.95 8.40
N GLU A 42 -5.20 0.76 7.98
CA GLU A 42 -3.80 0.49 7.66
C GLU A 42 -3.70 -0.31 6.37
N ALA A 43 -2.63 -0.10 5.60
CA ALA A 43 -2.40 -0.64 4.28
C ALA A 43 -1.04 -1.34 4.23
N THR A 44 -1.00 -2.54 3.66
CA THR A 44 0.12 -3.46 3.53
C THR A 44 0.50 -3.57 2.06
N ILE A 45 1.69 -3.10 1.68
CA ILE A 45 2.15 -3.18 0.31
C ILE A 45 3.41 -4.04 0.32
N VAL A 46 3.37 -5.23 -0.29
CA VAL A 46 4.45 -6.20 -0.18
C VAL A 46 5.30 -6.12 -1.44
N TYR A 47 6.35 -5.29 -1.37
CA TYR A 47 7.12 -4.87 -2.55
C TYR A 47 8.55 -5.33 -2.51
N GLN A 48 9.22 -5.25 -3.67
CA GLN A 48 10.61 -5.59 -3.78
C GLN A 48 11.45 -4.30 -3.83
N PRO A 49 12.25 -3.99 -2.79
CA PRO A 49 13.07 -2.79 -2.73
C PRO A 49 14.25 -2.90 -3.71
N HIS A 50 13.94 -2.89 -5.00
CA HIS A 50 14.88 -3.13 -6.08
C HIS A 50 14.17 -2.87 -7.41
N LEU A 51 12.95 -3.41 -7.55
CA LEU A 51 12.16 -3.23 -8.77
C LEU A 51 11.53 -1.84 -8.81
N ILE A 52 11.00 -1.37 -7.67
CA ILE A 52 10.28 -0.13 -7.56
C ILE A 52 10.51 0.46 -6.16
N SER A 53 10.19 1.73 -5.95
CA SER A 53 10.50 2.48 -4.73
C SER A 53 9.23 2.80 -3.91
N VAL A 54 9.41 3.06 -2.61
CA VAL A 54 8.35 3.50 -1.71
C VAL A 54 7.59 4.70 -2.28
N GLU A 55 8.32 5.69 -2.79
CA GLU A 55 7.67 6.88 -3.30
C GLU A 55 6.73 6.52 -4.45
N GLU A 56 7.07 5.58 -5.33
CA GLU A 56 6.16 5.17 -6.40
C GLU A 56 4.86 4.72 -5.76
N MET A 57 4.91 3.82 -4.78
CA MET A 57 3.74 3.43 -4.04
C MET A 57 2.96 4.64 -3.52
N LYS A 58 3.56 5.45 -2.65
CA LYS A 58 2.83 6.58 -2.08
C LYS A 58 2.35 7.54 -3.15
N LYS A 59 3.22 8.06 -3.99
CA LYS A 59 2.87 8.92 -5.12
C LYS A 59 1.64 8.37 -5.84
N GLN A 60 1.66 7.09 -6.22
CA GLN A 60 0.50 6.50 -6.87
C GLN A 60 -0.74 6.46 -5.97
N ILE A 61 -0.57 6.09 -4.68
CA ILE A 61 -1.67 5.98 -3.74
C ILE A 61 -2.22 7.37 -3.40
N GLU A 62 -1.41 8.24 -2.80
CA GLU A 62 -1.74 9.64 -2.59
C GLU A 62 -2.40 10.27 -3.81
N ALA A 63 -1.90 9.99 -5.03
CA ALA A 63 -2.51 10.55 -6.25
C ALA A 63 -4.01 10.27 -6.35
N MET A 64 -4.49 9.14 -5.83
CA MET A 64 -5.91 8.85 -5.77
C MET A 64 -6.64 9.92 -4.95
N GLY A 65 -6.04 10.34 -3.83
CA GLY A 65 -6.59 11.32 -2.90
C GLY A 65 -6.37 10.90 -1.45
N PHE A 66 -6.08 9.62 -1.22
CA PHE A 66 -5.97 9.05 0.12
C PHE A 66 -4.60 9.35 0.71
N PRO A 67 -4.48 10.16 1.78
CA PRO A 67 -3.21 10.34 2.43
C PRO A 67 -2.75 9.01 3.01
N ALA A 68 -1.44 8.78 3.08
CA ALA A 68 -0.89 7.56 3.64
C ALA A 68 0.41 7.83 4.39
N PHE A 69 0.57 7.22 5.56
CA PHE A 69 1.76 7.37 6.38
C PHE A 69 2.57 6.08 6.30
N VAL A 70 3.25 5.90 5.16
CA VAL A 70 4.21 4.84 4.92
C VAL A 70 5.41 4.98 5.88
N LYS A 71 5.47 4.16 6.94
CA LYS A 71 6.55 4.23 7.91
C LYS A 71 6.78 2.90 8.61
N LYS A 72 7.02 1.84 7.84
CA LYS A 72 7.30 0.53 8.38
C LYS A 72 8.04 -0.27 7.31
N ILE A 73 8.90 -1.19 7.74
CA ILE A 73 9.62 -2.11 6.88
C ILE A 73 9.52 -3.47 7.58
N GLU A 74 8.38 -4.17 7.40
CA GLU A 74 8.26 -5.55 7.86
C GLU A 74 8.97 -6.41 6.80
N GLY A 75 10.27 -6.66 6.97
CA GLY A 75 11.04 -7.49 6.07
C GLY A 75 12.52 -7.18 6.25
N ARG A 76 13.34 -7.64 5.29
CA ARG A 76 14.79 -7.58 5.30
C ARG A 76 15.34 -8.71 6.18
CU CU1 B . -14.98 3.71 -0.18
N GLY A 1 12.68 -12.10 -1.45
CA GLY A 1 13.05 -11.35 -0.24
C GLY A 1 12.37 -9.99 -0.30
N GLU A 2 11.11 -9.95 0.13
CA GLU A 2 10.19 -8.88 -0.16
C GLU A 2 9.93 -8.10 1.13
N VAL A 3 9.74 -6.78 1.05
CA VAL A 3 9.68 -5.92 2.21
C VAL A 3 8.24 -5.46 2.45
N VAL A 4 7.75 -5.61 3.69
CA VAL A 4 6.42 -5.19 4.07
C VAL A 4 6.51 -3.72 4.49
N LEU A 5 5.73 -2.87 3.83
CA LEU A 5 5.56 -1.47 4.22
C LEU A 5 4.18 -1.33 4.81
N LYS A 6 4.09 -0.71 5.99
CA LYS A 6 2.84 -0.54 6.70
C LYS A 6 2.60 0.97 6.77
N MET A 7 1.48 1.41 6.19
CA MET A 7 1.12 2.79 6.03
C MET A 7 -0.26 3.01 6.62
N LYS A 8 -0.37 3.92 7.58
CA LYS A 8 -1.69 4.30 8.09
C LYS A 8 -2.37 5.08 6.98
N VAL A 9 -3.66 4.87 6.74
CA VAL A 9 -4.43 5.62 5.77
C VAL A 9 -5.67 6.16 6.46
N GLU A 10 -6.08 7.36 6.10
CA GLU A 10 -7.26 8.00 6.67
C GLU A 10 -8.46 7.71 5.78
N GLY A 11 -9.66 7.69 6.36
CA GLY A 11 -10.92 7.70 5.62
C GLY A 11 -11.33 6.36 5.04
N MET A 12 -10.37 5.56 4.56
CA MET A 12 -10.64 4.27 3.93
C MET A 12 -11.11 3.23 4.95
N THR A 13 -12.40 3.30 5.31
CA THR A 13 -13.02 2.50 6.35
C THR A 13 -14.03 1.49 5.77
N CYS A 14 -13.90 1.09 4.50
CA CYS A 14 -14.90 0.26 3.87
C CYS A 14 -14.34 -0.44 2.63
N HIS A 15 -15.10 -1.43 2.15
CA HIS A 15 -14.88 -2.04 0.85
C HIS A 15 -15.07 -0.99 -0.24
N SER A 16 -14.68 -1.34 -1.46
CA SER A 16 -14.64 -0.44 -2.61
C SER A 16 -13.38 0.42 -2.53
N CYS A 17 -13.24 1.29 -1.53
CA CYS A 17 -12.08 2.19 -1.45
C CYS A 17 -10.79 1.38 -1.38
N THR A 18 -10.71 0.54 -0.34
CA THR A 18 -9.65 -0.44 -0.16
C THR A 18 -9.44 -1.25 -1.43
N SER A 19 -10.48 -1.99 -1.80
CA SER A 19 -10.46 -2.94 -2.91
C SER A 19 -9.97 -2.28 -4.20
N THR A 20 -10.39 -1.04 -4.48
CA THR A 20 -9.93 -0.31 -5.66
C THR A 20 -8.42 -0.14 -5.60
N ILE A 21 -7.89 0.32 -4.46
CA ILE A 21 -6.44 0.47 -4.30
C ILE A 21 -5.76 -0.89 -4.49
N GLU A 22 -6.29 -1.93 -3.84
CA GLU A 22 -5.79 -3.29 -3.95
C GLU A 22 -5.69 -3.70 -5.42
N GLY A 23 -6.79 -3.57 -6.16
CA GLY A 23 -6.86 -3.88 -7.57
C GLY A 23 -5.84 -3.06 -8.38
N LYS A 24 -5.83 -1.74 -8.20
CA LYS A 24 -4.97 -0.86 -8.97
C LYS A 24 -3.50 -1.24 -8.75
N ILE A 25 -3.09 -1.19 -7.48
CA ILE A 25 -1.71 -1.42 -7.10
C ILE A 25 -1.32 -2.87 -7.38
N GLY A 26 -2.29 -3.80 -7.33
CA GLY A 26 -2.12 -5.17 -7.77
C GLY A 26 -1.47 -5.28 -9.14
N LYS A 27 -1.68 -4.31 -10.04
CA LYS A 27 -1.15 -4.33 -11.39
C LYS A 27 0.24 -3.67 -11.47
N LEU A 28 0.87 -3.28 -10.36
CA LEU A 28 2.23 -2.76 -10.39
C LEU A 28 3.26 -3.84 -10.75
N GLN A 29 4.35 -3.40 -11.36
CA GLN A 29 5.50 -4.22 -11.71
C GLN A 29 6.58 -4.12 -10.62
N GLY A 30 6.45 -4.92 -9.56
CA GLY A 30 7.37 -4.85 -8.43
C GLY A 30 6.76 -5.22 -7.07
N VAL A 31 5.46 -5.47 -7.03
CA VAL A 31 4.75 -5.85 -5.81
C VAL A 31 4.42 -7.34 -5.88
N GLN A 32 4.66 -8.08 -4.79
CA GLN A 32 4.29 -9.48 -4.71
C GLN A 32 2.92 -9.67 -4.06
N ARG A 33 2.59 -8.82 -3.10
CA ARG A 33 1.36 -8.92 -2.35
C ARG A 33 1.08 -7.55 -1.74
N ILE A 34 -0.14 -7.38 -1.28
CA ILE A 34 -0.71 -6.15 -0.81
C ILE A 34 -1.83 -6.61 0.12
N LYS A 35 -2.06 -5.86 1.18
CA LYS A 35 -3.15 -6.06 2.12
C LYS A 35 -3.70 -4.71 2.57
N VAL A 36 -4.99 -4.62 2.93
CA VAL A 36 -5.58 -3.39 3.39
C VAL A 36 -6.55 -3.65 4.55
N SER A 37 -6.14 -3.30 5.76
CA SER A 37 -6.91 -3.44 6.99
C SER A 37 -7.66 -2.15 7.27
N LEU A 38 -8.79 -1.96 6.60
CA LEU A 38 -9.70 -0.83 6.84
C LEU A 38 -10.01 -0.65 8.32
N ASP A 39 -10.20 -1.77 9.03
CA ASP A 39 -10.55 -1.85 10.43
C ASP A 39 -9.70 -0.90 11.25
N ASN A 40 -8.38 -1.09 11.13
CA ASN A 40 -7.40 -0.34 11.88
C ASN A 40 -6.82 0.78 11.02
N GLN A 41 -7.58 1.19 9.99
CA GLN A 41 -7.22 2.13 8.93
C GLN A 41 -5.75 2.07 8.52
N GLU A 42 -5.30 0.88 8.11
CA GLU A 42 -3.91 0.63 7.79
C GLU A 42 -3.78 -0.22 6.52
N ALA A 43 -2.93 0.23 5.59
CA ALA A 43 -2.60 -0.44 4.36
C ALA A 43 -1.20 -1.07 4.44
N THR A 44 -1.04 -2.20 3.76
CA THR A 44 0.11 -3.08 3.74
C THR A 44 0.51 -3.23 2.28
N ILE A 45 1.73 -2.84 1.90
CA ILE A 45 2.21 -3.00 0.54
C ILE A 45 3.45 -3.88 0.62
N VAL A 46 3.49 -5.00 -0.12
CA VAL A 46 4.62 -5.92 -0.05
C VAL A 46 5.38 -5.94 -1.37
N TYR A 47 6.47 -5.17 -1.44
CA TYR A 47 7.20 -4.91 -2.67
C TYR A 47 8.63 -5.41 -2.63
N GLN A 48 9.26 -5.40 -3.80
CA GLN A 48 10.61 -5.90 -4.00
C GLN A 48 11.58 -4.74 -4.20
N PRO A 49 12.53 -4.50 -3.27
CA PRO A 49 13.42 -3.35 -3.30
C PRO A 49 14.46 -3.46 -4.41
N HIS A 50 14.02 -3.20 -5.63
CA HIS A 50 14.80 -3.10 -6.86
C HIS A 50 13.85 -2.73 -8.00
N LEU A 51 12.68 -3.36 -8.05
CA LEU A 51 11.74 -3.16 -9.15
C LEU A 51 11.02 -1.82 -9.04
N ILE A 52 10.51 -1.51 -7.85
CA ILE A 52 9.72 -0.34 -7.56
C ILE A 52 10.16 0.20 -6.18
N SER A 53 9.62 1.34 -5.73
CA SER A 53 10.02 1.97 -4.48
C SER A 53 8.82 2.59 -3.76
N VAL A 54 9.00 2.94 -2.49
CA VAL A 54 7.97 3.60 -1.68
C VAL A 54 7.44 4.87 -2.36
N GLU A 55 8.29 5.60 -3.07
CA GLU A 55 7.82 6.81 -3.73
C GLU A 55 6.75 6.45 -4.76
N GLU A 56 6.92 5.38 -5.55
CA GLU A 56 5.97 4.93 -6.53
C GLU A 56 4.69 4.58 -5.79
N MET A 57 4.81 3.73 -4.76
CA MET A 57 3.70 3.35 -3.93
C MET A 57 2.90 4.58 -3.45
N LYS A 58 3.54 5.50 -2.75
CA LYS A 58 2.87 6.70 -2.24
C LYS A 58 2.33 7.54 -3.37
N LYS A 59 3.15 7.90 -4.35
CA LYS A 59 2.72 8.70 -5.48
C LYS A 59 1.43 8.11 -6.05
N GLN A 60 1.41 6.79 -6.31
CA GLN A 60 0.20 6.14 -6.77
C GLN A 60 -0.95 6.26 -5.77
N ILE A 61 -0.69 5.93 -4.49
CA ILE A 61 -1.72 5.89 -3.46
C ILE A 61 -2.22 7.30 -3.16
N GLU A 62 -1.36 8.19 -2.66
CA GLU A 62 -1.69 9.59 -2.48
C GLU A 62 -2.38 10.20 -3.71
N ALA A 63 -1.96 9.84 -4.94
CA ALA A 63 -2.63 10.37 -6.14
C ALA A 63 -4.13 10.11 -6.15
N MET A 64 -4.60 9.00 -5.56
CA MET A 64 -6.02 8.75 -5.39
C MET A 64 -6.68 9.91 -4.61
N GLY A 65 -5.98 10.42 -3.61
CA GLY A 65 -6.43 11.50 -2.74
C GLY A 65 -6.17 11.17 -1.27
N PHE A 66 -5.97 9.88 -0.97
CA PHE A 66 -5.88 9.37 0.38
C PHE A 66 -4.49 9.67 0.97
N PRO A 67 -4.38 10.50 2.03
CA PRO A 67 -3.10 10.71 2.68
C PRO A 67 -2.68 9.40 3.36
N ALA A 68 -1.39 9.07 3.32
CA ALA A 68 -0.88 7.84 3.91
C ALA A 68 0.42 8.08 4.66
N PHE A 69 0.57 7.46 5.84
CA PHE A 69 1.76 7.57 6.67
C PHE A 69 2.52 6.25 6.63
N VAL A 70 3.27 6.05 5.54
CA VAL A 70 4.23 4.96 5.34
C VAL A 70 5.40 5.12 6.32
N LYS A 71 5.44 4.29 7.38
CA LYS A 71 6.53 4.33 8.35
C LYS A 71 6.70 3.00 9.09
N LYS A 72 6.94 1.93 8.34
CA LYS A 72 7.22 0.61 8.88
C LYS A 72 7.99 -0.09 7.77
N ILE A 73 9.11 -0.74 8.08
CA ILE A 73 9.92 -1.45 7.09
C ILE A 73 10.22 -2.84 7.66
N GLU A 74 9.16 -3.63 7.85
CA GLU A 74 9.31 -4.95 8.43
C GLU A 74 9.70 -5.95 7.35
N GLY A 75 10.79 -6.68 7.61
CA GLY A 75 11.50 -7.50 6.66
C GLY A 75 12.83 -7.91 7.29
N ARG A 76 12.79 -8.95 8.11
CA ARG A 76 13.93 -9.73 8.56
C ARG A 76 13.51 -11.17 8.25
CU CU1 B . -15.28 2.50 0.65
N GLY A 1 12.82 -11.71 1.81
CA GLY A 1 13.46 -11.03 0.66
C GLY A 1 12.69 -9.77 0.28
N GLU A 2 11.42 -9.95 -0.01
CA GLU A 2 10.41 -8.92 -0.10
C GLU A 2 10.39 -8.05 1.16
N VAL A 3 9.83 -6.84 1.08
CA VAL A 3 9.64 -5.96 2.20
C VAL A 3 8.18 -5.51 2.28
N VAL A 4 7.61 -5.60 3.48
CA VAL A 4 6.31 -5.06 3.85
C VAL A 4 6.52 -3.58 4.13
N LEU A 5 5.76 -2.73 3.43
CA LEU A 5 5.50 -1.38 3.85
C LEU A 5 4.20 -1.43 4.62
N LYS A 6 4.19 -0.87 5.83
CA LYS A 6 3.01 -0.68 6.62
C LYS A 6 2.77 0.82 6.64
N MET A 7 1.56 1.25 6.29
CA MET A 7 1.23 2.64 6.19
C MET A 7 -0.17 2.88 6.73
N LYS A 8 -0.29 3.88 7.58
CA LYS A 8 -1.60 4.26 8.09
C LYS A 8 -2.31 5.01 6.97
N VAL A 9 -3.61 4.78 6.77
CA VAL A 9 -4.43 5.51 5.81
C VAL A 9 -5.63 6.05 6.59
N GLU A 10 -6.18 7.18 6.18
CA GLU A 10 -7.35 7.75 6.83
C GLU A 10 -8.57 7.68 5.90
N GLY A 11 -9.77 7.57 6.48
CA GLY A 11 -11.03 7.62 5.74
C GLY A 11 -11.36 6.32 4.99
N MET A 12 -10.35 5.60 4.50
CA MET A 12 -10.51 4.37 3.76
C MET A 12 -11.05 3.23 4.64
N THR A 13 -12.35 3.27 4.89
CA THR A 13 -13.02 2.43 5.88
C THR A 13 -14.29 1.82 5.28
N CYS A 14 -14.20 1.34 4.04
CA CYS A 14 -15.32 0.76 3.30
C CYS A 14 -14.76 -0.08 2.16
N HIS A 15 -15.50 -1.12 1.74
CA HIS A 15 -15.12 -2.06 0.69
C HIS A 15 -15.28 -1.42 -0.70
N SER A 16 -14.62 -0.29 -0.90
CA SER A 16 -14.49 0.38 -2.18
C SER A 16 -13.04 0.84 -2.31
N CYS A 17 -12.63 1.77 -1.44
CA CYS A 17 -11.33 2.42 -1.51
C CYS A 17 -10.22 1.37 -1.39
N THR A 18 -10.30 0.58 -0.32
CA THR A 18 -9.39 -0.54 -0.06
C THR A 18 -9.22 -1.38 -1.32
N SER A 19 -10.31 -1.97 -1.80
CA SER A 19 -10.27 -2.93 -2.89
C SER A 19 -9.78 -2.25 -4.16
N THR A 20 -10.19 -1.01 -4.41
CA THR A 20 -9.72 -0.24 -5.56
C THR A 20 -8.20 -0.10 -5.50
N ILE A 21 -7.65 0.33 -4.35
CA ILE A 21 -6.22 0.48 -4.19
C ILE A 21 -5.52 -0.87 -4.34
N GLU A 22 -5.98 -1.89 -3.61
CA GLU A 22 -5.54 -3.26 -3.72
C GLU A 22 -5.43 -3.68 -5.19
N GLY A 23 -6.51 -3.52 -5.95
CA GLY A 23 -6.55 -3.81 -7.37
C GLY A 23 -5.51 -3.00 -8.15
N LYS A 24 -5.57 -1.67 -8.05
CA LYS A 24 -4.72 -0.78 -8.85
C LYS A 24 -3.25 -1.09 -8.58
N ILE A 25 -2.87 -1.05 -7.32
CA ILE A 25 -1.51 -1.19 -6.87
C ILE A 25 -1.04 -2.63 -7.06
N GLY A 26 -1.91 -3.62 -6.82
CA GLY A 26 -1.62 -5.02 -7.07
C GLY A 26 -1.06 -5.25 -8.47
N LYS A 27 -1.49 -4.44 -9.45
CA LYS A 27 -1.06 -4.58 -10.83
C LYS A 27 0.39 -4.11 -11.07
N LEU A 28 1.03 -3.39 -10.14
CA LEU A 28 2.30 -2.76 -10.44
C LEU A 28 3.44 -3.78 -10.54
N GLN A 29 4.32 -3.54 -11.50
CA GLN A 29 5.49 -4.37 -11.75
C GLN A 29 6.53 -4.26 -10.63
N GLY A 30 6.30 -4.96 -9.54
CA GLY A 30 7.21 -4.91 -8.40
C GLY A 30 6.62 -5.37 -7.07
N VAL A 31 5.28 -5.40 -6.97
CA VAL A 31 4.60 -5.80 -5.75
C VAL A 31 4.29 -7.28 -5.83
N GLN A 32 4.57 -8.02 -4.75
CA GLN A 32 4.28 -9.45 -4.66
C GLN A 32 2.96 -9.71 -3.95
N ARG A 33 2.59 -8.84 -3.01
CA ARG A 33 1.41 -8.97 -2.19
C ARG A 33 1.02 -7.56 -1.75
N ILE A 34 -0.22 -7.43 -1.33
CA ILE A 34 -0.80 -6.18 -0.91
C ILE A 34 -1.93 -6.58 0.01
N LYS A 35 -2.08 -5.88 1.13
CA LYS A 35 -3.18 -6.03 2.05
C LYS A 35 -3.65 -4.67 2.54
N VAL A 36 -4.92 -4.57 2.92
CA VAL A 36 -5.46 -3.33 3.48
C VAL A 36 -6.36 -3.68 4.66
N SER A 37 -5.91 -3.32 5.86
CA SER A 37 -6.65 -3.47 7.10
C SER A 37 -7.51 -2.22 7.27
N LEU A 38 -8.52 -2.09 6.41
CA LEU A 38 -9.43 -0.94 6.43
C LEU A 38 -9.92 -0.67 7.86
N ASP A 39 -10.26 -1.74 8.57
CA ASP A 39 -10.78 -1.76 9.92
C ASP A 39 -9.99 -0.84 10.82
N ASN A 40 -8.68 -1.09 10.88
CA ASN A 40 -7.79 -0.37 11.76
C ASN A 40 -7.08 0.75 11.00
N GLN A 41 -7.68 1.19 9.89
CA GLN A 41 -7.19 2.23 8.99
C GLN A 41 -5.69 2.09 8.69
N GLU A 42 -5.30 0.90 8.23
CA GLU A 42 -3.91 0.60 7.88
C GLU A 42 -3.84 -0.15 6.54
N ALA A 43 -2.77 0.07 5.78
CA ALA A 43 -2.48 -0.54 4.51
C ALA A 43 -1.10 -1.19 4.55
N THR A 44 -0.95 -2.27 3.78
CA THR A 44 0.16 -3.19 3.72
C THR A 44 0.55 -3.33 2.25
N ILE A 45 1.75 -2.93 1.86
CA ILE A 45 2.18 -2.97 0.47
C ILE A 45 3.45 -3.82 0.45
N VAL A 46 3.39 -5.04 -0.13
CA VAL A 46 4.50 -5.98 -0.04
C VAL A 46 5.31 -5.94 -1.33
N TYR A 47 6.37 -5.13 -1.34
CA TYR A 47 7.13 -4.82 -2.55
C TYR A 47 8.53 -5.42 -2.53
N GLN A 48 9.17 -5.39 -3.69
CA GLN A 48 10.51 -5.91 -3.89
C GLN A 48 11.48 -4.75 -4.12
N PRO A 49 12.44 -4.51 -3.19
CA PRO A 49 13.32 -3.35 -3.25
C PRO A 49 14.37 -3.50 -4.35
N HIS A 50 13.92 -3.28 -5.59
CA HIS A 50 14.68 -3.25 -6.83
C HIS A 50 13.72 -2.88 -7.95
N LEU A 51 12.53 -3.49 -7.96
CA LEU A 51 11.59 -3.30 -9.06
C LEU A 51 10.87 -1.95 -8.95
N ILE A 52 10.35 -1.63 -7.76
CA ILE A 52 9.56 -0.46 -7.48
C ILE A 52 10.04 0.13 -6.14
N SER A 53 9.49 1.27 -5.70
CA SER A 53 9.96 1.99 -4.53
C SER A 53 8.80 2.62 -3.75
N VAL A 54 9.06 2.97 -2.48
CA VAL A 54 8.12 3.66 -1.59
C VAL A 54 7.42 4.81 -2.29
N GLU A 55 8.17 5.62 -3.03
CA GLU A 55 7.61 6.82 -3.62
C GLU A 55 6.47 6.43 -4.54
N GLU A 56 6.69 5.55 -5.53
CA GLU A 56 5.66 4.98 -6.39
C GLU A 56 4.48 4.51 -5.56
N MET A 57 4.69 3.64 -4.56
CA MET A 57 3.63 3.22 -3.68
C MET A 57 2.78 4.41 -3.20
N LYS A 58 3.41 5.40 -2.56
CA LYS A 58 2.70 6.58 -2.10
C LYS A 58 2.10 7.37 -3.25
N LYS A 59 2.89 7.89 -4.17
CA LYS A 59 2.45 8.67 -5.31
C LYS A 59 1.19 8.06 -5.90
N GLN A 60 1.22 6.76 -6.17
CA GLN A 60 0.06 6.07 -6.71
C GLN A 60 -1.14 6.11 -5.74
N ILE A 61 -0.90 5.80 -4.45
CA ILE A 61 -1.95 5.82 -3.44
C ILE A 61 -2.43 7.24 -3.16
N GLU A 62 -1.57 8.11 -2.61
CA GLU A 62 -1.86 9.51 -2.42
C GLU A 62 -2.54 10.15 -3.63
N ALA A 63 -2.13 9.82 -4.87
CA ALA A 63 -2.76 10.38 -6.07
C ALA A 63 -4.28 10.15 -6.09
N MET A 64 -4.76 9.04 -5.54
CA MET A 64 -6.19 8.80 -5.40
C MET A 64 -6.84 9.93 -4.59
N GLY A 65 -6.17 10.37 -3.52
CA GLY A 65 -6.58 11.47 -2.67
C GLY A 65 -6.32 11.18 -1.20
N PHE A 66 -6.15 9.89 -0.86
CA PHE A 66 -6.08 9.45 0.52
C PHE A 66 -4.69 9.73 1.09
N PRO A 67 -4.56 10.54 2.15
CA PRO A 67 -3.27 10.72 2.80
C PRO A 67 -2.85 9.40 3.43
N ALA A 68 -1.55 9.10 3.44
CA ALA A 68 -1.03 7.89 4.05
C ALA A 68 0.31 8.13 4.73
N PHE A 69 0.47 7.59 5.93
CA PHE A 69 1.73 7.63 6.66
C PHE A 69 2.45 6.30 6.48
N VAL A 70 3.16 6.17 5.37
CA VAL A 70 4.03 5.05 5.06
C VAL A 70 5.28 5.09 5.95
N LYS A 71 5.36 4.20 6.95
CA LYS A 71 6.46 4.22 7.91
C LYS A 71 6.74 2.86 8.57
N LYS A 72 7.04 1.84 7.77
CA LYS A 72 7.73 0.64 8.20
C LYS A 72 8.44 0.09 6.97
N ILE A 73 9.52 -0.66 7.18
CA ILE A 73 10.12 -1.53 6.18
C ILE A 73 10.35 -2.86 6.90
N GLU A 74 9.28 -3.64 7.07
CA GLU A 74 9.32 -4.90 7.80
C GLU A 74 9.62 -6.00 6.78
N GLY A 75 10.77 -6.66 6.88
CA GLY A 75 11.21 -7.62 5.87
C GLY A 75 12.56 -8.15 6.30
N ARG A 76 13.36 -8.61 5.33
CA ARG A 76 14.77 -8.98 5.38
C ARG A 76 14.99 -10.14 4.40
CU CU1 B . -14.41 3.22 0.26
N GLY A 1 12.86 -11.51 -2.79
CA GLY A 1 13.04 -10.81 -1.51
C GLY A 1 11.70 -10.68 -0.80
N GLU A 2 10.93 -9.64 -1.15
CA GLU A 2 9.63 -9.31 -0.58
C GLU A 2 9.83 -8.61 0.78
N VAL A 3 9.56 -7.29 0.84
CA VAL A 3 9.58 -6.53 2.08
C VAL A 3 8.19 -5.92 2.32
N VAL A 4 7.70 -5.99 3.56
CA VAL A 4 6.43 -5.45 3.99
C VAL A 4 6.65 -4.03 4.48
N LEU A 5 5.79 -3.08 4.07
CA LEU A 5 5.70 -1.78 4.69
C LEU A 5 4.29 -1.56 5.19
N LYS A 6 4.20 -0.74 6.25
CA LYS A 6 2.98 -0.43 6.93
C LYS A 6 2.80 1.09 6.81
N MET A 7 1.68 1.51 6.25
CA MET A 7 1.31 2.88 6.06
C MET A 7 -0.03 3.13 6.72
N LYS A 8 -0.13 4.16 7.55
CA LYS A 8 -1.41 4.52 8.15
C LYS A 8 -2.13 5.46 7.20
N VAL A 9 -3.32 5.09 6.75
CA VAL A 9 -4.02 5.81 5.70
C VAL A 9 -5.49 5.94 6.06
N GLU A 10 -5.98 7.18 6.06
CA GLU A 10 -7.32 7.51 6.49
C GLU A 10 -8.27 7.38 5.29
N GLY A 11 -9.55 7.08 5.55
CA GLY A 11 -10.62 7.15 4.55
C GLY A 11 -11.03 5.76 4.05
N MET A 12 -10.06 4.90 3.73
CA MET A 12 -10.34 3.59 3.14
C MET A 12 -11.01 2.64 4.14
N THR A 13 -12.32 2.78 4.27
CA THR A 13 -13.16 2.08 5.23
C THR A 13 -14.44 1.52 4.59
N CYS A 14 -14.70 1.89 3.33
CA CYS A 14 -15.88 1.50 2.57
C CYS A 14 -15.81 0.10 1.96
N HIS A 15 -14.60 -0.48 1.86
CA HIS A 15 -14.29 -1.77 1.21
C HIS A 15 -14.08 -1.63 -0.30
N SER A 16 -14.76 -0.68 -0.94
CA SER A 16 -14.54 -0.39 -2.35
C SER A 16 -13.10 0.09 -2.56
N CYS A 17 -12.77 1.25 -2.01
CA CYS A 17 -11.46 1.89 -2.12
C CYS A 17 -10.32 0.93 -1.78
N THR A 18 -10.42 0.22 -0.64
CA THR A 18 -9.41 -0.76 -0.23
C THR A 18 -9.09 -1.69 -1.41
N SER A 19 -10.09 -2.43 -1.87
CA SER A 19 -9.98 -3.40 -2.95
C SER A 19 -9.50 -2.73 -4.24
N THR A 20 -10.09 -1.59 -4.61
CA THR A 20 -9.69 -0.81 -5.77
C THR A 20 -8.19 -0.51 -5.73
N ILE A 21 -7.68 -0.01 -4.62
CA ILE A 21 -6.28 0.33 -4.44
C ILE A 21 -5.44 -0.94 -4.49
N GLU A 22 -5.85 -1.98 -3.76
CA GLU A 22 -5.25 -3.30 -3.82
C GLU A 22 -5.04 -3.71 -5.29
N GLY A 23 -6.09 -3.63 -6.11
CA GLY A 23 -6.02 -3.90 -7.54
C GLY A 23 -5.05 -2.96 -8.26
N LYS A 24 -5.29 -1.65 -8.20
CA LYS A 24 -4.56 -0.66 -8.99
C LYS A 24 -3.07 -0.78 -8.71
N ILE A 25 -2.71 -0.78 -7.43
CA ILE A 25 -1.34 -0.85 -6.99
C ILE A 25 -0.78 -2.26 -7.27
N GLY A 26 -1.58 -3.31 -7.04
CA GLY A 26 -1.21 -4.68 -7.37
C GLY A 26 -0.73 -4.81 -8.81
N LYS A 27 -1.30 -4.03 -9.74
CA LYS A 27 -0.94 -4.05 -11.14
C LYS A 27 0.45 -3.46 -11.43
N LEU A 28 1.15 -2.85 -10.46
CA LEU A 28 2.47 -2.30 -10.71
C LEU A 28 3.53 -3.40 -10.84
N GLN A 29 4.50 -3.18 -11.72
CA GLN A 29 5.49 -4.17 -12.10
C GLN A 29 6.65 -4.32 -11.12
N GLY A 30 6.33 -4.70 -9.89
CA GLY A 30 7.32 -4.88 -8.84
C GLY A 30 6.78 -5.15 -7.44
N VAL A 31 5.55 -5.65 -7.35
CA VAL A 31 4.85 -5.91 -6.11
C VAL A 31 4.73 -7.42 -5.94
N GLN A 32 4.69 -7.88 -4.69
CA GLN A 32 4.53 -9.27 -4.33
C GLN A 32 3.17 -9.47 -3.66
N ARG A 33 2.75 -8.54 -2.79
CA ARG A 33 1.48 -8.61 -2.10
C ARG A 33 1.13 -7.22 -1.61
N ILE A 34 -0.13 -7.03 -1.23
CA ILE A 34 -0.68 -5.77 -0.82
C ILE A 34 -1.88 -6.16 0.02
N LYS A 35 -2.12 -5.41 1.10
CA LYS A 35 -3.24 -5.59 1.98
C LYS A 35 -3.75 -4.24 2.47
N VAL A 36 -5.04 -4.05 2.67
CA VAL A 36 -5.59 -2.85 3.30
C VAL A 36 -6.52 -3.22 4.47
N SER A 37 -6.31 -2.57 5.62
CA SER A 37 -6.93 -2.88 6.90
C SER A 37 -7.85 -1.71 7.32
N LEU A 38 -9.14 -1.79 6.99
CA LEU A 38 -10.05 -0.70 7.30
C LEU A 38 -10.15 -0.43 8.80
N ASP A 39 -10.29 -1.49 9.61
CA ASP A 39 -10.62 -1.43 11.03
C ASP A 39 -9.73 -0.43 11.74
N ASN A 40 -8.42 -0.67 11.63
CA ASN A 40 -7.43 0.11 12.34
C ASN A 40 -6.88 1.23 11.44
N GLN A 41 -7.65 1.60 10.40
CA GLN A 41 -7.28 2.47 9.29
C GLN A 41 -5.78 2.40 8.92
N GLU A 42 -5.38 1.23 8.41
CA GLU A 42 -4.00 0.91 8.07
C GLU A 42 -3.96 0.31 6.66
N ALA A 43 -2.79 0.39 6.03
CA ALA A 43 -2.49 -0.23 4.75
C ALA A 43 -1.13 -0.92 4.82
N THR A 44 -1.01 -1.99 4.03
CA THR A 44 0.07 -2.96 4.00
C THR A 44 0.51 -3.06 2.55
N ILE A 45 1.79 -2.78 2.27
CA ILE A 45 2.29 -2.76 0.91
C ILE A 45 3.52 -3.65 0.87
N VAL A 46 3.49 -4.72 0.06
CA VAL A 46 4.53 -5.75 0.09
C VAL A 46 5.19 -5.87 -1.29
N TYR A 47 6.40 -5.37 -1.44
CA TYR A 47 7.01 -5.22 -2.75
C TYR A 47 8.47 -5.64 -2.76
N GLN A 48 9.07 -5.60 -3.96
CA GLN A 48 10.44 -5.99 -4.18
C GLN A 48 11.30 -4.73 -4.39
N PRO A 49 12.15 -4.36 -3.42
CA PRO A 49 12.89 -3.10 -3.40
C PRO A 49 14.03 -3.14 -4.41
N HIS A 50 13.64 -3.09 -5.68
CA HIS A 50 14.50 -3.17 -6.85
C HIS A 50 13.66 -2.90 -8.09
N LEU A 51 12.42 -3.40 -8.11
CA LEU A 51 11.52 -3.22 -9.24
C LEU A 51 10.67 -1.95 -9.09
N ILE A 52 10.17 -1.69 -7.87
CA ILE A 52 9.27 -0.59 -7.56
C ILE A 52 9.67 -0.03 -6.19
N SER A 53 9.26 1.19 -5.86
CA SER A 53 9.69 1.91 -4.66
C SER A 53 8.50 2.28 -3.75
N VAL A 54 8.80 2.71 -2.53
CA VAL A 54 7.83 3.36 -1.66
C VAL A 54 7.08 4.47 -2.40
N GLU A 55 7.80 5.27 -3.18
CA GLU A 55 7.20 6.44 -3.77
C GLU A 55 6.15 6.04 -4.81
N GLU A 56 6.44 5.09 -5.70
CA GLU A 56 5.47 4.51 -6.61
C GLU A 56 4.20 4.16 -5.84
N MET A 57 4.35 3.31 -4.81
CA MET A 57 3.26 2.96 -3.93
C MET A 57 2.50 4.20 -3.44
N LYS A 58 3.13 5.07 -2.63
CA LYS A 58 2.46 6.23 -2.05
C LYS A 58 1.94 7.16 -3.12
N LYS A 59 2.79 7.71 -3.99
CA LYS A 59 2.40 8.59 -5.08
C LYS A 59 1.12 8.05 -5.73
N GLN A 60 1.10 6.77 -6.08
CA GLN A 60 -0.13 6.20 -6.65
C GLN A 60 -1.30 6.17 -5.64
N ILE A 61 -1.07 5.78 -4.39
CA ILE A 61 -2.11 5.74 -3.37
C ILE A 61 -2.59 7.15 -3.01
N GLU A 62 -1.72 7.99 -2.46
CA GLU A 62 -1.98 9.39 -2.21
C GLU A 62 -2.75 10.06 -3.36
N ALA A 63 -2.40 9.76 -4.62
CA ALA A 63 -3.12 10.32 -5.77
C ALA A 63 -4.64 10.10 -5.72
N MET A 64 -5.09 8.99 -5.12
CA MET A 64 -6.50 8.72 -4.89
C MET A 64 -7.13 9.84 -4.05
N GLY A 65 -6.40 10.33 -3.04
CA GLY A 65 -6.80 11.43 -2.18
C GLY A 65 -6.45 11.14 -0.71
N PHE A 66 -6.18 9.87 -0.40
CA PHE A 66 -6.04 9.38 0.96
C PHE A 66 -4.61 9.58 1.46
N PRO A 67 -4.35 10.46 2.45
CA PRO A 67 -3.00 10.70 2.94
C PRO A 67 -2.51 9.48 3.71
N ALA A 68 -1.33 8.97 3.36
CA ALA A 68 -0.77 7.74 3.91
C ALA A 68 0.57 7.99 4.59
N PHE A 69 0.80 7.36 5.75
CA PHE A 69 2.02 7.53 6.53
C PHE A 69 2.83 6.24 6.51
N VAL A 70 3.52 6.01 5.40
CA VAL A 70 4.45 4.89 5.18
C VAL A 70 5.71 5.06 6.04
N LYS A 71 5.82 4.31 7.15
CA LYS A 71 6.99 4.40 8.01
C LYS A 71 7.20 3.13 8.84
N LYS A 72 7.33 2.00 8.16
CA LYS A 72 7.53 0.70 8.80
C LYS A 72 8.14 -0.18 7.72
N ILE A 73 9.13 -1.02 8.09
CA ILE A 73 9.77 -1.97 7.19
C ILE A 73 9.93 -3.27 7.98
N GLU A 74 8.86 -4.07 8.08
CA GLU A 74 8.96 -5.40 8.72
C GLU A 74 9.44 -6.45 7.72
N GLY A 75 9.65 -7.67 8.22
CA GLY A 75 10.02 -8.82 7.42
C GLY A 75 8.77 -9.67 7.13
N ARG A 76 8.35 -10.47 8.10
CA ARG A 76 7.19 -11.34 8.02
C ARG A 76 5.98 -10.62 8.64
CU CU1 B . -14.61 4.13 -1.18
N GLY A 1 14.83 -10.63 -2.39
CA GLY A 1 13.58 -10.94 -1.69
C GLY A 1 12.71 -9.69 -1.66
N GLU A 2 11.77 -9.65 -0.73
CA GLU A 2 10.70 -8.66 -0.61
C GLU A 2 10.79 -7.93 0.72
N VAL A 3 10.00 -6.86 0.84
CA VAL A 3 9.83 -6.07 2.05
C VAL A 3 8.34 -5.77 2.20
N VAL A 4 7.85 -5.83 3.44
CA VAL A 4 6.54 -5.36 3.84
C VAL A 4 6.68 -3.89 4.20
N LEU A 5 5.80 -3.05 3.64
CA LEU A 5 5.63 -1.67 4.01
C LEU A 5 4.26 -1.57 4.67
N LYS A 6 4.13 -0.75 5.71
CA LYS A 6 2.88 -0.52 6.41
C LYS A 6 2.70 1.00 6.47
N MET A 7 1.63 1.49 5.83
CA MET A 7 1.25 2.88 5.88
C MET A 7 -0.08 3.00 6.62
N LYS A 8 -0.16 3.92 7.58
CA LYS A 8 -1.47 4.32 8.11
C LYS A 8 -2.18 5.06 6.99
N VAL A 9 -3.47 4.80 6.79
CA VAL A 9 -4.29 5.57 5.88
C VAL A 9 -5.44 6.16 6.69
N GLU A 10 -5.97 7.30 6.26
CA GLU A 10 -7.09 7.95 6.91
C GLU A 10 -8.25 8.02 5.92
N GLY A 11 -9.48 7.90 6.41
CA GLY A 11 -10.69 8.13 5.63
C GLY A 11 -11.27 6.83 5.07
N MET A 12 -10.43 5.92 4.57
CA MET A 12 -10.90 4.66 4.03
C MET A 12 -11.73 3.89 5.07
N THR A 13 -13.02 3.71 4.80
CA THR A 13 -13.94 2.99 5.67
C THR A 13 -15.00 2.29 4.79
N CYS A 14 -14.57 1.74 3.65
CA CYS A 14 -15.39 0.83 2.86
C CYS A 14 -14.45 -0.08 2.08
N HIS A 15 -14.95 -1.24 1.67
CA HIS A 15 -14.20 -2.20 0.88
C HIS A 15 -13.89 -1.67 -0.52
N SER A 16 -14.63 -0.65 -0.98
CA SER A 16 -14.46 -0.08 -2.31
C SER A 16 -13.04 0.47 -2.43
N CYS A 17 -12.66 1.41 -1.55
CA CYS A 17 -11.35 2.04 -1.59
C CYS A 17 -10.24 0.99 -1.52
N THR A 18 -10.32 0.13 -0.50
CA THR A 18 -9.33 -0.90 -0.27
C THR A 18 -9.17 -1.75 -1.53
N SER A 19 -10.26 -2.33 -2.03
CA SER A 19 -10.26 -3.15 -3.22
C SER A 19 -9.70 -2.38 -4.43
N THR A 20 -10.11 -1.13 -4.64
CA THR A 20 -9.59 -0.28 -5.70
C THR A 20 -8.06 -0.18 -5.61
N ILE A 21 -7.53 0.14 -4.43
CA ILE A 21 -6.10 0.26 -4.21
C ILE A 21 -5.42 -1.10 -4.45
N GLU A 22 -5.96 -2.17 -3.85
CA GLU A 22 -5.54 -3.54 -4.07
C GLU A 22 -5.38 -3.81 -5.56
N GLY A 23 -6.42 -3.51 -6.34
CA GLY A 23 -6.41 -3.59 -7.79
C GLY A 23 -5.25 -2.78 -8.37
N LYS A 24 -5.22 -1.46 -8.09
CA LYS A 24 -4.25 -0.57 -8.70
C LYS A 24 -2.83 -1.05 -8.44
N ILE A 25 -2.46 -1.12 -7.17
CA ILE A 25 -1.13 -1.47 -6.73
C ILE A 25 -0.82 -2.91 -7.16
N GLY A 26 -1.74 -3.84 -6.91
CA GLY A 26 -1.62 -5.21 -7.35
C GLY A 26 -1.29 -5.32 -8.84
N LYS A 27 -1.90 -4.47 -9.67
CA LYS A 27 -1.69 -4.45 -11.10
C LYS A 27 -0.33 -3.84 -11.48
N LEU A 28 0.41 -3.22 -10.56
CA LEU A 28 1.74 -2.71 -10.85
C LEU A 28 2.78 -3.81 -10.69
N GLN A 29 3.66 -3.95 -11.68
CA GLN A 29 4.84 -4.77 -11.54
C GLN A 29 5.72 -4.17 -10.44
N GLY A 30 6.24 -5.02 -9.54
CA GLY A 30 7.08 -4.60 -8.43
C GLY A 30 6.62 -5.18 -7.10
N VAL A 31 5.36 -5.59 -7.05
CA VAL A 31 4.66 -6.03 -5.85
C VAL A 31 4.50 -7.55 -5.86
N GLN A 32 4.66 -8.18 -4.69
CA GLN A 32 4.41 -9.60 -4.50
C GLN A 32 3.07 -9.85 -3.79
N ARG A 33 2.65 -8.93 -2.92
CA ARG A 33 1.42 -9.05 -2.16
C ARG A 33 1.09 -7.66 -1.60
N ILE A 34 -0.12 -7.52 -1.06
CA ILE A 34 -0.69 -6.31 -0.59
C ILE A 34 -1.78 -6.74 0.39
N LYS A 35 -1.96 -5.99 1.47
CA LYS A 35 -2.97 -6.27 2.49
C LYS A 35 -3.56 -4.97 3.09
N VAL A 36 -4.67 -4.50 2.53
CA VAL A 36 -5.27 -3.23 2.89
C VAL A 36 -6.34 -3.40 3.99
N SER A 37 -6.02 -3.02 5.23
CA SER A 37 -6.90 -3.18 6.39
C SER A 37 -7.69 -1.90 6.68
N LEU A 38 -9.03 -1.98 6.74
CA LEU A 38 -9.88 -0.83 7.03
C LEU A 38 -9.92 -0.56 8.54
N ASP A 39 -10.07 -1.63 9.33
CA ASP A 39 -10.34 -1.60 10.76
C ASP A 39 -9.36 -0.68 11.47
N ASN A 40 -8.08 -1.05 11.37
CA ASN A 40 -7.01 -0.32 12.00
C ASN A 40 -6.44 0.74 11.03
N GLN A 41 -7.24 1.08 10.00
CA GLN A 41 -6.94 1.97 8.89
C GLN A 41 -5.45 1.95 8.51
N GLU A 42 -5.00 0.77 8.06
CA GLU A 42 -3.60 0.49 7.80
C GLU A 42 -3.48 -0.35 6.53
N ALA A 43 -2.70 0.17 5.58
CA ALA A 43 -2.44 -0.43 4.30
C ALA A 43 -1.05 -1.10 4.30
N THR A 44 -1.04 -2.43 4.21
CA THR A 44 0.13 -3.24 3.98
C THR A 44 0.40 -3.27 2.49
N ILE A 45 1.63 -3.03 2.05
CA ILE A 45 2.02 -3.19 0.66
C ILE A 45 3.31 -4.01 0.67
N VAL A 46 3.35 -5.15 -0.04
CA VAL A 46 4.49 -6.06 0.00
C VAL A 46 5.23 -6.06 -1.34
N TYR A 47 6.43 -5.49 -1.37
CA TYR A 47 7.12 -5.12 -2.59
C TYR A 47 8.55 -5.62 -2.66
N GLN A 48 9.11 -5.55 -3.86
CA GLN A 48 10.47 -5.96 -4.15
C GLN A 48 11.38 -4.71 -4.25
N PRO A 49 12.24 -4.46 -3.24
CA PRO A 49 13.10 -3.27 -3.20
C PRO A 49 14.20 -3.38 -4.26
N HIS A 50 13.84 -3.04 -5.48
CA HIS A 50 14.67 -3.02 -6.68
C HIS A 50 13.78 -2.67 -7.87
N LEU A 51 12.59 -3.28 -7.92
CA LEU A 51 11.64 -3.02 -8.99
C LEU A 51 10.94 -1.69 -8.74
N ILE A 52 10.29 -1.54 -7.58
CA ILE A 52 9.53 -0.38 -7.18
C ILE A 52 10.02 0.14 -5.83
N SER A 53 9.59 1.35 -5.46
CA SER A 53 10.00 2.04 -4.25
C SER A 53 8.76 2.55 -3.49
N VAL A 54 8.97 2.95 -2.24
CA VAL A 54 7.98 3.60 -1.40
C VAL A 54 7.25 4.72 -2.16
N GLU A 55 8.01 5.55 -2.85
CA GLU A 55 7.46 6.74 -3.49
C GLU A 55 6.38 6.36 -4.50
N GLU A 56 6.56 5.29 -5.27
CA GLU A 56 5.62 4.87 -6.29
C GLU A 56 4.30 4.54 -5.59
N MET A 57 4.35 3.79 -4.47
CA MET A 57 3.20 3.54 -3.64
C MET A 57 2.51 4.85 -3.25
N LYS A 58 3.20 5.75 -2.55
CA LYS A 58 2.57 7.00 -2.15
C LYS A 58 2.03 7.75 -3.36
N LYS A 59 2.86 8.04 -4.35
CA LYS A 59 2.47 8.75 -5.55
C LYS A 59 1.17 8.15 -6.08
N GLN A 60 1.12 6.82 -6.27
CA GLN A 60 -0.10 6.17 -6.73
C GLN A 60 -1.27 6.40 -5.76
N ILE A 61 -1.04 6.17 -4.47
CA ILE A 61 -2.08 6.17 -3.45
C ILE A 61 -2.56 7.60 -3.17
N GLU A 62 -1.68 8.49 -2.70
CA GLU A 62 -1.98 9.90 -2.56
C GLU A 62 -2.63 10.48 -3.83
N ALA A 63 -2.23 10.05 -5.04
CA ALA A 63 -2.89 10.53 -6.26
C ALA A 63 -4.41 10.28 -6.26
N MET A 64 -4.87 9.19 -5.65
CA MET A 64 -6.30 8.97 -5.45
C MET A 64 -6.90 10.09 -4.61
N GLY A 65 -6.19 10.46 -3.54
CA GLY A 65 -6.58 11.50 -2.60
C GLY A 65 -6.32 11.07 -1.17
N PHE A 66 -6.15 9.75 -0.94
CA PHE A 66 -6.03 9.18 0.39
C PHE A 66 -4.67 9.54 1.00
N PRO A 67 -4.61 10.30 2.09
CA PRO A 67 -3.34 10.59 2.75
C PRO A 67 -2.83 9.31 3.39
N ALA A 68 -1.52 9.06 3.29
CA ALA A 68 -0.90 7.85 3.82
C ALA A 68 0.40 8.16 4.56
N PHE A 69 0.60 7.50 5.70
CA PHE A 69 1.80 7.56 6.52
C PHE A 69 2.51 6.22 6.50
N VAL A 70 3.24 5.95 5.40
CA VAL A 70 4.28 4.93 5.33
C VAL A 70 5.24 5.12 6.51
N LYS A 71 5.26 4.17 7.45
CA LYS A 71 6.24 4.15 8.52
C LYS A 71 6.45 2.74 9.09
N LYS A 72 6.87 1.80 8.24
CA LYS A 72 7.26 0.46 8.66
C LYS A 72 8.19 -0.11 7.58
N ILE A 73 8.99 -1.12 7.94
CA ILE A 73 9.84 -1.85 7.00
C ILE A 73 10.02 -3.28 7.56
N GLU A 74 8.90 -3.96 7.79
CA GLU A 74 8.86 -5.26 8.46
C GLU A 74 9.16 -6.36 7.46
N GLY A 75 10.39 -6.40 6.96
CA GLY A 75 10.79 -7.36 5.93
C GLY A 75 10.72 -8.82 6.39
N ARG A 76 10.61 -9.73 5.42
CA ARG A 76 10.68 -11.18 5.52
C ARG A 76 9.30 -11.83 5.76
CU CU1 B . -14.08 3.84 1.05
N GLY A 1 13.53 -10.96 1.01
CA GLY A 1 12.89 -11.37 -0.24
C GLY A 1 12.15 -10.16 -0.79
N GLU A 2 10.87 -10.08 -0.49
CA GLU A 2 10.10 -8.86 -0.55
C GLU A 2 10.59 -7.87 0.52
N VAL A 3 10.03 -6.66 0.47
CA VAL A 3 10.02 -5.66 1.52
C VAL A 3 8.55 -5.44 1.88
N VAL A 4 8.23 -5.44 3.18
CA VAL A 4 6.94 -5.03 3.72
C VAL A 4 7.09 -3.58 4.18
N LEU A 5 6.15 -2.71 3.76
CA LEU A 5 6.03 -1.34 4.26
C LEU A 5 4.66 -1.25 4.90
N LYS A 6 4.55 -0.50 6.00
CA LYS A 6 3.34 -0.29 6.76
C LYS A 6 3.12 1.21 6.80
N MET A 7 2.01 1.68 6.22
CA MET A 7 1.64 3.07 6.18
C MET A 7 0.26 3.23 6.80
N LYS A 8 0.12 4.20 7.71
CA LYS A 8 -1.18 4.50 8.30
C LYS A 8 -1.90 5.42 7.35
N VAL A 9 -3.01 4.97 6.79
CA VAL A 9 -3.76 5.72 5.81
C VAL A 9 -5.20 5.80 6.30
N GLU A 10 -5.88 6.91 6.04
CA GLU A 10 -7.26 7.04 6.49
C GLU A 10 -8.13 5.92 5.93
N GLY A 11 -9.15 5.53 6.70
CA GLY A 11 -9.97 4.35 6.42
C GLY A 11 -11.01 4.57 5.31
N MET A 12 -10.60 5.28 4.25
CA MET A 12 -11.33 5.46 3.02
C MET A 12 -12.81 5.80 3.24
N THR A 13 -13.68 5.21 2.40
CA THR A 13 -15.12 5.31 2.51
C THR A 13 -15.74 3.91 2.56
N CYS A 14 -15.24 2.96 1.75
CA CYS A 14 -15.87 1.66 1.58
C CYS A 14 -14.86 0.71 0.96
N HIS A 15 -15.17 -0.59 1.00
CA HIS A 15 -14.30 -1.64 0.48
C HIS A 15 -13.92 -1.43 -0.99
N SER A 16 -14.77 -0.73 -1.75
CA SER A 16 -14.43 -0.31 -3.09
C SER A 16 -13.07 0.37 -3.12
N CYS A 17 -12.80 1.27 -2.16
CA CYS A 17 -11.58 2.05 -2.12
C CYS A 17 -10.38 1.13 -1.88
N THR A 18 -10.43 0.36 -0.79
CA THR A 18 -9.39 -0.58 -0.42
C THR A 18 -9.10 -1.49 -1.60
N SER A 19 -10.14 -2.16 -2.10
CA SER A 19 -10.05 -3.08 -3.22
C SER A 19 -9.45 -2.39 -4.46
N THR A 20 -9.91 -1.18 -4.80
CA THR A 20 -9.35 -0.44 -5.93
C THR A 20 -7.85 -0.25 -5.73
N ILE A 21 -7.42 0.23 -4.56
CA ILE A 21 -6.02 0.35 -4.23
C ILE A 21 -5.33 -1.01 -4.39
N GLU A 22 -5.91 -2.08 -3.83
CA GLU A 22 -5.35 -3.40 -3.85
C GLU A 22 -5.08 -3.86 -5.29
N GLY A 23 -6.08 -3.74 -6.16
CA GLY A 23 -5.94 -3.99 -7.59
C GLY A 23 -4.88 -3.09 -8.23
N LYS A 24 -5.01 -1.77 -8.07
CA LYS A 24 -4.14 -0.78 -8.69
C LYS A 24 -2.68 -1.08 -8.37
N ILE A 25 -2.40 -1.27 -7.09
CA ILE A 25 -1.08 -1.62 -6.60
C ILE A 25 -0.66 -2.97 -7.15
N GLY A 26 -1.52 -3.99 -7.06
CA GLY A 26 -1.30 -5.28 -7.70
C GLY A 26 -0.86 -5.14 -9.17
N LYS A 27 -1.40 -4.16 -9.87
CA LYS A 27 -1.10 -3.93 -11.28
C LYS A 27 0.34 -3.43 -11.52
N LEU A 28 1.06 -2.95 -10.50
CA LEU A 28 2.39 -2.40 -10.68
C LEU A 28 3.45 -3.48 -10.85
N GLN A 29 4.44 -3.19 -11.69
CA GLN A 29 5.47 -4.14 -12.08
C GLN A 29 6.56 -4.33 -11.03
N GLY A 30 6.19 -4.86 -9.87
CA GLY A 30 7.08 -4.91 -8.71
C GLY A 30 6.45 -5.34 -7.38
N VAL A 31 5.25 -5.91 -7.38
CA VAL A 31 4.51 -6.16 -6.16
C VAL A 31 4.42 -7.67 -5.89
N GLN A 32 4.49 -8.03 -4.61
CA GLN A 32 4.45 -9.41 -4.12
C GLN A 32 3.10 -9.67 -3.42
N ARG A 33 2.67 -8.74 -2.58
CA ARG A 33 1.47 -8.86 -1.77
C ARG A 33 1.09 -7.47 -1.29
N ILE A 34 -0.07 -7.36 -0.69
CA ILE A 34 -0.62 -6.12 -0.26
C ILE A 34 -1.66 -6.50 0.79
N LYS A 35 -1.78 -5.67 1.82
CA LYS A 35 -2.71 -5.88 2.91
C LYS A 35 -3.33 -4.56 3.37
N VAL A 36 -4.40 -4.12 2.71
CA VAL A 36 -5.03 -2.81 2.93
C VAL A 36 -6.21 -2.93 3.90
N SER A 37 -6.04 -2.48 5.15
CA SER A 37 -7.07 -2.56 6.18
C SER A 37 -7.65 -1.17 6.49
N LEU A 38 -8.97 -1.06 6.59
CA LEU A 38 -9.65 0.19 6.93
C LEU A 38 -9.89 0.26 8.44
N ASP A 39 -10.42 -0.81 9.02
CA ASP A 39 -10.77 -0.91 10.44
C ASP A 39 -9.58 -0.50 11.31
N ASN A 40 -8.46 -1.16 11.05
CA ASN A 40 -7.23 -0.95 11.78
C ASN A 40 -6.48 0.31 11.30
N GLN A 41 -7.03 1.00 10.30
CA GLN A 41 -6.51 2.22 9.70
C GLN A 41 -5.02 2.05 9.34
N GLU A 42 -4.75 1.04 8.50
CA GLU A 42 -3.38 0.70 8.14
C GLU A 42 -3.34 -0.04 6.80
N ALA A 43 -2.46 0.42 5.91
CA ALA A 43 -2.18 -0.16 4.62
C ALA A 43 -0.78 -0.77 4.65
N THR A 44 -0.73 -2.08 4.51
CA THR A 44 0.49 -2.86 4.28
C THR A 44 0.69 -2.95 2.78
N ILE A 45 1.91 -2.72 2.29
CA ILE A 45 2.22 -2.96 0.89
C ILE A 45 3.48 -3.83 0.88
N VAL A 46 3.44 -4.94 0.13
CA VAL A 46 4.52 -5.92 0.10
C VAL A 46 5.09 -5.99 -1.31
N TYR A 47 6.29 -5.44 -1.52
CA TYR A 47 6.84 -5.26 -2.86
C TYR A 47 8.23 -5.87 -2.97
N GLN A 48 8.71 -6.04 -4.20
CA GLN A 48 10.03 -6.57 -4.46
C GLN A 48 11.01 -5.40 -4.59
N PRO A 49 12.08 -5.37 -3.78
CA PRO A 49 13.04 -4.28 -3.84
C PRO A 49 13.72 -4.29 -5.20
N HIS A 50 14.04 -3.10 -5.72
CA HIS A 50 14.67 -2.88 -7.02
C HIS A 50 13.63 -2.78 -8.14
N LEU A 51 12.42 -3.33 -7.98
CA LEU A 51 11.41 -3.27 -9.04
C LEU A 51 10.57 -2.00 -8.92
N ILE A 52 10.09 -1.68 -7.71
CA ILE A 52 9.18 -0.57 -7.43
C ILE A 52 9.64 0.13 -6.14
N SER A 53 9.25 1.40 -5.94
CA SER A 53 9.70 2.21 -4.82
C SER A 53 8.55 2.54 -3.88
N VAL A 54 8.87 3.10 -2.71
CA VAL A 54 7.89 3.67 -1.79
C VAL A 54 6.96 4.67 -2.50
N GLU A 55 7.53 5.51 -3.37
CA GLU A 55 6.80 6.63 -3.94
C GLU A 55 5.66 6.07 -4.80
N GLU A 56 5.94 5.17 -5.74
CA GLU A 56 4.96 4.40 -6.50
C GLU A 56 3.78 3.98 -5.62
N MET A 57 4.03 3.22 -4.55
CA MET A 57 2.99 2.92 -3.58
C MET A 57 2.23 4.17 -3.13
N LYS A 58 2.92 5.10 -2.45
CA LYS A 58 2.27 6.25 -1.85
C LYS A 58 1.59 7.11 -2.90
N LYS A 59 2.30 7.64 -3.87
CA LYS A 59 1.75 8.31 -5.04
C LYS A 59 0.46 7.63 -5.48
N GLN A 60 0.46 6.33 -5.76
CA GLN A 60 -0.78 5.68 -6.17
C GLN A 60 -1.88 5.77 -5.09
N ILE A 61 -1.52 5.55 -3.82
CA ILE A 61 -2.45 5.57 -2.70
C ILE A 61 -2.92 6.99 -2.42
N GLU A 62 -2.01 7.89 -1.98
CA GLU A 62 -2.26 9.32 -1.89
C GLU A 62 -3.12 9.84 -3.05
N ALA A 63 -2.80 9.46 -4.30
CA ALA A 63 -3.53 9.95 -5.46
C ALA A 63 -5.03 9.70 -5.37
N MET A 64 -5.46 8.62 -4.71
CA MET A 64 -6.88 8.38 -4.47
C MET A 64 -7.48 9.51 -3.65
N GLY A 65 -6.74 10.00 -2.66
CA GLY A 65 -7.12 11.12 -1.81
C GLY A 65 -6.76 10.86 -0.35
N PHE A 66 -6.40 9.62 -0.01
CA PHE A 66 -6.22 9.17 1.35
C PHE A 66 -4.76 9.39 1.76
N PRO A 67 -4.46 10.33 2.68
CA PRO A 67 -3.09 10.61 3.07
C PRO A 67 -2.54 9.42 3.86
N ALA A 68 -1.33 8.96 3.53
CA ALA A 68 -0.72 7.78 4.10
C ALA A 68 0.59 8.09 4.80
N PHE A 69 0.87 7.45 5.93
CA PHE A 69 2.05 7.70 6.76
C PHE A 69 2.92 6.45 6.80
N VAL A 70 3.68 6.25 5.74
CA VAL A 70 4.68 5.20 5.58
C VAL A 70 5.81 5.35 6.60
N LYS A 71 5.86 4.46 7.61
CA LYS A 71 6.91 4.48 8.61
C LYS A 71 7.16 3.10 9.25
N LYS A 72 7.52 2.12 8.44
CA LYS A 72 7.82 0.77 8.91
C LYS A 72 8.68 0.08 7.86
N ILE A 73 9.40 -0.99 8.22
CA ILE A 73 10.28 -1.67 7.28
C ILE A 73 10.49 -3.11 7.73
N GLU A 74 9.38 -3.83 7.90
CA GLU A 74 9.41 -5.17 8.48
C GLU A 74 9.67 -6.15 7.34
N GLY A 75 10.90 -6.11 6.80
CA GLY A 75 11.35 -6.93 5.69
C GLY A 75 11.15 -8.43 5.91
N ARG A 76 11.00 -8.86 7.16
CA ARG A 76 10.51 -10.16 7.54
C ARG A 76 9.97 -10.01 8.96
CU CU1 B . -14.88 2.74 -1.57
N GLY A 1 13.01 -12.79 0.30
CA GLY A 1 11.61 -12.40 0.10
C GLY A 1 11.54 -10.90 -0.14
N GLU A 2 10.36 -10.36 -0.41
CA GLU A 2 10.13 -8.94 -0.52
C GLU A 2 10.02 -8.30 0.87
N VAL A 3 9.83 -6.98 0.90
CA VAL A 3 9.72 -6.17 2.11
C VAL A 3 8.27 -5.76 2.27
N VAL A 4 7.78 -5.75 3.51
CA VAL A 4 6.45 -5.26 3.86
C VAL A 4 6.59 -3.79 4.29
N LEU A 5 5.87 -2.89 3.60
CA LEU A 5 5.70 -1.51 4.02
C LEU A 5 4.35 -1.44 4.69
N LYS A 6 4.22 -0.65 5.78
CA LYS A 6 2.95 -0.42 6.43
C LYS A 6 2.70 1.08 6.34
N MET A 7 1.53 1.45 5.80
CA MET A 7 1.11 2.82 5.59
C MET A 7 -0.23 3.02 6.28
N LYS A 8 -0.28 3.93 7.25
CA LYS A 8 -1.54 4.27 7.92
C LYS A 8 -2.33 5.17 6.98
N VAL A 9 -3.54 4.76 6.61
CA VAL A 9 -4.41 5.51 5.69
C VAL A 9 -5.52 6.12 6.52
N GLU A 10 -6.09 7.25 6.07
CA GLU A 10 -7.18 7.89 6.77
C GLU A 10 -8.45 7.89 5.92
N GLY A 11 -9.62 7.86 6.57
CA GLY A 11 -10.92 7.97 5.90
C GLY A 11 -11.39 6.67 5.24
N MET A 12 -10.47 5.83 4.78
CA MET A 12 -10.79 4.57 4.11
C MET A 12 -11.41 3.55 5.07
N THR A 13 -12.72 3.64 5.25
CA THR A 13 -13.49 2.82 6.19
C THR A 13 -14.48 1.90 5.48
N CYS A 14 -14.46 1.82 4.14
CA CYS A 14 -15.40 1.02 3.37
C CYS A 14 -14.66 0.11 2.37
N HIS A 15 -15.15 -1.13 2.25
CA HIS A 15 -14.51 -2.20 1.50
C HIS A 15 -14.20 -1.80 0.06
N SER A 16 -15.05 -0.93 -0.50
CA SER A 16 -14.83 -0.29 -1.78
C SER A 16 -13.41 0.27 -1.90
N CYS A 17 -12.97 1.11 -0.96
CA CYS A 17 -11.71 1.82 -1.10
C CYS A 17 -10.55 0.82 -1.10
N THR A 18 -10.49 0.00 -0.06
CA THR A 18 -9.46 -1.03 0.04
C THR A 18 -9.44 -1.85 -1.25
N SER A 19 -10.57 -2.43 -1.66
CA SER A 19 -10.65 -3.28 -2.85
C SER A 19 -10.18 -2.52 -4.09
N THR A 20 -10.63 -1.29 -4.30
CA THR A 20 -10.20 -0.48 -5.44
C THR A 20 -8.67 -0.31 -5.43
N ILE A 21 -8.09 0.09 -4.30
CA ILE A 21 -6.67 0.29 -4.21
C ILE A 21 -5.96 -1.06 -4.44
N GLU A 22 -6.45 -2.14 -3.84
CA GLU A 22 -5.93 -3.48 -4.03
C GLU A 22 -5.91 -3.86 -5.50
N GLY A 23 -7.03 -3.64 -6.20
CA GLY A 23 -7.14 -3.82 -7.63
C GLY A 23 -6.07 -3.04 -8.38
N LYS A 24 -5.95 -1.73 -8.11
CA LYS A 24 -5.01 -0.89 -8.84
C LYS A 24 -3.57 -1.31 -8.55
N ILE A 25 -3.19 -1.23 -7.28
CA ILE A 25 -1.83 -1.44 -6.82
C ILE A 25 -1.40 -2.89 -7.05
N GLY A 26 -2.36 -3.82 -6.99
CA GLY A 26 -2.14 -5.21 -7.41
C GLY A 26 -1.47 -5.31 -8.78
N LYS A 27 -1.68 -4.34 -9.67
CA LYS A 27 -1.14 -4.35 -11.01
C LYS A 27 0.21 -3.62 -11.11
N LEU A 28 0.84 -3.20 -10.01
CA LEU A 28 2.16 -2.59 -10.08
C LEU A 28 3.23 -3.62 -10.47
N GLN A 29 4.35 -3.09 -10.98
CA GLN A 29 5.49 -3.85 -11.48
C GLN A 29 6.63 -3.82 -10.44
N GLY A 30 6.56 -4.71 -9.44
CA GLY A 30 7.49 -4.70 -8.32
C GLY A 30 6.89 -5.11 -6.96
N VAL A 31 5.67 -5.66 -6.95
CA VAL A 31 4.93 -6.05 -5.76
C VAL A 31 4.55 -7.51 -5.85
N GLN A 32 4.85 -8.30 -4.81
CA GLN A 32 4.37 -9.67 -4.73
C GLN A 32 2.98 -9.75 -4.09
N ARG A 33 2.67 -8.91 -3.09
CA ARG A 33 1.46 -9.03 -2.29
C ARG A 33 1.12 -7.66 -1.74
N ILE A 34 -0.08 -7.56 -1.20
CA ILE A 34 -0.67 -6.35 -0.73
C ILE A 34 -1.73 -6.81 0.28
N LYS A 35 -1.87 -6.07 1.37
CA LYS A 35 -2.86 -6.33 2.41
C LYS A 35 -3.44 -5.00 2.92
N VAL A 36 -4.42 -4.45 2.20
CA VAL A 36 -5.01 -3.14 2.50
C VAL A 36 -6.16 -3.32 3.49
N SER A 37 -6.05 -2.75 4.70
CA SER A 37 -7.10 -2.87 5.70
C SER A 37 -7.96 -1.61 5.64
N LEU A 38 -8.90 -1.50 6.58
CA LEU A 38 -9.80 -0.38 6.70
C LEU A 38 -10.14 -0.16 8.17
N ASP A 39 -10.50 -1.23 8.88
CA ASP A 39 -10.84 -1.23 10.29
C ASP A 39 -9.83 -0.44 11.10
N ASN A 40 -8.57 -0.85 10.95
CA ASN A 40 -7.47 -0.27 11.69
C ASN A 40 -6.80 0.85 10.89
N GLN A 41 -7.52 1.39 9.89
CA GLN A 41 -7.10 2.43 8.96
C GLN A 41 -5.62 2.31 8.56
N GLU A 42 -5.25 1.18 7.94
CA GLU A 42 -3.87 0.89 7.62
C GLU A 42 -3.84 0.02 6.37
N ALA A 43 -2.72 0.07 5.65
CA ALA A 43 -2.51 -0.70 4.44
C ALA A 43 -1.09 -1.28 4.45
N THR A 44 -1.00 -2.58 4.19
CA THR A 44 0.23 -3.31 3.97
C THR A 44 0.47 -3.33 2.47
N ILE A 45 1.68 -3.02 2.02
CA ILE A 45 2.07 -3.20 0.64
C ILE A 45 3.34 -4.04 0.67
N VAL A 46 3.39 -5.17 -0.04
CA VAL A 46 4.59 -6.00 -0.06
C VAL A 46 5.32 -5.77 -1.37
N TYR A 47 6.57 -5.29 -1.33
CA TYR A 47 7.28 -4.89 -2.52
C TYR A 47 8.75 -5.25 -2.49
N GLN A 48 9.35 -5.27 -3.68
CA GLN A 48 10.74 -5.63 -3.86
C GLN A 48 11.61 -4.38 -3.98
N PRO A 49 12.54 -4.12 -3.03
CA PRO A 49 13.41 -2.95 -3.04
C PRO A 49 14.46 -3.07 -4.15
N HIS A 50 14.01 -2.90 -5.40
CA HIS A 50 14.83 -2.93 -6.61
C HIS A 50 13.97 -2.56 -7.82
N LEU A 51 12.75 -3.09 -7.88
CA LEU A 51 11.87 -2.85 -9.02
C LEU A 51 11.15 -1.51 -8.89
N ILE A 52 10.66 -1.19 -7.69
CA ILE A 52 9.82 -0.04 -7.42
C ILE A 52 10.19 0.47 -6.02
N SER A 53 9.87 1.73 -5.68
CA SER A 53 10.28 2.33 -4.42
C SER A 53 9.08 2.77 -3.57
N VAL A 54 9.35 3.11 -2.31
CA VAL A 54 8.40 3.71 -1.37
C VAL A 54 7.58 4.82 -2.04
N GLU A 55 8.26 5.75 -2.71
CA GLU A 55 7.61 6.92 -3.26
C GLU A 55 6.66 6.52 -4.39
N GLU A 56 7.02 5.61 -5.29
CA GLU A 56 6.09 5.07 -6.28
C GLU A 56 4.81 4.64 -5.57
N MET A 57 4.94 3.83 -4.53
CA MET A 57 3.78 3.38 -3.77
C MET A 57 2.97 4.58 -3.25
N LYS A 58 3.56 5.43 -2.40
CA LYS A 58 2.83 6.57 -1.86
C LYS A 58 2.30 7.48 -2.96
N LYS A 59 3.14 8.01 -3.82
CA LYS A 59 2.74 8.90 -4.90
C LYS A 59 1.55 8.31 -5.64
N GLN A 60 1.63 7.03 -6.03
CA GLN A 60 0.50 6.39 -6.70
C GLN A 60 -0.73 6.34 -5.80
N ILE A 61 -0.57 5.96 -4.53
CA ILE A 61 -1.68 5.83 -3.58
C ILE A 61 -2.26 7.20 -3.23
N GLU A 62 -1.47 8.07 -2.58
CA GLU A 62 -1.85 9.44 -2.34
C GLU A 62 -2.50 10.10 -3.56
N ALA A 63 -1.99 9.87 -4.77
CA ALA A 63 -2.58 10.46 -5.98
C ALA A 63 -4.08 10.16 -6.11
N MET A 64 -4.54 9.01 -5.62
CA MET A 64 -5.96 8.70 -5.57
C MET A 64 -6.72 9.76 -4.79
N GLY A 65 -6.16 10.21 -3.66
CA GLY A 65 -6.73 11.23 -2.79
C GLY A 65 -6.48 10.90 -1.32
N PHE A 66 -6.20 9.63 -1.03
CA PHE A 66 -6.13 9.10 0.32
C PHE A 66 -4.73 9.35 0.92
N PRO A 67 -4.57 10.23 1.91
CA PRO A 67 -3.27 10.44 2.52
C PRO A 67 -2.84 9.15 3.23
N ALA A 68 -1.56 8.77 3.12
CA ALA A 68 -1.07 7.52 3.69
C ALA A 68 0.35 7.68 4.26
N PHE A 69 0.57 7.14 5.46
CA PHE A 69 1.81 7.33 6.20
C PHE A 69 2.71 6.11 6.06
N VAL A 70 3.28 5.95 4.86
CA VAL A 70 4.24 4.90 4.53
C VAL A 70 5.46 4.91 5.43
N LYS A 71 5.44 4.11 6.50
CA LYS A 71 6.57 3.97 7.40
C LYS A 71 6.47 2.64 8.16
N LYS A 72 6.95 1.55 7.57
CA LYS A 72 7.34 0.34 8.25
C LYS A 72 8.30 -0.36 7.31
N ILE A 73 9.11 -1.28 7.82
CA ILE A 73 9.88 -2.21 7.02
C ILE A 73 9.78 -3.54 7.77
N GLU A 74 8.61 -4.18 7.71
CA GLU A 74 8.43 -5.52 8.26
C GLU A 74 8.71 -6.56 7.16
N GLY A 75 8.67 -7.84 7.53
CA GLY A 75 8.84 -8.99 6.64
C GLY A 75 8.01 -10.13 7.20
N ARG A 76 7.63 -11.11 6.38
CA ARG A 76 6.71 -12.18 6.74
C ARG A 76 6.69 -13.16 5.56
CU CU1 B . -14.74 3.12 0.16
N GLY A 1 13.42 -11.38 1.71
CA GLY A 1 12.83 -11.78 0.42
C GLY A 1 12.36 -10.51 -0.30
N GLU A 2 11.05 -10.31 -0.32
CA GLU A 2 10.40 -9.04 -0.52
C GLU A 2 10.55 -8.18 0.75
N VAL A 3 9.90 -7.02 0.79
CA VAL A 3 9.75 -6.17 1.95
C VAL A 3 8.27 -5.82 2.08
N VAL A 4 7.79 -5.80 3.33
CA VAL A 4 6.47 -5.33 3.70
C VAL A 4 6.65 -3.95 4.33
N LEU A 5 5.90 -2.97 3.82
CA LEU A 5 5.77 -1.66 4.42
C LEU A 5 4.33 -1.55 4.91
N LYS A 6 4.10 -0.74 5.96
CA LYS A 6 2.77 -0.45 6.47
C LYS A 6 2.57 1.07 6.41
N MET A 7 1.55 1.53 5.69
CA MET A 7 1.10 2.91 5.75
C MET A 7 -0.16 2.97 6.60
N LYS A 8 -0.30 3.99 7.45
CA LYS A 8 -1.60 4.28 8.01
C LYS A 8 -2.36 5.14 7.01
N VAL A 9 -3.63 4.86 6.73
CA VAL A 9 -4.41 5.62 5.77
C VAL A 9 -5.65 6.16 6.46
N GLU A 10 -6.06 7.37 6.10
CA GLU A 10 -7.20 8.05 6.73
C GLU A 10 -8.32 8.20 5.71
N GLY A 11 -9.56 8.02 6.14
CA GLY A 11 -10.77 8.30 5.37
C GLY A 11 -11.41 7.03 4.81
N MET A 12 -10.61 6.03 4.43
CA MET A 12 -11.13 4.81 3.84
C MET A 12 -11.91 3.97 4.86
N THR A 13 -13.23 4.13 4.87
CA THR A 13 -14.13 3.43 5.79
C THR A 13 -15.02 2.41 5.09
N CYS A 14 -14.60 1.84 3.96
CA CYS A 14 -15.31 0.73 3.31
C CYS A 14 -14.31 -0.14 2.56
N HIS A 15 -14.70 -1.39 2.26
CA HIS A 15 -13.81 -2.32 1.59
C HIS A 15 -13.70 -2.03 0.09
N SER A 16 -14.57 -1.17 -0.45
CA SER A 16 -14.51 -0.79 -1.85
C SER A 16 -13.18 -0.09 -2.11
N CYS A 17 -12.89 0.97 -1.33
CA CYS A 17 -11.65 1.72 -1.49
C CYS A 17 -10.44 0.79 -1.38
N THR A 18 -10.40 0.00 -0.30
CA THR A 18 -9.31 -0.93 -0.04
C THR A 18 -9.08 -1.83 -1.25
N SER A 19 -10.11 -2.58 -1.66
CA SER A 19 -10.05 -3.49 -2.80
C SER A 19 -9.67 -2.74 -4.08
N THR A 20 -10.25 -1.58 -4.34
CA THR A 20 -9.89 -0.75 -5.49
C THR A 20 -8.39 -0.45 -5.51
N ILE A 21 -7.83 0.00 -4.38
CA ILE A 21 -6.42 0.28 -4.28
C ILE A 21 -5.60 -1.00 -4.46
N GLU A 22 -5.96 -2.06 -3.73
CA GLU A 22 -5.37 -3.38 -3.87
C GLU A 22 -5.29 -3.77 -5.35
N GLY A 23 -6.39 -3.62 -6.08
CA GLY A 23 -6.45 -3.83 -7.51
C GLY A 23 -5.49 -2.93 -8.29
N LYS A 24 -5.63 -1.60 -8.14
CA LYS A 24 -4.87 -0.63 -8.92
C LYS A 24 -3.38 -0.87 -8.72
N ILE A 25 -2.97 -0.84 -7.46
CA ILE A 25 -1.57 -0.93 -7.08
C ILE A 25 -1.06 -2.36 -7.33
N GLY A 26 -1.92 -3.37 -7.20
CA GLY A 26 -1.61 -4.74 -7.59
C GLY A 26 -1.06 -4.83 -9.02
N LYS A 27 -1.48 -3.93 -9.92
CA LYS A 27 -1.02 -3.92 -11.30
C LYS A 27 0.38 -3.29 -11.47
N LEU A 28 1.01 -2.76 -10.41
CA LEU A 28 2.37 -2.26 -10.51
C LEU A 28 3.37 -3.39 -10.69
N GLN A 29 4.29 -3.23 -11.63
CA GLN A 29 5.40 -4.16 -11.79
C GLN A 29 6.45 -3.92 -10.72
N GLY A 30 6.65 -4.90 -9.84
CA GLY A 30 7.64 -4.86 -8.78
C GLY A 30 7.04 -5.24 -7.43
N VAL A 31 5.71 -5.35 -7.39
CA VAL A 31 4.99 -5.76 -6.21
C VAL A 31 4.96 -7.28 -6.13
N GLN A 32 4.89 -7.80 -4.91
CA GLN A 32 4.73 -9.20 -4.59
C GLN A 32 3.33 -9.43 -4.02
N ARG A 33 2.84 -8.52 -3.17
CA ARG A 33 1.52 -8.60 -2.60
C ARG A 33 1.14 -7.22 -2.06
N ILE A 34 -0.09 -7.10 -1.65
CA ILE A 34 -0.66 -5.90 -1.10
C ILE A 34 -1.83 -6.40 -0.26
N LYS A 35 -2.06 -5.75 0.87
CA LYS A 35 -3.17 -5.98 1.77
C LYS A 35 -3.63 -4.64 2.34
N VAL A 36 -4.93 -4.46 2.61
CA VAL A 36 -5.40 -3.27 3.29
C VAL A 36 -6.44 -3.66 4.35
N SER A 37 -6.46 -2.91 5.47
CA SER A 37 -7.26 -3.12 6.67
C SER A 37 -8.08 -1.87 6.97
N LEU A 38 -9.26 -2.07 7.55
CA LEU A 38 -10.28 -1.05 7.77
C LEU A 38 -10.23 -0.52 9.21
N ASP A 39 -10.34 -1.42 10.19
CA ASP A 39 -10.45 -1.11 11.61
C ASP A 39 -9.35 -0.15 12.03
N ASN A 40 -8.11 -0.60 11.81
CA ASN A 40 -6.93 0.17 12.15
C ASN A 40 -6.57 1.15 11.01
N GLN A 41 -7.38 1.14 9.93
CA GLN A 41 -7.25 1.90 8.71
C GLN A 41 -5.80 1.95 8.24
N GLU A 42 -5.31 0.80 7.77
CA GLU A 42 -3.89 0.54 7.59
C GLU A 42 -3.67 -0.24 6.30
N ALA A 43 -2.56 0.01 5.60
CA ALA A 43 -2.29 -0.44 4.25
C ALA A 43 -0.93 -1.13 4.20
N THR A 44 -0.95 -2.43 3.94
CA THR A 44 0.17 -3.34 3.76
C THR A 44 0.58 -3.36 2.29
N ILE A 45 1.81 -2.97 1.97
CA ILE A 45 2.30 -3.03 0.61
C ILE A 45 3.54 -3.91 0.65
N VAL A 46 3.56 -4.96 -0.18
CA VAL A 46 4.55 -6.01 -0.15
C VAL A 46 5.27 -6.01 -1.48
N TYR A 47 6.50 -5.51 -1.54
CA TYR A 47 7.17 -5.22 -2.80
C TYR A 47 8.63 -5.63 -2.77
N GLN A 48 9.24 -5.65 -3.96
CA GLN A 48 10.59 -6.10 -4.16
C GLN A 48 11.52 -4.88 -4.29
N PRO A 49 12.36 -4.59 -3.28
CA PRO A 49 13.20 -3.39 -3.26
C PRO A 49 14.31 -3.49 -4.29
N HIS A 50 13.96 -3.13 -5.53
CA HIS A 50 14.80 -3.04 -6.71
C HIS A 50 13.92 -2.67 -7.89
N LEU A 51 12.74 -3.32 -8.00
CA LEU A 51 11.86 -3.11 -9.15
C LEU A 51 11.11 -1.80 -9.01
N ILE A 52 10.46 -1.60 -7.87
CA ILE A 52 9.66 -0.44 -7.55
C ILE A 52 10.05 0.01 -6.12
N SER A 53 9.48 1.12 -5.63
CA SER A 53 9.80 1.65 -4.31
C SER A 53 8.52 2.07 -3.58
N VAL A 54 8.69 2.41 -2.30
CA VAL A 54 7.70 3.12 -1.52
C VAL A 54 7.16 4.34 -2.28
N GLU A 55 7.99 5.02 -3.06
CA GLU A 55 7.62 6.31 -3.61
C GLU A 55 6.53 6.13 -4.66
N GLU A 56 6.68 5.19 -5.59
CA GLU A 56 5.70 4.84 -6.58
C GLU A 56 4.43 4.41 -5.86
N MET A 57 4.56 3.47 -4.90
CA MET A 57 3.43 3.08 -4.08
C MET A 57 2.67 4.29 -3.52
N LYS A 58 3.33 5.16 -2.75
CA LYS A 58 2.67 6.35 -2.23
C LYS A 58 2.13 7.21 -3.37
N LYS A 59 2.96 7.67 -4.29
CA LYS A 59 2.58 8.56 -5.36
C LYS A 59 1.28 8.05 -5.98
N GLN A 60 1.25 6.76 -6.31
CA GLN A 60 0.05 6.17 -6.89
C GLN A 60 -1.12 6.20 -5.89
N ILE A 61 -0.88 5.83 -4.63
CA ILE A 61 -1.92 5.79 -3.60
C ILE A 61 -2.37 7.21 -3.23
N GLU A 62 -1.51 8.02 -2.62
CA GLU A 62 -1.80 9.41 -2.33
C GLU A 62 -2.43 10.14 -3.52
N ALA A 63 -2.01 9.86 -4.77
CA ALA A 63 -2.63 10.50 -5.94
C ALA A 63 -4.14 10.29 -6.01
N MET A 64 -4.65 9.14 -5.53
CA MET A 64 -6.08 8.92 -5.42
C MET A 64 -6.74 10.03 -4.62
N GLY A 65 -6.09 10.45 -3.53
CA GLY A 65 -6.55 11.51 -2.64
C GLY A 65 -6.32 11.14 -1.18
N PHE A 66 -6.13 9.85 -0.89
CA PHE A 66 -6.07 9.33 0.46
C PHE A 66 -4.69 9.61 1.06
N PRO A 67 -4.57 10.45 2.09
CA PRO A 67 -3.28 10.71 2.71
C PRO A 67 -2.78 9.43 3.38
N ALA A 68 -1.50 9.11 3.22
CA ALA A 68 -0.91 7.88 3.73
C ALA A 68 0.38 8.13 4.51
N PHE A 69 0.45 7.54 5.70
CA PHE A 69 1.54 7.62 6.65
C PHE A 69 2.35 6.34 6.60
N VAL A 70 3.20 6.21 5.57
CA VAL A 70 4.18 5.14 5.47
C VAL A 70 5.19 5.22 6.61
N LYS A 71 5.12 4.29 7.58
CA LYS A 71 6.04 4.28 8.71
C LYS A 71 6.19 2.89 9.34
N LYS A 72 6.55 1.88 8.53
CA LYS A 72 6.89 0.54 8.98
C LYS A 72 7.76 -0.10 7.90
N ILE A 73 8.55 -1.11 8.28
CA ILE A 73 9.48 -1.81 7.41
C ILE A 73 9.55 -3.27 7.90
N GLU A 74 8.39 -3.93 7.95
CA GLU A 74 8.29 -5.27 8.55
C GLU A 74 8.71 -6.32 7.52
N GLY A 75 9.97 -6.26 7.05
CA GLY A 75 10.53 -7.26 6.15
C GLY A 75 10.23 -8.67 6.68
N ARG A 76 9.33 -9.38 6.00
CA ARG A 76 8.64 -10.52 6.60
C ARG A 76 9.55 -11.74 6.69
CU CU1 B . -14.37 3.55 1.18
N GLY A 1 9.67 -13.33 -0.38
CA GLY A 1 9.89 -12.55 0.86
C GLY A 1 10.45 -11.22 0.40
N GLU A 2 9.89 -10.12 0.89
CA GLU A 2 9.88 -8.85 0.20
C GLU A 2 9.76 -7.73 1.22
N VAL A 3 9.81 -6.47 0.78
CA VAL A 3 9.78 -5.36 1.69
C VAL A 3 8.33 -5.01 1.97
N VAL A 4 7.97 -5.25 3.23
CA VAL A 4 6.68 -4.88 3.80
C VAL A 4 6.79 -3.40 4.15
N LEU A 5 5.83 -2.60 3.70
CA LEU A 5 5.63 -1.24 4.14
C LEU A 5 4.26 -1.20 4.79
N LYS A 6 4.20 -0.77 6.06
CA LYS A 6 2.96 -0.52 6.76
C LYS A 6 2.75 1.00 6.71
N MET A 7 1.66 1.42 6.08
CA MET A 7 1.25 2.81 5.98
C MET A 7 -0.09 2.97 6.67
N LYS A 8 -0.19 3.90 7.62
CA LYS A 8 -1.50 4.22 8.18
C LYS A 8 -2.29 4.95 7.11
N VAL A 9 -3.58 4.66 6.93
CA VAL A 9 -4.42 5.31 5.95
C VAL A 9 -5.68 5.78 6.65
N GLU A 10 -6.13 6.97 6.31
CA GLU A 10 -7.29 7.60 6.94
C GLU A 10 -8.49 7.43 6.01
N GLY A 11 -9.70 7.35 6.56
CA GLY A 11 -10.92 7.47 5.77
C GLY A 11 -11.32 6.20 5.03
N MET A 12 -10.36 5.47 4.45
CA MET A 12 -10.62 4.24 3.73
C MET A 12 -11.20 3.17 4.67
N THR A 13 -12.52 3.20 4.83
CA THR A 13 -13.29 2.31 5.68
C THR A 13 -14.66 2.11 5.04
N CYS A 14 -14.63 1.82 3.74
CA CYS A 14 -15.79 1.61 2.87
C CYS A 14 -15.67 0.29 2.10
N HIS A 15 -14.54 -0.42 2.21
CA HIS A 15 -14.19 -1.59 1.40
C HIS A 15 -13.96 -1.27 -0.09
N SER A 16 -14.56 -0.20 -0.64
CA SER A 16 -14.40 0.20 -2.03
C SER A 16 -12.98 0.68 -2.31
N CYS A 17 -12.62 1.89 -1.86
CA CYS A 17 -11.35 2.56 -2.10
C CYS A 17 -10.16 1.61 -1.92
N THR A 18 -10.11 0.96 -0.76
CA THR A 18 -9.11 -0.04 -0.43
C THR A 18 -9.01 -1.09 -1.54
N SER A 19 -10.14 -1.67 -1.97
CA SER A 19 -10.16 -2.72 -2.99
C SER A 19 -9.71 -2.16 -4.33
N THR A 20 -10.19 -0.97 -4.72
CA THR A 20 -9.71 -0.28 -5.91
C THR A 20 -8.18 -0.18 -5.89
N ILE A 21 -7.62 0.31 -4.79
CA ILE A 21 -6.17 0.40 -4.64
C ILE A 21 -5.54 -0.98 -4.73
N GLU A 22 -6.11 -1.98 -4.06
CA GLU A 22 -5.59 -3.34 -4.09
C GLU A 22 -5.48 -3.84 -5.53
N GLY A 23 -6.55 -3.68 -6.30
CA GLY A 23 -6.57 -3.96 -7.73
C GLY A 23 -5.45 -3.20 -8.46
N LYS A 24 -5.39 -1.88 -8.30
CA LYS A 24 -4.43 -1.05 -9.02
C LYS A 24 -3.00 -1.46 -8.70
N ILE A 25 -2.67 -1.46 -7.41
CA ILE A 25 -1.36 -1.80 -6.88
C ILE A 25 -0.95 -3.20 -7.33
N GLY A 26 -1.89 -4.15 -7.29
CA GLY A 26 -1.70 -5.51 -7.80
C GLY A 26 -1.10 -5.55 -9.22
N LYS A 27 -1.36 -4.54 -10.06
CA LYS A 27 -0.88 -4.52 -11.43
C LYS A 27 0.53 -3.89 -11.56
N LEU A 28 1.06 -3.23 -10.54
CA LEU A 28 2.33 -2.54 -10.68
C LEU A 28 3.51 -3.50 -10.69
N GLN A 29 4.37 -3.33 -11.69
CA GLN A 29 5.47 -4.24 -11.95
C GLN A 29 6.53 -4.14 -10.85
N GLY A 30 6.41 -4.95 -9.80
CA GLY A 30 7.27 -4.86 -8.64
C GLY A 30 6.60 -5.34 -7.36
N VAL A 31 5.27 -5.25 -7.30
CA VAL A 31 4.56 -5.65 -6.11
C VAL A 31 4.41 -7.18 -6.06
N GLN A 32 4.42 -7.73 -4.85
CA GLN A 32 4.35 -9.17 -4.60
C GLN A 32 3.20 -9.53 -3.66
N ARG A 33 2.83 -8.65 -2.71
CA ARG A 33 1.71 -8.87 -1.83
C ARG A 33 1.22 -7.51 -1.37
N ILE A 34 0.01 -7.46 -0.84
CA ILE A 34 -0.64 -6.27 -0.41
C ILE A 34 -1.69 -6.74 0.58
N LYS A 35 -1.88 -6.00 1.66
CA LYS A 35 -2.94 -6.22 2.62
C LYS A 35 -3.45 -4.87 3.16
N VAL A 36 -4.39 -4.24 2.44
CA VAL A 36 -4.98 -2.99 2.86
C VAL A 36 -6.10 -3.28 3.86
N SER A 37 -5.96 -2.86 5.13
CA SER A 37 -7.02 -3.04 6.12
C SER A 37 -7.87 -1.78 6.17
N LEU A 38 -9.04 -1.88 6.80
CA LEU A 38 -9.93 -0.75 7.02
C LEU A 38 -10.13 -0.52 8.52
N ASP A 39 -10.40 -1.59 9.27
CA ASP A 39 -10.77 -1.55 10.68
C ASP A 39 -9.80 -0.71 11.47
N ASN A 40 -8.51 -1.09 11.37
CA ASN A 40 -7.45 -0.46 12.11
C ASN A 40 -6.84 0.71 11.32
N GLN A 41 -7.53 1.14 10.25
CA GLN A 41 -7.11 2.16 9.29
C GLN A 41 -5.62 2.10 8.97
N GLU A 42 -5.18 0.94 8.46
CA GLU A 42 -3.78 0.66 8.19
C GLU A 42 -3.67 -0.22 6.96
N ALA A 43 -2.64 0.04 6.15
CA ALA A 43 -2.48 -0.54 4.85
C ALA A 43 -1.09 -1.15 4.71
N THR A 44 -1.05 -2.44 4.37
CA THR A 44 0.16 -3.20 4.12
C THR A 44 0.40 -3.18 2.62
N ILE A 45 1.59 -2.79 2.18
CA ILE A 45 2.00 -2.92 0.78
C ILE A 45 3.31 -3.70 0.78
N VAL A 46 3.39 -4.81 0.03
CA VAL A 46 4.58 -5.66 0.01
C VAL A 46 5.16 -5.76 -1.40
N TYR A 47 6.35 -5.19 -1.58
CA TYR A 47 6.94 -5.08 -2.90
C TYR A 47 8.40 -5.53 -2.92
N GLN A 48 8.92 -5.68 -4.14
CA GLN A 48 10.26 -6.17 -4.39
C GLN A 48 11.23 -4.99 -4.45
N PRO A 49 12.17 -4.86 -3.50
CA PRO A 49 12.99 -3.67 -3.36
C PRO A 49 14.06 -3.61 -4.44
N HIS A 50 13.63 -3.24 -5.65
CA HIS A 50 14.44 -3.00 -6.84
C HIS A 50 13.52 -2.50 -7.94
N LEU A 51 12.39 -3.18 -8.15
CA LEU A 51 11.52 -2.86 -9.28
C LEU A 51 10.71 -1.58 -9.01
N ILE A 52 10.17 -1.45 -7.81
CA ILE A 52 9.32 -0.36 -7.38
C ILE A 52 9.81 0.13 -6.01
N SER A 53 9.30 1.26 -5.53
CA SER A 53 9.78 1.93 -4.32
C SER A 53 8.62 2.45 -3.47
N VAL A 54 8.91 2.79 -2.20
CA VAL A 54 7.99 3.49 -1.31
C VAL A 54 7.29 4.63 -2.03
N GLU A 55 8.06 5.44 -2.77
CA GLU A 55 7.52 6.62 -3.41
C GLU A 55 6.44 6.21 -4.41
N GLU A 56 6.68 5.24 -5.29
CA GLU A 56 5.68 4.79 -6.23
C GLU A 56 4.43 4.34 -5.48
N MET A 57 4.59 3.50 -4.45
CA MET A 57 3.47 3.14 -3.60
C MET A 57 2.71 4.39 -3.12
N LYS A 58 3.36 5.30 -2.39
CA LYS A 58 2.69 6.52 -1.96
C LYS A 58 2.14 7.34 -3.11
N LYS A 59 2.96 7.86 -4.02
CA LYS A 59 2.55 8.65 -5.15
C LYS A 59 1.28 8.06 -5.76
N GLN A 60 1.31 6.76 -6.07
CA GLN A 60 0.15 6.12 -6.68
C GLN A 60 -1.05 6.07 -5.72
N ILE A 61 -0.82 5.82 -4.44
CA ILE A 61 -1.87 5.78 -3.43
C ILE A 61 -2.41 7.18 -3.15
N GLU A 62 -1.58 8.09 -2.61
CA GLU A 62 -1.92 9.48 -2.44
C GLU A 62 -2.63 10.06 -3.67
N ALA A 63 -2.21 9.70 -4.90
CA ALA A 63 -2.88 10.17 -6.11
C ALA A 63 -4.40 9.93 -6.09
N MET A 64 -4.87 8.83 -5.48
CA MET A 64 -6.28 8.57 -5.34
C MET A 64 -6.97 9.67 -4.51
N GLY A 65 -6.28 10.17 -3.49
CA GLY A 65 -6.76 11.22 -2.60
C GLY A 65 -6.56 10.84 -1.14
N PHE A 66 -6.23 9.57 -0.88
CA PHE A 66 -6.16 9.00 0.45
C PHE A 66 -4.79 9.30 1.06
N PRO A 67 -4.70 10.09 2.14
CA PRO A 67 -3.43 10.35 2.78
C PRO A 67 -2.91 9.07 3.42
N ALA A 68 -1.61 8.81 3.32
CA ALA A 68 -1.00 7.59 3.85
C ALA A 68 0.32 7.89 4.56
N PHE A 69 0.57 7.22 5.68
CA PHE A 69 1.76 7.41 6.52
C PHE A 69 2.63 6.17 6.48
N VAL A 70 3.32 5.99 5.35
CA VAL A 70 4.29 4.93 5.09
C VAL A 70 5.53 5.07 5.99
N LYS A 71 5.67 4.25 7.03
CA LYS A 71 6.83 4.30 7.89
C LYS A 71 7.09 3.00 8.68
N LYS A 72 7.20 1.85 7.99
CA LYS A 72 7.44 0.59 8.69
C LYS A 72 8.02 -0.46 7.74
N ILE A 73 9.34 -0.39 7.52
CA ILE A 73 10.06 -1.21 6.54
C ILE A 73 10.37 -2.58 7.15
N GLU A 74 9.33 -3.32 7.56
CA GLU A 74 9.48 -4.64 8.16
C GLU A 74 9.69 -5.71 7.08
N GLY A 75 10.79 -5.63 6.33
CA GLY A 75 11.10 -6.58 5.27
C GLY A 75 11.20 -8.02 5.78
N ARG A 76 10.60 -8.98 5.06
CA ARG A 76 10.59 -10.38 5.45
C ARG A 76 10.14 -11.24 4.27
CU CU1 B . -14.46 4.44 -0.60
N GLY A 1 12.96 -11.08 0.67
CA GLY A 1 13.01 -10.94 -0.80
C GLY A 1 12.01 -9.86 -1.21
N GLU A 2 10.77 -10.12 -0.84
CA GLU A 2 9.75 -9.13 -0.56
C GLU A 2 10.15 -8.30 0.67
N VAL A 3 9.57 -7.10 0.80
CA VAL A 3 9.54 -6.30 2.02
C VAL A 3 8.13 -5.73 2.17
N VAL A 4 7.63 -5.63 3.41
CA VAL A 4 6.35 -5.04 3.74
C VAL A 4 6.56 -3.56 4.05
N LEU A 5 5.61 -2.73 3.66
CA LEU A 5 5.56 -1.31 3.94
C LEU A 5 4.17 -1.03 4.52
N LYS A 6 4.10 -0.56 5.78
CA LYS A 6 2.84 -0.33 6.47
C LYS A 6 2.55 1.17 6.39
N MET A 7 1.37 1.54 5.89
CA MET A 7 0.94 2.91 5.76
C MET A 7 -0.36 3.10 6.55
N LYS A 8 -0.38 3.99 7.54
CA LYS A 8 -1.68 4.35 8.14
C LYS A 8 -2.43 5.22 7.15
N VAL A 9 -3.64 4.83 6.74
CA VAL A 9 -4.46 5.59 5.81
C VAL A 9 -5.66 6.14 6.55
N GLU A 10 -6.16 7.30 6.13
CA GLU A 10 -7.33 7.93 6.75
C GLU A 10 -8.48 7.95 5.73
N GLY A 11 -9.71 7.84 6.22
CA GLY A 11 -10.92 8.00 5.44
C GLY A 11 -11.37 6.71 4.76
N MET A 12 -10.41 5.86 4.36
CA MET A 12 -10.67 4.65 3.58
C MET A 12 -11.41 3.58 4.37
N THR A 13 -12.71 3.77 4.56
CA THR A 13 -13.54 3.00 5.47
C THR A 13 -14.93 2.77 4.88
N CYS A 14 -14.98 2.14 3.70
CA CYS A 14 -16.22 1.76 3.06
C CYS A 14 -16.07 0.52 2.19
N HIS A 15 -14.98 -0.26 2.37
CA HIS A 15 -14.64 -1.46 1.60
C HIS A 15 -14.23 -1.14 0.14
N SER A 16 -14.87 -0.14 -0.46
CA SER A 16 -14.66 0.29 -1.82
C SER A 16 -13.20 0.72 -2.04
N CYS A 17 -12.68 1.62 -1.19
CA CYS A 17 -11.35 2.19 -1.36
C CYS A 17 -10.28 1.12 -1.27
N THR A 18 -10.23 0.46 -0.10
CA THR A 18 -9.32 -0.65 0.17
C THR A 18 -9.27 -1.61 -1.01
N SER A 19 -10.42 -2.17 -1.41
CA SER A 19 -10.46 -3.18 -2.45
C SER A 19 -10.07 -2.59 -3.80
N THR A 20 -10.57 -1.39 -4.13
CA THR A 20 -10.18 -0.72 -5.37
C THR A 20 -8.66 -0.56 -5.43
N ILE A 21 -8.02 -0.10 -4.37
CA ILE A 21 -6.58 0.08 -4.32
C ILE A 21 -5.90 -1.29 -4.45
N GLU A 22 -6.33 -2.29 -3.66
CA GLU A 22 -5.84 -3.66 -3.75
C GLU A 22 -5.83 -4.11 -5.22
N GLY A 23 -6.94 -3.95 -5.91
CA GLY A 23 -7.05 -4.24 -7.33
C GLY A 23 -6.07 -3.43 -8.17
N LYS A 24 -6.15 -2.10 -8.09
CA LYS A 24 -5.40 -1.21 -8.97
C LYS A 24 -3.90 -1.43 -8.77
N ILE A 25 -3.46 -1.20 -7.54
CA ILE A 25 -2.07 -1.29 -7.15
C ILE A 25 -1.60 -2.73 -7.26
N GLY A 26 -2.51 -3.70 -7.10
CA GLY A 26 -2.26 -5.10 -7.42
C GLY A 26 -1.56 -5.29 -8.76
N LYS A 27 -1.90 -4.47 -9.77
CA LYS A 27 -1.35 -4.58 -11.10
C LYS A 27 -0.04 -3.77 -11.27
N LEU A 28 0.51 -3.14 -10.22
CA LEU A 28 1.80 -2.48 -10.34
C LEU A 28 2.90 -3.51 -10.58
N GLN A 29 3.97 -3.08 -11.24
CA GLN A 29 5.17 -3.87 -11.43
C GLN A 29 6.09 -3.65 -10.22
N GLY A 30 6.75 -4.73 -9.77
CA GLY A 30 7.72 -4.69 -8.69
C GLY A 30 7.13 -5.04 -7.34
N VAL A 31 5.89 -5.55 -7.36
CA VAL A 31 5.11 -5.87 -6.18
C VAL A 31 5.10 -7.38 -5.98
N GLN A 32 5.04 -7.79 -4.71
CA GLN A 32 5.01 -9.18 -4.27
C GLN A 32 3.64 -9.51 -3.70
N ARG A 33 3.08 -8.64 -2.85
CA ARG A 33 1.76 -8.78 -2.28
C ARG A 33 1.22 -7.38 -2.01
N ILE A 34 -0.06 -7.32 -1.68
CA ILE A 34 -0.72 -6.13 -1.24
C ILE A 34 -1.77 -6.62 -0.27
N LYS A 35 -1.87 -5.97 0.87
CA LYS A 35 -2.85 -6.21 1.89
C LYS A 35 -3.36 -4.87 2.41
N VAL A 36 -4.58 -4.80 2.93
CA VAL A 36 -5.13 -3.58 3.51
C VAL A 36 -6.02 -3.94 4.71
N SER A 37 -5.57 -3.60 5.91
CA SER A 37 -6.34 -3.69 7.14
C SER A 37 -7.24 -2.46 7.25
N LEU A 38 -8.31 -2.44 6.46
CA LEU A 38 -9.35 -1.41 6.57
C LEU A 38 -9.74 -1.19 8.02
N ASP A 39 -9.86 -2.26 8.80
CA ASP A 39 -10.27 -2.27 10.19
C ASP A 39 -9.57 -1.18 10.97
N ASN A 40 -8.24 -1.23 10.95
CA ASN A 40 -7.40 -0.31 11.68
C ASN A 40 -6.97 0.86 10.79
N GLN A 41 -7.61 1.00 9.63
CA GLN A 41 -7.35 1.98 8.60
C GLN A 41 -5.85 1.98 8.22
N GLU A 42 -5.37 0.84 7.74
CA GLU A 42 -3.94 0.63 7.51
C GLU A 42 -3.69 -0.21 6.26
N ALA A 43 -2.78 0.23 5.41
CA ALA A 43 -2.36 -0.44 4.19
C ALA A 43 -1.07 -1.22 4.44
N THR A 44 -1.01 -2.46 3.95
CA THR A 44 0.09 -3.40 4.02
C THR A 44 0.61 -3.62 2.59
N ILE A 45 1.45 -2.74 2.06
CA ILE A 45 1.92 -2.84 0.69
C ILE A 45 3.20 -3.69 0.70
N VAL A 46 3.28 -4.74 -0.13
CA VAL A 46 4.40 -5.68 -0.05
C VAL A 46 5.14 -5.73 -1.39
N TYR A 47 6.35 -5.16 -1.46
CA TYR A 47 7.04 -4.96 -2.72
C TYR A 47 8.50 -5.37 -2.64
N GLN A 48 9.17 -5.35 -3.80
CA GLN A 48 10.54 -5.79 -3.93
C GLN A 48 11.46 -4.56 -4.11
N PRO A 49 12.25 -4.20 -3.07
CA PRO A 49 13.06 -2.99 -3.05
C PRO A 49 14.24 -3.11 -4.02
N HIS A 50 13.93 -2.96 -5.31
CA HIS A 50 14.82 -3.09 -6.44
C HIS A 50 14.03 -2.80 -7.72
N LEU A 51 12.82 -3.34 -7.81
CA LEU A 51 11.99 -3.19 -9.01
C LEU A 51 11.26 -1.85 -9.01
N ILE A 52 10.71 -1.46 -7.86
CA ILE A 52 9.93 -0.26 -7.67
C ILE A 52 10.29 0.28 -6.28
N SER A 53 9.88 1.51 -5.94
CA SER A 53 10.26 2.21 -4.73
C SER A 53 9.04 2.55 -3.87
N VAL A 54 9.25 2.71 -2.56
CA VAL A 54 8.31 3.33 -1.64
C VAL A 54 7.62 4.52 -2.28
N GLU A 55 8.39 5.43 -2.89
CA GLU A 55 7.84 6.65 -3.41
C GLU A 55 6.83 6.37 -4.52
N GLU A 56 7.11 5.50 -5.49
CA GLU A 56 6.13 5.15 -6.50
C GLU A 56 4.88 4.62 -5.80
N MET A 57 5.05 3.68 -4.87
CA MET A 57 3.93 3.13 -4.14
C MET A 57 3.07 4.24 -3.52
N LYS A 58 3.66 5.05 -2.65
CA LYS A 58 2.95 6.14 -2.00
C LYS A 58 2.41 7.13 -3.00
N LYS A 59 3.24 7.71 -3.85
CA LYS A 59 2.84 8.67 -4.86
C LYS A 59 1.60 8.13 -5.58
N GLN A 60 1.66 6.89 -6.07
CA GLN A 60 0.50 6.30 -6.73
C GLN A 60 -0.70 6.21 -5.80
N ILE A 61 -0.51 5.77 -4.55
CA ILE A 61 -1.58 5.60 -3.59
C ILE A 61 -2.13 6.96 -3.15
N GLU A 62 -1.32 7.79 -2.47
CA GLU A 62 -1.69 9.15 -2.15
C GLU A 62 -2.33 9.88 -3.33
N ALA A 63 -1.84 9.71 -4.56
CA ALA A 63 -2.42 10.35 -5.74
C ALA A 63 -3.91 10.05 -5.91
N MET A 64 -4.38 8.87 -5.48
CA MET A 64 -5.80 8.56 -5.44
C MET A 64 -6.57 9.67 -4.71
N GLY A 65 -6.00 10.15 -3.59
CA GLY A 65 -6.56 11.24 -2.80
C GLY A 65 -6.36 11.00 -1.30
N PHE A 66 -6.12 9.75 -0.92
CA PHE A 66 -6.11 9.31 0.46
C PHE A 66 -4.75 9.60 1.10
N PRO A 67 -4.64 10.44 2.13
CA PRO A 67 -3.37 10.65 2.80
C PRO A 67 -2.96 9.34 3.47
N ALA A 68 -1.67 8.97 3.36
CA ALA A 68 -1.12 7.76 3.95
C ALA A 68 0.17 8.07 4.69
N PHE A 69 0.38 7.47 5.86
CA PHE A 69 1.61 7.62 6.61
C PHE A 69 2.43 6.36 6.47
N VAL A 70 3.23 6.29 5.39
CA VAL A 70 4.30 5.32 5.21
C VAL A 70 5.31 5.45 6.35
N LYS A 71 5.35 4.47 7.27
CA LYS A 71 6.32 4.43 8.35
C LYS A 71 6.53 3.04 8.95
N LYS A 72 6.89 2.06 8.14
CA LYS A 72 7.27 0.72 8.61
C LYS A 72 8.09 0.07 7.51
N ILE A 73 9.12 -0.71 7.88
CA ILE A 73 9.85 -1.59 6.97
C ILE A 73 9.98 -2.93 7.69
N GLU A 74 8.85 -3.64 7.84
CA GLU A 74 8.84 -4.99 8.37
C GLU A 74 9.19 -5.92 7.19
N GLY A 75 10.44 -6.37 7.13
CA GLY A 75 10.94 -7.14 6.00
C GLY A 75 10.33 -8.54 5.94
N ARG A 76 10.57 -9.34 6.97
CA ARG A 76 10.17 -10.73 7.10
C ARG A 76 10.34 -11.05 8.59
CU CU1 B . -14.33 3.45 -0.01
N GLY A 1 10.25 -12.49 2.28
CA GLY A 1 10.92 -12.32 0.98
C GLY A 1 11.21 -10.84 0.82
N GLU A 2 10.40 -10.19 -0.01
CA GLU A 2 10.28 -8.76 -0.19
C GLU A 2 10.05 -7.99 1.11
N VAL A 3 10.05 -6.66 1.00
CA VAL A 3 9.95 -5.73 2.09
C VAL A 3 8.50 -5.24 2.13
N VAL A 4 7.89 -5.27 3.31
CA VAL A 4 6.55 -4.84 3.57
C VAL A 4 6.57 -3.45 4.21
N LEU A 5 6.02 -2.46 3.50
CA LEU A 5 5.83 -1.14 4.06
C LEU A 5 4.44 -1.17 4.68
N LYS A 6 4.29 -0.58 5.87
CA LYS A 6 3.01 -0.43 6.55
C LYS A 6 2.74 1.07 6.59
N MET A 7 1.57 1.48 6.10
CA MET A 7 1.17 2.87 6.02
C MET A 7 -0.23 3.04 6.56
N LYS A 8 -0.37 3.98 7.48
CA LYS A 8 -1.68 4.31 8.05
C LYS A 8 -2.41 5.17 7.04
N VAL A 9 -3.66 4.86 6.71
CA VAL A 9 -4.43 5.64 5.76
C VAL A 9 -5.69 6.15 6.45
N GLU A 10 -6.18 7.33 6.05
CA GLU A 10 -7.42 7.88 6.58
C GLU A 10 -8.51 7.77 5.52
N GLY A 11 -9.75 7.55 5.96
CA GLY A 11 -10.94 7.61 5.13
C GLY A 11 -11.48 6.25 4.73
N MET A 12 -10.61 5.24 4.55
CA MET A 12 -11.02 3.95 4.01
C MET A 12 -11.78 3.10 5.03
N THR A 13 -13.03 3.47 5.29
CA THR A 13 -13.91 2.82 6.23
C THR A 13 -14.98 2.01 5.49
N CYS A 14 -14.60 1.34 4.40
CA CYS A 14 -15.48 0.46 3.65
C CYS A 14 -14.63 -0.49 2.83
N HIS A 15 -15.26 -1.53 2.26
CA HIS A 15 -14.59 -2.48 1.39
C HIS A 15 -14.38 -1.91 -0.02
N SER A 16 -14.95 -0.75 -0.34
CA SER A 16 -14.84 -0.16 -1.68
C SER A 16 -13.43 0.41 -1.90
N CYS A 17 -13.03 1.44 -1.13
CA CYS A 17 -11.79 2.16 -1.34
C CYS A 17 -10.60 1.18 -1.32
N THR A 18 -10.52 0.43 -0.23
CA THR A 18 -9.52 -0.58 0.00
C THR A 18 -9.41 -1.51 -1.22
N SER A 19 -10.51 -2.12 -1.64
CA SER A 19 -10.52 -3.08 -2.74
C SER A 19 -10.11 -2.40 -4.05
N THR A 20 -10.65 -1.22 -4.34
CA THR A 20 -10.28 -0.46 -5.53
C THR A 20 -8.77 -0.25 -5.59
N ILE A 21 -8.17 0.20 -4.48
CA ILE A 21 -6.73 0.38 -4.40
C ILE A 21 -6.03 -0.98 -4.57
N GLU A 22 -6.47 -2.00 -3.84
CA GLU A 22 -5.91 -3.34 -3.93
C GLU A 22 -5.86 -3.80 -5.40
N GLY A 23 -6.96 -3.63 -6.12
CA GLY A 23 -7.06 -3.90 -7.54
C GLY A 23 -6.07 -3.07 -8.35
N LYS A 24 -6.10 -1.75 -8.21
CA LYS A 24 -5.26 -0.86 -9.01
C LYS A 24 -3.79 -1.20 -8.80
N ILE A 25 -3.37 -1.14 -7.53
CA ILE A 25 -1.99 -1.30 -7.14
C ILE A 25 -1.54 -2.75 -7.32
N GLY A 26 -2.46 -3.71 -7.19
CA GLY A 26 -2.24 -5.10 -7.55
C GLY A 26 -1.60 -5.25 -8.94
N LYS A 27 -1.91 -4.35 -9.87
CA LYS A 27 -1.40 -4.42 -11.23
C LYS A 27 -0.01 -3.78 -11.38
N LEU A 28 0.61 -3.21 -10.33
CA LEU A 28 1.92 -2.63 -10.47
C LEU A 28 2.97 -3.71 -10.67
N GLN A 29 4.04 -3.39 -11.40
CA GLN A 29 5.20 -4.25 -11.55
C GLN A 29 6.15 -3.98 -10.40
N GLY A 30 6.58 -5.02 -9.69
CA GLY A 30 7.53 -4.91 -8.58
C GLY A 30 6.92 -5.24 -7.23
N VAL A 31 5.74 -5.87 -7.22
CA VAL A 31 4.98 -6.18 -6.02
C VAL A 31 4.72 -7.69 -5.97
N GLN A 32 4.86 -8.30 -4.79
CA GLN A 32 4.55 -9.71 -4.57
C GLN A 32 3.21 -9.89 -3.86
N ARG A 33 2.85 -8.94 -2.99
CA ARG A 33 1.66 -8.99 -2.16
C ARG A 33 1.28 -7.57 -1.79
N ILE A 34 0.04 -7.42 -1.37
CA ILE A 34 -0.57 -6.18 -0.98
C ILE A 34 -1.69 -6.59 -0.04
N LYS A 35 -1.85 -5.85 1.05
CA LYS A 35 -2.88 -6.07 2.05
C LYS A 35 -3.45 -4.73 2.52
N VAL A 36 -4.76 -4.59 2.67
CA VAL A 36 -5.34 -3.35 3.20
C VAL A 36 -6.47 -3.69 4.19
N SER A 37 -6.53 -2.92 5.29
CA SER A 37 -7.43 -3.13 6.41
C SER A 37 -8.18 -1.83 6.72
N LEU A 38 -9.52 -1.89 6.81
CA LEU A 38 -10.38 -0.73 7.00
C LEU A 38 -10.48 -0.35 8.48
N ASP A 39 -10.73 -1.33 9.36
CA ASP A 39 -10.97 -1.13 10.79
C ASP A 39 -9.83 -0.32 11.41
N ASN A 40 -8.62 -0.87 11.27
CA ASN A 40 -7.43 -0.25 11.80
C ASN A 40 -6.88 0.80 10.82
N GLN A 41 -7.60 1.05 9.72
CA GLN A 41 -7.30 1.95 8.63
C GLN A 41 -5.82 1.99 8.26
N GLU A 42 -5.34 0.85 7.74
CA GLU A 42 -3.92 0.60 7.52
C GLU A 42 -3.74 -0.20 6.22
N ALA A 43 -2.70 0.13 5.46
CA ALA A 43 -2.33 -0.53 4.22
C ALA A 43 -0.92 -1.11 4.35
N THR A 44 -0.72 -2.22 3.63
CA THR A 44 0.43 -3.10 3.60
C THR A 44 0.79 -3.23 2.12
N ILE A 45 1.98 -2.83 1.72
CA ILE A 45 2.44 -2.99 0.34
C ILE A 45 3.72 -3.81 0.41
N VAL A 46 3.74 -4.98 -0.25
CA VAL A 46 4.86 -5.90 -0.17
C VAL A 46 5.60 -5.93 -1.51
N TYR A 47 6.66 -5.13 -1.61
CA TYR A 47 7.31 -4.80 -2.86
C TYR A 47 8.79 -5.16 -2.85
N GLN A 48 9.38 -5.28 -4.04
CA GLN A 48 10.74 -5.75 -4.22
C GLN A 48 11.69 -4.55 -4.42
N PRO A 49 12.66 -4.31 -3.51
CA PRO A 49 13.55 -3.16 -3.56
C PRO A 49 14.58 -3.29 -4.69
N HIS A 50 14.11 -3.07 -5.91
CA HIS A 50 14.88 -2.99 -7.14
C HIS A 50 13.93 -2.63 -8.28
N LEU A 51 12.76 -3.28 -8.33
CA LEU A 51 11.79 -3.04 -9.39
C LEU A 51 11.07 -1.72 -9.15
N ILE A 52 10.60 -1.50 -7.93
CA ILE A 52 9.84 -0.34 -7.52
C ILE A 52 10.29 0.05 -6.10
N SER A 53 9.82 1.19 -5.58
CA SER A 53 10.24 1.75 -4.30
C SER A 53 9.02 2.30 -3.54
N VAL A 54 9.13 2.44 -2.21
CA VAL A 54 8.11 3.04 -1.36
C VAL A 54 7.50 4.28 -2.02
N GLU A 55 8.35 5.17 -2.55
CA GLU A 55 7.87 6.42 -3.10
C GLU A 55 6.92 6.16 -4.28
N GLU A 56 7.20 5.20 -5.15
CA GLU A 56 6.32 4.87 -6.25
C GLU A 56 4.98 4.48 -5.64
N MET A 57 5.02 3.55 -4.67
CA MET A 57 3.86 3.07 -3.98
C MET A 57 3.04 4.23 -3.39
N LYS A 58 3.61 5.00 -2.45
CA LYS A 58 2.94 6.15 -1.86
C LYS A 58 2.49 7.14 -2.90
N LYS A 59 3.39 7.64 -3.73
CA LYS A 59 3.06 8.68 -4.69
C LYS A 59 1.86 8.22 -5.50
N GLN A 60 1.87 6.97 -5.97
CA GLN A 60 0.72 6.45 -6.71
C GLN A 60 -0.53 6.34 -5.81
N ILE A 61 -0.38 5.88 -4.56
CA ILE A 61 -1.50 5.72 -3.66
C ILE A 61 -2.02 7.09 -3.23
N GLU A 62 -1.25 7.88 -2.50
CA GLU A 62 -1.60 9.24 -2.17
C GLU A 62 -2.12 10.04 -3.37
N ALA A 63 -1.58 9.85 -4.58
CA ALA A 63 -2.09 10.54 -5.76
C ALA A 63 -3.59 10.32 -5.98
N MET A 64 -4.12 9.15 -5.59
CA MET A 64 -5.55 8.90 -5.61
C MET A 64 -6.30 10.00 -4.83
N GLY A 65 -5.78 10.37 -3.66
CA GLY A 65 -6.31 11.42 -2.81
C GLY A 65 -6.16 11.08 -1.32
N PHE A 66 -6.04 9.78 -1.01
CA PHE A 66 -6.05 9.28 0.35
C PHE A 66 -4.72 9.60 1.04
N PRO A 67 -4.66 10.45 2.07
CA PRO A 67 -3.40 10.74 2.74
C PRO A 67 -2.92 9.47 3.46
N ALA A 68 -1.62 9.18 3.39
CA ALA A 68 -1.06 7.98 3.97
C ALA A 68 0.24 8.26 4.73
N PHE A 69 0.42 7.59 5.87
CA PHE A 69 1.59 7.70 6.70
C PHE A 69 2.32 6.37 6.64
N VAL A 70 3.02 6.15 5.51
CA VAL A 70 3.98 5.06 5.35
C VAL A 70 5.11 5.25 6.35
N LYS A 71 5.21 4.41 7.39
CA LYS A 71 6.26 4.54 8.38
C LYS A 71 6.59 3.22 9.08
N LYS A 72 6.88 2.18 8.29
CA LYS A 72 7.35 0.88 8.75
C LYS A 72 8.11 0.25 7.59
N ILE A 73 8.92 -0.77 7.90
CA ILE A 73 9.81 -1.43 6.96
C ILE A 73 10.04 -2.86 7.44
N GLU A 74 8.96 -3.66 7.53
CA GLU A 74 9.08 -5.06 7.91
C GLU A 74 9.51 -5.88 6.68
N GLY A 75 9.76 -7.16 6.89
CA GLY A 75 9.99 -8.14 5.83
C GLY A 75 9.20 -9.40 6.16
N ARG A 76 8.97 -10.24 5.15
CA ARG A 76 8.21 -11.49 5.23
C ARG A 76 6.71 -11.20 5.03
CU CU1 B . -14.19 3.58 1.77
N GLY A 1 13.41 -11.96 -3.27
CA GLY A 1 13.48 -11.17 -2.04
C GLY A 1 12.23 -10.32 -1.96
N GLU A 2 11.83 -9.86 -0.77
CA GLU A 2 10.65 -9.05 -0.56
C GLU A 2 10.79 -8.33 0.77
N VAL A 3 10.06 -7.23 0.95
CA VAL A 3 9.99 -6.44 2.16
C VAL A 3 8.53 -5.99 2.33
N VAL A 4 8.10 -5.87 3.59
CA VAL A 4 6.79 -5.37 3.96
C VAL A 4 6.89 -3.85 4.14
N LEU A 5 5.86 -3.12 3.71
CA LEU A 5 5.74 -1.70 3.92
C LEU A 5 4.36 -1.48 4.53
N LYS A 6 4.30 -0.90 5.74
CA LYS A 6 3.05 -0.58 6.39
C LYS A 6 2.89 0.95 6.39
N MET A 7 1.74 1.36 5.89
CA MET A 7 1.25 2.71 5.85
C MET A 7 -0.07 2.78 6.64
N LYS A 8 -0.13 3.67 7.63
CA LYS A 8 -1.39 4.04 8.27
C LYS A 8 -2.16 4.89 7.26
N VAL A 9 -3.46 4.68 7.08
CA VAL A 9 -4.30 5.48 6.20
C VAL A 9 -5.44 6.13 6.98
N GLU A 10 -6.00 7.23 6.47
CA GLU A 10 -7.18 7.86 7.05
C GLU A 10 -8.35 7.81 6.08
N GLY A 11 -9.59 7.84 6.61
CA GLY A 11 -10.81 7.98 5.84
C GLY A 11 -11.27 6.66 5.21
N MET A 12 -10.32 5.86 4.71
CA MET A 12 -10.58 4.56 4.12
C MET A 12 -11.28 3.63 5.12
N THR A 13 -12.61 3.61 5.08
CA THR A 13 -13.45 2.83 5.97
C THR A 13 -14.63 2.28 5.17
N CYS A 14 -14.34 1.70 4.00
CA CYS A 14 -15.24 0.86 3.25
C CYS A 14 -14.37 -0.05 2.39
N HIS A 15 -14.94 -1.17 1.94
CA HIS A 15 -14.20 -2.13 1.13
C HIS A 15 -13.92 -1.57 -0.27
N SER A 16 -14.74 -0.61 -0.73
CA SER A 16 -14.58 -0.03 -2.06
C SER A 16 -13.18 0.57 -2.21
N CYS A 17 -12.79 1.48 -1.30
CA CYS A 17 -11.48 2.12 -1.38
C CYS A 17 -10.38 1.06 -1.38
N THR A 18 -10.37 0.22 -0.33
CA THR A 18 -9.33 -0.78 -0.14
C THR A 18 -9.20 -1.67 -1.37
N SER A 19 -10.31 -2.27 -1.81
CA SER A 19 -10.36 -3.14 -2.98
C SER A 19 -9.95 -2.39 -4.25
N THR A 20 -10.39 -1.14 -4.43
CA THR A 20 -9.99 -0.34 -5.59
C THR A 20 -8.48 -0.16 -5.61
N ILE A 21 -7.90 0.24 -4.47
CA ILE A 21 -6.48 0.38 -4.31
C ILE A 21 -5.81 -0.96 -4.59
N GLU A 22 -6.25 -2.04 -3.95
CA GLU A 22 -5.69 -3.37 -4.13
C GLU A 22 -5.69 -3.75 -5.62
N GLY A 23 -6.81 -3.52 -6.31
CA GLY A 23 -6.94 -3.71 -7.74
C GLY A 23 -5.91 -2.89 -8.51
N LYS A 24 -5.76 -1.59 -8.21
CA LYS A 24 -4.78 -0.76 -8.89
C LYS A 24 -3.36 -1.28 -8.63
N ILE A 25 -2.98 -1.33 -7.36
CA ILE A 25 -1.63 -1.63 -6.91
C ILE A 25 -1.24 -3.07 -7.30
N GLY A 26 -2.21 -3.97 -7.38
CA GLY A 26 -2.03 -5.30 -7.94
C GLY A 26 -1.27 -5.29 -9.27
N LYS A 27 -1.43 -4.24 -10.07
CA LYS A 27 -0.84 -4.13 -11.39
C LYS A 27 0.55 -3.47 -11.38
N LEU A 28 1.12 -3.11 -10.21
CA LEU A 28 2.45 -2.51 -10.17
C LEU A 28 3.52 -3.54 -10.52
N GLN A 29 4.45 -3.16 -11.39
CA GLN A 29 5.56 -4.01 -11.79
C GLN A 29 6.67 -4.05 -10.74
N GLY A 30 6.36 -4.62 -9.57
CA GLY A 30 7.34 -4.80 -8.51
C GLY A 30 6.81 -5.23 -7.15
N VAL A 31 5.63 -5.85 -7.12
CA VAL A 31 4.93 -6.18 -5.89
C VAL A 31 4.90 -7.69 -5.69
N GLN A 32 4.79 -8.11 -4.42
CA GLN A 32 4.80 -9.49 -3.99
C GLN A 32 3.45 -9.86 -3.38
N ARG A 33 2.87 -8.96 -2.56
CA ARG A 33 1.57 -9.14 -1.93
C ARG A 33 1.14 -7.76 -1.46
N ILE A 34 -0.10 -7.66 -0.99
CA ILE A 34 -0.69 -6.42 -0.58
C ILE A 34 -1.79 -6.82 0.38
N LYS A 35 -1.95 -6.05 1.45
CA LYS A 35 -3.00 -6.22 2.43
C LYS A 35 -3.56 -4.88 2.93
N VAL A 36 -4.54 -4.33 2.22
CA VAL A 36 -5.12 -3.04 2.57
C VAL A 36 -6.31 -3.24 3.53
N SER A 37 -6.16 -2.79 4.77
CA SER A 37 -7.17 -2.92 5.81
C SER A 37 -8.08 -1.69 5.80
N LEU A 38 -9.12 -1.71 6.64
CA LEU A 38 -10.09 -0.63 6.77
C LEU A 38 -10.43 -0.41 8.24
N ASP A 39 -10.71 -1.50 8.96
CA ASP A 39 -11.09 -1.52 10.37
C ASP A 39 -10.14 -0.65 11.18
N ASN A 40 -8.86 -1.02 11.11
CA ASN A 40 -7.81 -0.35 11.86
C ASN A 40 -7.23 0.83 11.06
N GLN A 41 -7.88 1.17 9.93
CA GLN A 41 -7.49 2.22 8.99
C GLN A 41 -6.00 2.13 8.66
N GLU A 42 -5.62 1.02 8.00
CA GLU A 42 -4.23 0.60 7.87
C GLU A 42 -4.05 -0.07 6.52
N ALA A 43 -2.84 -0.01 5.97
CA ALA A 43 -2.54 -0.57 4.68
C ALA A 43 -1.15 -1.21 4.68
N THR A 44 -1.10 -2.50 4.33
CA THR A 44 0.10 -3.27 4.08
C THR A 44 0.32 -3.32 2.57
N ILE A 45 1.54 -3.06 2.11
CA ILE A 45 1.95 -3.28 0.74
C ILE A 45 3.25 -4.07 0.83
N VAL A 46 3.36 -5.21 0.14
CA VAL A 46 4.52 -6.11 0.23
C VAL A 46 5.20 -6.14 -1.13
N TYR A 47 6.46 -5.71 -1.20
CA TYR A 47 7.10 -5.42 -2.48
C TYR A 47 8.55 -5.86 -2.50
N GLN A 48 9.16 -5.71 -3.68
CA GLN A 48 10.55 -6.08 -3.89
C GLN A 48 11.39 -4.81 -4.07
N PRO A 49 12.26 -4.46 -3.08
CA PRO A 49 13.03 -3.22 -3.07
C PRO A 49 14.13 -3.26 -4.13
N HIS A 50 13.72 -3.05 -5.37
CA HIS A 50 14.52 -2.92 -6.58
C HIS A 50 13.57 -2.64 -7.74
N LEU A 51 12.43 -3.33 -7.78
CA LEU A 51 11.51 -3.19 -8.90
C LEU A 51 10.70 -1.90 -8.81
N ILE A 52 10.15 -1.61 -7.64
CA ILE A 52 9.30 -0.47 -7.37
C ILE A 52 9.72 0.11 -6.03
N SER A 53 9.36 1.37 -5.75
CA SER A 53 9.83 2.12 -4.60
C SER A 53 8.65 2.66 -3.77
N VAL A 54 8.96 3.03 -2.53
CA VAL A 54 8.04 3.70 -1.62
C VAL A 54 7.36 4.89 -2.29
N GLU A 55 8.12 5.72 -3.03
CA GLU A 55 7.54 6.90 -3.64
C GLU A 55 6.52 6.47 -4.69
N GLU A 56 6.75 5.39 -5.46
CA GLU A 56 5.78 4.85 -6.39
C GLU A 56 4.51 4.52 -5.63
N MET A 57 4.59 3.65 -4.60
CA MET A 57 3.46 3.39 -3.74
C MET A 57 2.71 4.67 -3.35
N LYS A 58 3.41 5.60 -2.68
CA LYS A 58 2.75 6.79 -2.18
C LYS A 58 2.21 7.67 -3.30
N LYS A 59 3.01 8.07 -4.29
CA LYS A 59 2.55 8.76 -5.48
C LYS A 59 1.26 8.13 -5.97
N GLN A 60 1.27 6.83 -6.23
CA GLN A 60 0.09 6.15 -6.74
C GLN A 60 -1.09 6.29 -5.77
N ILE A 61 -0.85 6.02 -4.48
CA ILE A 61 -1.88 6.00 -3.46
C ILE A 61 -2.37 7.42 -3.14
N GLU A 62 -1.51 8.30 -2.61
CA GLU A 62 -1.82 9.70 -2.42
C GLU A 62 -2.50 10.31 -3.64
N ALA A 63 -2.09 9.96 -4.88
CA ALA A 63 -2.74 10.50 -6.07
C ALA A 63 -4.25 10.27 -6.09
N MET A 64 -4.72 9.16 -5.51
CA MET A 64 -6.15 8.93 -5.34
C MET A 64 -6.79 10.07 -4.53
N GLY A 65 -6.13 10.47 -3.45
CA GLY A 65 -6.59 11.48 -2.51
C GLY A 65 -6.38 11.03 -1.07
N PHE A 66 -6.14 9.73 -0.85
CA PHE A 66 -6.01 9.16 0.47
C PHE A 66 -4.64 9.50 1.05
N PRO A 67 -4.53 10.27 2.14
CA PRO A 67 -3.24 10.46 2.78
C PRO A 67 -2.79 9.11 3.35
N ALA A 68 -1.48 8.85 3.32
CA ALA A 68 -0.93 7.61 3.84
C ALA A 68 0.41 7.85 4.53
N PHE A 69 0.53 7.29 5.72
CA PHE A 69 1.64 7.38 6.65
C PHE A 69 2.53 6.16 6.49
N VAL A 70 3.22 6.07 5.35
CA VAL A 70 4.24 5.05 5.10
C VAL A 70 5.38 5.19 6.10
N LYS A 71 5.50 4.26 7.06
CA LYS A 71 6.59 4.27 8.03
C LYS A 71 6.86 2.89 8.64
N LYS A 72 7.08 1.87 7.81
CA LYS A 72 7.42 0.55 8.33
C LYS A 72 8.13 -0.29 7.29
N ILE A 73 9.35 0.11 6.94
CA ILE A 73 10.18 -0.60 5.97
C ILE A 73 10.82 -1.82 6.63
N GLU A 74 9.99 -2.83 6.95
CA GLU A 74 10.41 -3.98 7.73
C GLU A 74 10.49 -5.22 6.83
N GLY A 75 11.59 -5.96 6.95
CA GLY A 75 11.77 -7.21 6.25
C GLY A 75 10.79 -8.27 6.76
N ARG A 76 10.63 -9.33 5.98
CA ARG A 76 9.93 -10.54 6.40
C ARG A 76 10.58 -11.13 7.66
CU CU1 B . -13.98 3.92 1.50
N GLY A 1 13.91 -8.95 -1.73
CA GLY A 1 13.30 -10.01 -0.91
C GLY A 1 12.07 -9.50 -0.17
N GLU A 2 10.98 -9.23 -0.91
CA GLU A 2 9.63 -9.01 -0.36
C GLU A 2 9.62 -8.19 0.94
N VAL A 3 9.76 -6.85 0.85
CA VAL A 3 9.74 -5.98 1.99
C VAL A 3 8.31 -5.52 2.23
N VAL A 4 7.88 -5.65 3.48
CA VAL A 4 6.61 -5.18 3.98
C VAL A 4 6.74 -3.70 4.32
N LEU A 5 5.88 -2.86 3.74
CA LEU A 5 5.75 -1.46 4.07
C LEU A 5 4.35 -1.27 4.63
N LYS A 6 4.24 -0.66 5.81
CA LYS A 6 2.97 -0.41 6.45
C LYS A 6 2.76 1.09 6.46
N MET A 7 1.62 1.49 5.92
CA MET A 7 1.12 2.84 5.86
C MET A 7 -0.12 2.92 6.74
N LYS A 8 -0.16 3.86 7.69
CA LYS A 8 -1.43 4.20 8.31
C LYS A 8 -2.21 5.02 7.28
N VAL A 9 -3.43 4.63 6.94
CA VAL A 9 -4.25 5.34 5.96
C VAL A 9 -5.48 5.89 6.69
N GLU A 10 -6.08 6.95 6.14
CA GLU A 10 -7.25 7.59 6.72
C GLU A 10 -8.40 7.55 5.71
N GLY A 11 -9.63 7.57 6.22
CA GLY A 11 -10.83 7.79 5.41
C GLY A 11 -11.09 6.65 4.44
N MET A 12 -11.03 5.41 4.94
CA MET A 12 -11.41 4.21 4.21
C MET A 12 -12.07 3.24 5.20
N THR A 13 -13.39 3.03 5.08
CA THR A 13 -14.17 2.07 5.86
C THR A 13 -15.42 1.61 5.08
N CYS A 14 -15.34 1.66 3.74
CA CYS A 14 -16.43 1.40 2.82
C CYS A 14 -16.21 0.12 2.01
N HIS A 15 -15.05 -0.52 2.15
CA HIS A 15 -14.62 -1.69 1.37
C HIS A 15 -14.25 -1.30 -0.07
N SER A 16 -15.10 -0.51 -0.75
CA SER A 16 -14.84 -0.04 -2.10
C SER A 16 -13.45 0.56 -2.26
N CYS A 17 -13.09 1.55 -1.45
CA CYS A 17 -11.81 2.24 -1.59
C CYS A 17 -10.64 1.28 -1.37
N THR A 18 -10.61 0.57 -0.24
CA THR A 18 -9.56 -0.40 0.08
C THR A 18 -9.43 -1.40 -1.07
N SER A 19 -10.52 -2.05 -1.46
CA SER A 19 -10.53 -3.04 -2.51
C SER A 19 -10.07 -2.44 -3.84
N THR A 20 -10.56 -1.24 -4.20
CA THR A 20 -10.15 -0.56 -5.42
C THR A 20 -8.64 -0.32 -5.40
N ILE A 21 -8.10 0.19 -4.30
CA ILE A 21 -6.68 0.39 -4.14
C ILE A 21 -5.97 -0.95 -4.30
N GLU A 22 -6.40 -2.00 -3.60
CA GLU A 22 -5.84 -3.32 -3.70
C GLU A 22 -5.77 -3.77 -5.17
N GLY A 23 -6.89 -3.64 -5.89
CA GLY A 23 -6.97 -3.93 -7.31
C GLY A 23 -5.93 -3.12 -8.10
N LYS A 24 -5.93 -1.79 -7.93
CA LYS A 24 -5.07 -0.93 -8.73
C LYS A 24 -3.60 -1.22 -8.44
N ILE A 25 -3.23 -1.12 -7.16
CA ILE A 25 -1.86 -1.24 -6.71
C ILE A 25 -1.35 -2.66 -6.89
N GLY A 26 -2.23 -3.66 -6.71
CA GLY A 26 -1.94 -5.04 -7.02
C GLY A 26 -1.43 -5.23 -8.45
N LYS A 27 -1.81 -4.34 -9.38
CA LYS A 27 -1.43 -4.41 -10.78
C LYS A 27 -0.13 -3.63 -11.04
N LEU A 28 0.54 -3.05 -10.04
CA LEU A 28 1.84 -2.45 -10.24
C LEU A 28 2.90 -3.54 -10.46
N GLN A 29 3.87 -3.27 -11.34
CA GLN A 29 5.03 -4.12 -11.50
C GLN A 29 6.01 -3.84 -10.37
N GLY A 30 6.54 -4.88 -9.74
CA GLY A 30 7.54 -4.78 -8.68
C GLY A 30 6.96 -5.11 -7.31
N VAL A 31 5.64 -5.27 -7.24
CA VAL A 31 4.94 -5.67 -6.05
C VAL A 31 4.98 -7.20 -5.92
N GLN A 32 4.98 -7.68 -4.67
CA GLN A 32 4.93 -9.08 -4.30
C GLN A 32 3.55 -9.41 -3.72
N ARG A 33 3.07 -8.59 -2.78
CA ARG A 33 1.82 -8.81 -2.09
C ARG A 33 1.35 -7.47 -1.56
N ILE A 34 0.12 -7.43 -1.09
CA ILE A 34 -0.53 -6.22 -0.67
C ILE A 34 -1.63 -6.68 0.29
N LYS A 35 -1.79 -5.96 1.40
CA LYS A 35 -2.83 -6.21 2.37
C LYS A 35 -3.43 -4.90 2.90
N VAL A 36 -4.50 -4.41 2.28
CA VAL A 36 -5.09 -3.12 2.62
C VAL A 36 -6.26 -3.31 3.57
N SER A 37 -6.07 -2.99 4.85
CA SER A 37 -7.05 -3.12 5.89
C SER A 37 -7.96 -1.89 5.93
N LEU A 38 -9.13 -1.99 6.55
CA LEU A 38 -10.01 -0.86 6.79
C LEU A 38 -10.22 -0.61 8.28
N ASP A 39 -10.51 -1.68 9.03
CA ASP A 39 -10.88 -1.65 10.44
C ASP A 39 -9.90 -0.79 11.22
N ASN A 40 -8.63 -1.16 11.13
CA ASN A 40 -7.55 -0.54 11.86
C ASN A 40 -6.86 0.53 11.00
N GLN A 41 -7.58 1.04 9.99
CA GLN A 41 -7.19 1.97 8.95
C GLN A 41 -5.69 1.90 8.59
N GLU A 42 -5.32 0.79 7.94
CA GLU A 42 -3.95 0.38 7.72
C GLU A 42 -3.84 -0.16 6.28
N ALA A 43 -2.71 0.14 5.64
CA ALA A 43 -2.37 -0.37 4.32
C ALA A 43 -1.01 -1.06 4.40
N THR A 44 -1.00 -2.38 4.24
CA THR A 44 0.21 -3.15 3.99
C THR A 44 0.45 -3.12 2.49
N ILE A 45 1.63 -2.72 2.02
CA ILE A 45 2.03 -2.90 0.63
C ILE A 45 3.35 -3.66 0.69
N VAL A 46 3.46 -4.78 -0.03
CA VAL A 46 4.65 -5.64 0.03
C VAL A 46 5.33 -5.67 -1.33
N TYR A 47 6.54 -5.14 -1.44
CA TYR A 47 7.19 -4.97 -2.73
C TYR A 47 8.61 -5.51 -2.75
N GLN A 48 9.19 -5.52 -3.95
CA GLN A 48 10.53 -6.00 -4.21
C GLN A 48 11.47 -4.79 -4.32
N PRO A 49 12.39 -4.59 -3.35
CA PRO A 49 13.22 -3.39 -3.29
C PRO A 49 14.32 -3.44 -4.35
N HIS A 50 13.91 -3.23 -5.60
CA HIS A 50 14.73 -3.22 -6.80
C HIS A 50 13.88 -2.77 -8.00
N LEU A 51 12.67 -3.33 -8.14
CA LEU A 51 11.83 -3.05 -9.29
C LEU A 51 11.12 -1.71 -9.14
N ILE A 52 10.57 -1.44 -7.95
CA ILE A 52 9.80 -0.26 -7.64
C ILE A 52 10.27 0.24 -6.27
N SER A 53 9.82 1.42 -5.83
CA SER A 53 10.28 2.09 -4.61
C SER A 53 9.11 2.60 -3.79
N VAL A 54 9.34 2.84 -2.49
CA VAL A 54 8.39 3.46 -1.57
C VAL A 54 7.67 4.63 -2.22
N GLU A 55 8.43 5.54 -2.84
CA GLU A 55 7.87 6.75 -3.38
C GLU A 55 6.86 6.41 -4.47
N GLU A 56 7.16 5.49 -5.38
CA GLU A 56 6.22 5.02 -6.39
C GLU A 56 4.95 4.56 -5.69
N MET A 57 5.04 3.67 -4.70
CA MET A 57 3.89 3.24 -3.95
C MET A 57 3.08 4.43 -3.41
N LYS A 58 3.69 5.28 -2.58
CA LYS A 58 2.99 6.42 -2.01
C LYS A 58 2.44 7.34 -3.09
N LYS A 59 3.28 7.83 -3.99
CA LYS A 59 2.89 8.67 -5.10
C LYS A 59 1.66 8.08 -5.78
N GLN A 60 1.70 6.78 -6.12
CA GLN A 60 0.55 6.13 -6.74
C GLN A 60 -0.67 6.17 -5.80
N ILE A 61 -0.48 5.84 -4.53
CA ILE A 61 -1.55 5.78 -3.54
C ILE A 61 -2.10 7.18 -3.25
N GLU A 62 -1.28 8.05 -2.64
CA GLU A 62 -1.65 9.44 -2.42
C GLU A 62 -2.23 10.10 -3.67
N ALA A 63 -1.73 9.79 -4.88
CA ALA A 63 -2.31 10.36 -6.10
C ALA A 63 -3.81 10.08 -6.23
N MET A 64 -4.29 8.95 -5.73
CA MET A 64 -5.72 8.68 -5.67
C MET A 64 -6.44 9.77 -4.87
N GLY A 65 -5.87 10.14 -3.72
CA GLY A 65 -6.39 11.17 -2.83
C GLY A 65 -6.21 10.77 -1.36
N PHE A 66 -6.03 9.48 -1.10
CA PHE A 66 -5.99 8.94 0.26
C PHE A 66 -4.64 9.25 0.91
N PRO A 67 -4.56 10.08 1.96
CA PRO A 67 -3.30 10.35 2.62
C PRO A 67 -2.84 9.07 3.32
N ALA A 68 -1.53 8.76 3.21
CA ALA A 68 -0.97 7.55 3.79
C ALA A 68 0.36 7.84 4.47
N PHE A 69 0.51 7.32 5.68
CA PHE A 69 1.69 7.48 6.51
C PHE A 69 2.54 6.22 6.41
N VAL A 70 3.22 6.06 5.28
CA VAL A 70 4.20 5.00 5.04
C VAL A 70 5.42 5.17 5.96
N LYS A 71 5.53 4.35 7.02
CA LYS A 71 6.66 4.42 7.93
C LYS A 71 6.90 3.10 8.70
N LYS A 72 7.12 2.00 7.99
CA LYS A 72 7.52 0.74 8.60
C LYS A 72 8.24 -0.04 7.51
N ILE A 73 9.37 -0.69 7.83
CA ILE A 73 10.13 -1.50 6.88
C ILE A 73 10.50 -2.78 7.64
N GLU A 74 9.57 -3.75 7.68
CA GLU A 74 9.71 -4.96 8.50
C GLU A 74 9.34 -6.20 7.68
N GLY A 75 10.19 -6.55 6.71
CA GLY A 75 9.96 -7.69 5.82
C GLY A 75 10.17 -9.04 6.51
N ARG A 76 10.14 -10.12 5.73
CA ARG A 76 10.65 -11.41 6.16
C ARG A 76 12.17 -11.36 6.26
CU CU1 B . -14.93 4.44 -0.49
N GLY A 1 7.50 -12.25 0.04
CA GLY A 1 8.87 -12.11 0.53
C GLY A 1 9.13 -10.61 0.60
N GLU A 2 10.35 -10.19 0.32
CA GLU A 2 10.67 -8.80 0.10
C GLU A 2 10.28 -7.91 1.29
N VAL A 3 9.90 -6.65 1.06
CA VAL A 3 9.73 -5.69 2.11
C VAL A 3 8.24 -5.40 2.31
N VAL A 4 7.74 -5.59 3.53
CA VAL A 4 6.41 -5.14 3.94
C VAL A 4 6.55 -3.67 4.28
N LEU A 5 5.74 -2.82 3.66
CA LEU A 5 5.60 -1.41 3.98
C LEU A 5 4.26 -1.27 4.67
N LYS A 6 4.24 -0.86 5.93
CA LYS A 6 3.00 -0.63 6.65
C LYS A 6 2.76 0.87 6.60
N MET A 7 1.75 1.27 5.83
CA MET A 7 1.30 2.64 5.74
C MET A 7 -0.05 2.76 6.44
N LYS A 8 -0.14 3.64 7.43
CA LYS A 8 -1.45 4.01 7.94
C LYS A 8 -2.16 4.80 6.85
N VAL A 9 -3.49 4.73 6.82
CA VAL A 9 -4.30 5.51 5.90
C VAL A 9 -5.43 6.11 6.72
N GLU A 10 -6.02 7.21 6.25
CA GLU A 10 -7.18 7.82 6.88
C GLU A 10 -8.32 7.88 5.87
N GLY A 11 -9.56 7.72 6.36
CA GLY A 11 -10.77 7.89 5.57
C GLY A 11 -11.32 6.56 5.03
N MET A 12 -10.44 5.59 4.76
CA MET A 12 -10.86 4.31 4.20
C MET A 12 -11.66 3.51 5.23
N THR A 13 -12.98 3.63 5.20
CA THR A 13 -13.89 2.93 6.09
C THR A 13 -14.96 2.21 5.26
N CYS A 14 -14.52 1.56 4.18
CA CYS A 14 -15.36 0.78 3.29
C CYS A 14 -14.44 -0.06 2.40
N HIS A 15 -14.96 -1.17 1.89
CA HIS A 15 -14.15 -2.12 1.14
C HIS A 15 -13.80 -1.58 -0.24
N SER A 16 -14.57 -0.62 -0.75
CA SER A 16 -14.38 -0.01 -2.05
C SER A 16 -12.96 0.53 -2.22
N CYS A 17 -12.55 1.49 -1.38
CA CYS A 17 -11.29 2.19 -1.50
C CYS A 17 -10.13 1.20 -1.44
N THR A 18 -10.16 0.37 -0.38
CA THR A 18 -9.18 -0.65 -0.12
C THR A 18 -9.03 -1.56 -1.35
N SER A 19 -10.13 -2.17 -1.80
CA SER A 19 -10.16 -3.00 -3.01
C SER A 19 -9.65 -2.26 -4.24
N THR A 20 -10.08 -1.02 -4.48
CA THR A 20 -9.60 -0.20 -5.60
C THR A 20 -8.08 -0.09 -5.57
N ILE A 21 -7.51 0.29 -4.42
CA ILE A 21 -6.08 0.35 -4.24
C ILE A 21 -5.46 -1.03 -4.48
N GLU A 22 -6.05 -2.08 -3.91
CA GLU A 22 -5.60 -3.45 -4.10
C GLU A 22 -5.51 -3.80 -5.59
N GLY A 23 -6.52 -3.46 -6.36
CA GLY A 23 -6.50 -3.55 -7.82
C GLY A 23 -5.33 -2.77 -8.41
N LYS A 24 -5.25 -1.47 -8.12
CA LYS A 24 -4.25 -0.60 -8.74
C LYS A 24 -2.84 -1.08 -8.43
N ILE A 25 -2.51 -1.18 -7.14
CA ILE A 25 -1.22 -1.63 -6.66
C ILE A 25 -0.92 -3.05 -7.17
N GLY A 26 -1.91 -3.95 -7.12
CA GLY A 26 -1.78 -5.27 -7.69
C GLY A 26 -1.26 -5.24 -9.13
N LYS A 27 -1.63 -4.22 -9.90
CA LYS A 27 -1.26 -4.07 -11.30
C LYS A 27 0.10 -3.37 -11.49
N LEU A 28 0.77 -2.92 -10.43
CA LEU A 28 2.08 -2.30 -10.57
C LEU A 28 3.18 -3.36 -10.62
N GLN A 29 4.13 -3.17 -11.52
CA GLN A 29 5.30 -4.02 -11.60
C GLN A 29 6.23 -3.77 -10.40
N GLY A 30 6.53 -4.83 -9.64
CA GLY A 30 7.51 -4.79 -8.56
C GLY A 30 6.92 -5.22 -7.22
N VAL A 31 5.61 -5.50 -7.21
CA VAL A 31 4.88 -5.85 -6.01
C VAL A 31 4.87 -7.36 -5.82
N GLN A 32 4.62 -7.79 -4.58
CA GLN A 32 4.54 -9.19 -4.18
C GLN A 32 3.15 -9.52 -3.65
N ARG A 33 2.62 -8.68 -2.76
CA ARG A 33 1.36 -8.90 -2.07
C ARG A 33 0.96 -7.58 -1.44
N ILE A 34 -0.27 -7.50 -0.97
CA ILE A 34 -0.84 -6.32 -0.42
C ILE A 34 -1.96 -6.82 0.50
N LYS A 35 -2.15 -6.15 1.63
CA LYS A 35 -3.23 -6.38 2.57
C LYS A 35 -3.74 -5.05 3.16
N VAL A 36 -4.84 -4.51 2.63
CA VAL A 36 -5.42 -3.25 3.10
C VAL A 36 -6.60 -3.50 4.05
N SER A 37 -6.55 -2.90 5.25
CA SER A 37 -7.56 -3.04 6.29
C SER A 37 -8.23 -1.69 6.58
N LEU A 38 -9.55 -1.70 6.79
CA LEU A 38 -10.34 -0.50 7.06
C LEU A 38 -10.40 -0.22 8.57
N ASP A 39 -10.67 -1.26 9.37
CA ASP A 39 -10.94 -1.19 10.80
C ASP A 39 -9.86 -0.40 11.51
N ASN A 40 -8.64 -0.94 11.44
CA ASN A 40 -7.48 -0.34 12.06
C ASN A 40 -6.80 0.64 11.11
N GLN A 41 -7.50 1.02 10.03
CA GLN A 41 -7.10 1.89 8.94
C GLN A 41 -5.59 1.84 8.62
N GLU A 42 -5.14 0.62 8.29
CA GLU A 42 -3.74 0.34 7.99
C GLU A 42 -3.66 -0.47 6.69
N ALA A 43 -2.69 -0.11 5.86
CA ALA A 43 -2.49 -0.63 4.53
C ALA A 43 -1.11 -1.29 4.44
N THR A 44 -1.10 -2.60 4.14
CA THR A 44 0.09 -3.42 3.99
C THR A 44 0.45 -3.49 2.52
N ILE A 45 1.56 -2.93 2.09
CA ILE A 45 1.99 -3.03 0.71
C ILE A 45 3.31 -3.80 0.72
N VAL A 46 3.36 -4.96 0.06
CA VAL A 46 4.55 -5.82 0.05
C VAL A 46 5.20 -5.76 -1.32
N TYR A 47 6.45 -5.28 -1.39
CA TYR A 47 7.11 -5.06 -2.68
C TYR A 47 8.59 -5.43 -2.64
N GLN A 48 9.19 -5.55 -3.84
CA GLN A 48 10.55 -5.97 -4.09
C GLN A 48 11.49 -4.76 -4.21
N PRO A 49 12.42 -4.53 -3.27
CA PRO A 49 13.26 -3.34 -3.24
C PRO A 49 14.34 -3.36 -4.32
N HIS A 50 13.90 -3.14 -5.56
CA HIS A 50 14.72 -2.95 -6.76
C HIS A 50 13.79 -2.58 -7.91
N LEU A 51 12.68 -3.32 -8.07
CA LEU A 51 11.81 -3.14 -9.22
C LEU A 51 11.04 -1.83 -9.14
N ILE A 52 10.55 -1.50 -7.95
CA ILE A 52 9.73 -0.33 -7.69
C ILE A 52 10.21 0.29 -6.38
N SER A 53 9.55 1.36 -5.91
CA SER A 53 9.97 2.09 -4.73
C SER A 53 8.74 2.54 -3.94
N VAL A 54 8.92 2.72 -2.61
CA VAL A 54 7.94 3.34 -1.71
C VAL A 54 7.22 4.50 -2.39
N GLU A 55 8.00 5.40 -2.98
CA GLU A 55 7.49 6.63 -3.55
C GLU A 55 6.50 6.34 -4.68
N GLU A 56 6.80 5.44 -5.63
CA GLU A 56 5.83 5.07 -6.66
C GLU A 56 4.56 4.60 -5.96
N MET A 57 4.69 3.68 -4.99
CA MET A 57 3.54 3.18 -4.27
C MET A 57 2.71 4.34 -3.68
N LYS A 58 3.28 5.18 -2.83
CA LYS A 58 2.57 6.32 -2.27
C LYS A 58 2.08 7.30 -3.32
N LYS A 59 2.95 7.81 -4.17
CA LYS A 59 2.63 8.74 -5.23
C LYS A 59 1.42 8.24 -6.00
N GLN A 60 1.38 6.93 -6.30
CA GLN A 60 0.20 6.33 -6.90
C GLN A 60 -1.00 6.34 -5.95
N ILE A 61 -0.87 5.82 -4.72
CA ILE A 61 -1.97 5.79 -3.75
C ILE A 61 -2.49 7.19 -3.45
N GLU A 62 -1.66 8.06 -2.88
CA GLU A 62 -2.03 9.43 -2.58
C GLU A 62 -2.63 10.17 -3.79
N ALA A 63 -2.28 9.81 -5.03
CA ALA A 63 -2.97 10.38 -6.20
C ALA A 63 -4.48 10.22 -6.14
N MET A 64 -4.97 9.11 -5.57
CA MET A 64 -6.38 8.87 -5.36
C MET A 64 -6.99 9.97 -4.49
N GLY A 65 -6.23 10.47 -3.51
CA GLY A 65 -6.63 11.52 -2.60
C GLY A 65 -6.40 11.10 -1.15
N PHE A 66 -6.34 9.79 -0.92
CA PHE A 66 -6.21 9.21 0.41
C PHE A 66 -4.81 9.49 0.97
N PRO A 67 -4.66 10.25 2.07
CA PRO A 67 -3.36 10.44 2.69
C PRO A 67 -2.84 9.09 3.21
N ALA A 68 -1.52 8.90 3.25
CA ALA A 68 -0.94 7.70 3.82
C ALA A 68 0.38 7.96 4.55
N PHE A 69 0.59 7.30 5.69
CA PHE A 69 1.82 7.40 6.49
C PHE A 69 2.59 6.09 6.43
N VAL A 70 3.37 5.91 5.35
CA VAL A 70 4.28 4.80 5.14
C VAL A 70 5.48 4.89 6.09
N LYS A 71 5.53 4.07 7.14
CA LYS A 71 6.63 4.11 8.11
C LYS A 71 6.80 2.81 8.89
N LYS A 72 6.94 1.69 8.19
CA LYS A 72 7.39 0.44 8.77
C LYS A 72 7.93 -0.43 7.64
N ILE A 73 9.25 -0.56 7.52
CA ILE A 73 9.90 -1.47 6.58
C ILE A 73 10.12 -2.79 7.34
N GLU A 74 9.05 -3.51 7.65
CA GLU A 74 9.19 -4.83 8.28
C GLU A 74 9.48 -5.83 7.16
N GLY A 75 10.73 -5.80 6.66
CA GLY A 75 11.24 -6.72 5.69
C GLY A 75 12.15 -7.74 6.39
N ARG A 76 12.23 -8.96 5.84
CA ARG A 76 13.00 -10.06 6.37
C ARG A 76 13.05 -11.11 5.28
CU CU1 B . -14.35 3.01 0.11
N GLY A 1 14.48 -10.04 1.72
CA GLY A 1 13.67 -10.48 0.57
C GLY A 1 12.65 -9.39 0.27
N GLU A 2 11.43 -9.76 -0.10
CA GLU A 2 10.28 -8.87 -0.16
C GLU A 2 10.18 -8.11 1.17
N VAL A 3 9.78 -6.84 1.12
CA VAL A 3 9.67 -5.98 2.28
C VAL A 3 8.22 -5.53 2.42
N VAL A 4 7.70 -5.63 3.64
CA VAL A 4 6.40 -5.16 4.03
C VAL A 4 6.50 -3.66 4.31
N LEU A 5 5.78 -2.86 3.52
CA LEU A 5 5.64 -1.42 3.67
C LEU A 5 4.32 -1.27 4.41
N LYS A 6 4.35 -0.66 5.58
CA LYS A 6 3.16 -0.45 6.38
C LYS A 6 2.95 1.05 6.41
N MET A 7 1.81 1.47 5.88
CA MET A 7 1.28 2.80 5.97
C MET A 7 0.00 2.76 6.79
N LYS A 8 -0.21 3.73 7.67
CA LYS A 8 -1.58 4.05 8.08
C LYS A 8 -2.26 4.74 6.90
N VAL A 9 -3.58 4.68 6.81
CA VAL A 9 -4.35 5.46 5.88
C VAL A 9 -5.58 5.97 6.61
N GLU A 10 -6.00 7.20 6.30
CA GLU A 10 -7.13 7.82 6.97
C GLU A 10 -8.38 7.67 6.12
N GLY A 11 -9.56 7.63 6.73
CA GLY A 11 -10.84 7.65 6.04
C GLY A 11 -11.28 6.31 5.45
N MET A 12 -10.32 5.50 4.98
CA MET A 12 -10.60 4.25 4.27
C MET A 12 -11.30 3.24 5.17
N THR A 13 -12.63 3.25 5.16
CA THR A 13 -13.49 2.40 5.94
C THR A 13 -14.76 2.08 5.15
N CYS A 14 -14.60 1.43 4.00
CA CYS A 14 -15.65 0.78 3.25
C CYS A 14 -14.98 -0.19 2.29
N HIS A 15 -15.71 -1.21 1.82
CA HIS A 15 -15.21 -2.14 0.82
C HIS A 15 -15.29 -1.49 -0.58
N SER A 16 -14.70 -0.31 -0.72
CA SER A 16 -14.60 0.41 -1.98
C SER A 16 -13.18 0.97 -2.10
N CYS A 17 -12.79 1.88 -1.20
CA CYS A 17 -11.48 2.50 -1.26
C CYS A 17 -10.37 1.46 -1.24
N THR A 18 -10.37 0.61 -0.21
CA THR A 18 -9.40 -0.46 -0.07
C THR A 18 -9.35 -1.30 -1.35
N SER A 19 -10.51 -1.82 -1.78
CA SER A 19 -10.59 -2.73 -2.92
C SER A 19 -10.07 -2.05 -4.19
N THR A 20 -10.42 -0.78 -4.42
CA THR A 20 -9.93 -0.02 -5.54
C THR A 20 -8.40 -0.01 -5.53
N ILE A 21 -7.81 0.36 -4.39
CA ILE A 21 -6.37 0.38 -4.24
C ILE A 21 -5.80 -1.02 -4.45
N GLU A 22 -6.35 -2.05 -3.80
CA GLU A 22 -5.88 -3.42 -3.92
C GLU A 22 -5.86 -3.86 -5.38
N GLY A 23 -6.97 -3.63 -6.10
CA GLY A 23 -7.04 -3.85 -7.53
C GLY A 23 -5.93 -3.12 -8.28
N LYS A 24 -5.78 -1.81 -8.05
CA LYS A 24 -4.82 -1.00 -8.79
C LYS A 24 -3.39 -1.43 -8.46
N ILE A 25 -3.01 -1.31 -7.20
CA ILE A 25 -1.67 -1.54 -6.72
C ILE A 25 -1.27 -3.01 -6.90
N GLY A 26 -2.23 -3.93 -6.81
CA GLY A 26 -2.04 -5.33 -7.18
C GLY A 26 -1.41 -5.48 -8.57
N LYS A 27 -1.66 -4.53 -9.48
CA LYS A 27 -1.18 -4.57 -10.84
C LYS A 27 0.15 -3.80 -11.01
N LEU A 28 0.83 -3.37 -9.93
CA LEU A 28 2.14 -2.75 -10.06
C LEU A 28 3.20 -3.78 -10.45
N GLN A 29 4.24 -3.29 -11.14
CA GLN A 29 5.38 -4.07 -11.59
C GLN A 29 6.51 -4.02 -10.56
N GLY A 30 6.42 -4.86 -9.53
CA GLY A 30 7.37 -4.83 -8.41
C GLY A 30 6.76 -5.25 -7.07
N VAL A 31 5.43 -5.32 -7.00
CA VAL A 31 4.75 -5.83 -5.83
C VAL A 31 4.79 -7.36 -5.85
N GLN A 32 4.76 -7.94 -4.66
CA GLN A 32 4.64 -9.37 -4.45
C GLN A 32 3.37 -9.72 -3.66
N ARG A 33 2.94 -8.88 -2.70
CA ARG A 33 1.69 -9.07 -2.02
C ARG A 33 1.22 -7.71 -1.50
N ILE A 34 -0.01 -7.65 -1.03
CA ILE A 34 -0.65 -6.44 -0.61
C ILE A 34 -1.75 -6.90 0.33
N LYS A 35 -1.93 -6.17 1.44
CA LYS A 35 -3.01 -6.34 2.39
C LYS A 35 -3.52 -4.97 2.86
N VAL A 36 -4.51 -4.40 2.19
CA VAL A 36 -5.08 -3.11 2.56
C VAL A 36 -6.26 -3.29 3.50
N SER A 37 -6.06 -2.98 4.78
CA SER A 37 -7.09 -3.11 5.78
C SER A 37 -8.03 -1.91 5.69
N LEU A 38 -9.04 -1.89 6.54
CA LEU A 38 -10.02 -0.82 6.60
C LEU A 38 -10.41 -0.57 8.06
N ASP A 39 -10.70 -1.65 8.79
CA ASP A 39 -11.07 -1.64 10.20
C ASP A 39 -10.12 -0.78 10.99
N ASN A 40 -8.83 -1.14 10.93
CA ASN A 40 -7.80 -0.47 11.69
C ASN A 40 -7.19 0.69 10.90
N GLN A 41 -7.84 1.08 9.79
CA GLN A 41 -7.42 2.12 8.86
C GLN A 41 -5.91 2.04 8.52
N GLU A 42 -5.51 0.92 7.92
CA GLU A 42 -4.10 0.56 7.76
C GLU A 42 -3.91 -0.16 6.43
N ALA A 43 -2.72 -0.05 5.86
CA ALA A 43 -2.44 -0.56 4.53
C ALA A 43 -1.05 -1.18 4.45
N THR A 44 -1.02 -2.44 4.00
CA THR A 44 0.16 -3.29 3.85
C THR A 44 0.47 -3.41 2.37
N ILE A 45 1.65 -2.99 1.93
CA ILE A 45 2.09 -3.21 0.56
C ILE A 45 3.40 -3.99 0.65
N VAL A 46 3.42 -5.23 0.13
CA VAL A 46 4.58 -6.12 0.23
C VAL A 46 5.28 -6.15 -1.13
N TYR A 47 6.47 -5.54 -1.21
CA TYR A 47 7.08 -5.27 -2.50
C TYR A 47 8.56 -5.62 -2.52
N GLN A 48 9.12 -5.58 -3.73
CA GLN A 48 10.48 -5.93 -4.01
C GLN A 48 11.31 -4.62 -4.07
N PRO A 49 12.21 -4.35 -3.10
CA PRO A 49 12.93 -3.09 -3.01
C PRO A 49 14.06 -3.03 -4.05
N HIS A 50 13.69 -2.97 -5.33
CA HIS A 50 14.60 -2.85 -6.45
C HIS A 50 13.77 -2.57 -7.71
N LEU A 51 12.69 -3.34 -7.92
CA LEU A 51 11.81 -3.09 -9.06
C LEU A 51 11.09 -1.74 -8.93
N ILE A 52 10.52 -1.46 -7.75
CA ILE A 52 9.69 -0.31 -7.50
C ILE A 52 10.14 0.31 -6.16
N SER A 53 9.76 1.57 -5.89
CA SER A 53 10.22 2.35 -4.74
C SER A 53 9.04 2.80 -3.88
N VAL A 54 9.30 3.12 -2.61
CA VAL A 54 8.32 3.74 -1.69
C VAL A 54 7.55 4.86 -2.40
N GLU A 55 8.26 5.76 -3.07
CA GLU A 55 7.66 6.90 -3.73
C GLU A 55 6.63 6.45 -4.76
N GLU A 56 6.97 5.58 -5.70
CA GLU A 56 6.03 5.02 -6.67
C GLU A 56 4.76 4.59 -5.94
N MET A 57 4.91 3.76 -4.91
CA MET A 57 3.78 3.30 -4.12
C MET A 57 2.97 4.47 -3.57
N LYS A 58 3.57 5.31 -2.71
CA LYS A 58 2.87 6.45 -2.13
C LYS A 58 2.29 7.35 -3.20
N LYS A 59 3.13 7.92 -4.06
CA LYS A 59 2.73 8.79 -5.13
C LYS A 59 1.49 8.22 -5.83
N GLN A 60 1.53 6.96 -6.24
CA GLN A 60 0.33 6.36 -6.84
C GLN A 60 -0.85 6.28 -5.86
N ILE A 61 -0.62 5.86 -4.62
CA ILE A 61 -1.66 5.71 -3.61
C ILE A 61 -2.21 7.07 -3.20
N GLU A 62 -1.40 7.92 -2.56
CA GLU A 62 -1.74 9.30 -2.29
C GLU A 62 -2.39 10.00 -3.49
N ALA A 63 -1.94 9.75 -4.73
CA ALA A 63 -2.56 10.38 -5.90
C ALA A 63 -4.07 10.12 -5.97
N MET A 64 -4.54 8.97 -5.49
CA MET A 64 -5.97 8.71 -5.38
C MET A 64 -6.66 9.79 -4.57
N GLY A 65 -6.03 10.24 -3.48
CA GLY A 65 -6.52 11.29 -2.61
C GLY A 65 -6.29 10.93 -1.13
N PHE A 66 -6.08 9.64 -0.85
CA PHE A 66 -6.00 9.12 0.50
C PHE A 66 -4.65 9.49 1.13
N PRO A 67 -4.60 10.31 2.19
CA PRO A 67 -3.34 10.56 2.87
C PRO A 67 -2.88 9.25 3.54
N ALA A 68 -1.59 8.96 3.45
CA ALA A 68 -1.03 7.71 3.94
C ALA A 68 0.30 7.95 4.66
N PHE A 69 0.51 7.28 5.79
CA PHE A 69 1.73 7.45 6.59
C PHE A 69 2.62 6.22 6.42
N VAL A 70 3.21 6.07 5.24
CA VAL A 70 4.26 5.08 4.96
C VAL A 70 5.45 5.29 5.89
N LYS A 71 5.63 4.44 6.90
CA LYS A 71 6.78 4.51 7.77
C LYS A 71 7.09 3.16 8.43
N LYS A 72 7.26 2.12 7.62
CA LYS A 72 7.73 0.83 8.08
C LYS A 72 8.34 0.12 6.88
N ILE A 73 9.44 -0.60 7.09
CA ILE A 73 10.06 -1.50 6.12
C ILE A 73 10.48 -2.73 6.92
N GLU A 74 9.56 -3.69 7.11
CA GLU A 74 9.89 -4.98 7.71
C GLU A 74 10.14 -5.98 6.58
N GLY A 75 10.66 -7.17 6.90
CA GLY A 75 10.93 -8.19 5.90
C GLY A 75 11.50 -9.44 6.56
N ARG A 76 12.24 -10.23 5.77
CA ARG A 76 13.00 -11.39 6.14
C ARG A 76 14.28 -11.24 5.32
CU CU1 B . -13.96 3.93 1.77
N GLY A 1 10.36 -11.66 3.74
CA GLY A 1 10.92 -12.05 2.43
C GLY A 1 11.06 -10.80 1.57
N GLU A 2 9.93 -10.33 1.06
CA GLU A 2 9.83 -9.07 0.35
C GLU A 2 9.94 -7.90 1.32
N VAL A 3 9.80 -6.66 0.83
CA VAL A 3 9.76 -5.49 1.66
C VAL A 3 8.30 -5.22 2.03
N VAL A 4 7.98 -5.33 3.32
CA VAL A 4 6.69 -4.95 3.89
C VAL A 4 6.79 -3.49 4.30
N LEU A 5 5.87 -2.67 3.80
CA LEU A 5 5.71 -1.27 4.15
C LEU A 5 4.34 -1.15 4.81
N LYS A 6 4.26 -0.48 5.96
CA LYS A 6 3.02 -0.31 6.71
C LYS A 6 2.68 1.18 6.68
N MET A 7 1.54 1.53 6.07
CA MET A 7 1.08 2.90 5.96
C MET A 7 -0.25 3.08 6.70
N LYS A 8 -0.34 4.01 7.65
CA LYS A 8 -1.66 4.34 8.19
C LYS A 8 -2.39 5.15 7.14
N VAL A 9 -3.62 4.80 6.79
CA VAL A 9 -4.43 5.54 5.84
C VAL A 9 -5.66 6.11 6.53
N GLU A 10 -6.16 7.24 6.03
CA GLU A 10 -7.34 7.90 6.57
C GLU A 10 -8.50 7.80 5.59
N GLY A 11 -9.70 7.58 6.13
CA GLY A 11 -10.96 7.70 5.42
C GLY A 11 -11.38 6.44 4.65
N MET A 12 -10.45 5.51 4.43
CA MET A 12 -10.74 4.29 3.68
C MET A 12 -11.52 3.29 4.54
N THR A 13 -12.80 3.58 4.69
CA THR A 13 -13.73 2.89 5.59
C THR A 13 -14.80 2.12 4.80
N CYS A 14 -14.46 1.58 3.62
CA CYS A 14 -15.35 0.69 2.89
C CYS A 14 -14.56 -0.25 1.99
N HIS A 15 -15.18 -1.37 1.62
CA HIS A 15 -14.70 -2.25 0.57
C HIS A 15 -14.96 -1.61 -0.80
N SER A 16 -14.37 -0.44 -1.02
CA SER A 16 -14.30 0.17 -2.34
C SER A 16 -12.97 0.90 -2.44
N CYS A 17 -12.75 1.93 -1.61
CA CYS A 17 -11.49 2.67 -1.60
C CYS A 17 -10.31 1.69 -1.44
N THR A 18 -10.39 0.86 -0.39
CA THR A 18 -9.43 -0.18 -0.08
C THR A 18 -9.20 -1.08 -1.29
N SER A 19 -10.21 -1.88 -1.61
CA SER A 19 -10.20 -2.90 -2.66
C SER A 19 -9.70 -2.33 -3.99
N THR A 20 -10.20 -1.15 -4.39
CA THR A 20 -9.77 -0.51 -5.62
C THR A 20 -8.27 -0.23 -5.57
N ILE A 21 -7.76 0.30 -4.46
CA ILE A 21 -6.31 0.45 -4.31
C ILE A 21 -5.63 -0.91 -4.39
N GLU A 22 -6.09 -1.90 -3.64
CA GLU A 22 -5.53 -3.26 -3.66
C GLU A 22 -5.37 -3.74 -5.11
N GLY A 23 -6.45 -3.64 -5.89
CA GLY A 23 -6.44 -3.95 -7.31
C GLY A 23 -5.44 -3.10 -8.10
N LYS A 24 -5.57 -1.77 -8.05
CA LYS A 24 -4.81 -0.89 -8.93
C LYS A 24 -3.32 -1.01 -8.60
N ILE A 25 -3.00 -0.84 -7.32
CA ILE A 25 -1.64 -0.85 -6.81
C ILE A 25 -1.06 -2.26 -6.88
N GLY A 26 -1.90 -3.29 -6.83
CA GLY A 26 -1.48 -4.63 -7.19
C GLY A 26 -0.80 -4.69 -8.57
N LYS A 27 -1.21 -3.83 -9.52
CA LYS A 27 -0.84 -3.95 -10.91
C LYS A 27 0.51 -3.33 -11.26
N LEU A 28 1.24 -2.70 -10.32
CA LEU A 28 2.56 -2.17 -10.63
C LEU A 28 3.59 -3.27 -10.87
N GLN A 29 4.62 -2.94 -11.64
CA GLN A 29 5.66 -3.89 -11.99
C GLN A 29 6.74 -4.02 -10.92
N GLY A 30 6.36 -4.61 -9.79
CA GLY A 30 7.29 -4.85 -8.68
C GLY A 30 6.64 -5.30 -7.37
N VAL A 31 5.40 -5.80 -7.40
CA VAL A 31 4.60 -6.01 -6.22
C VAL A 31 4.42 -7.50 -6.01
N GLN A 32 4.46 -7.93 -4.75
CA GLN A 32 4.34 -9.32 -4.38
C GLN A 32 3.03 -9.55 -3.64
N ARG A 33 2.68 -8.68 -2.70
CA ARG A 33 1.40 -8.73 -2.01
C ARG A 33 1.00 -7.30 -1.68
N ILE A 34 -0.26 -7.14 -1.30
CA ILE A 34 -0.82 -5.89 -0.89
C ILE A 34 -1.99 -6.27 0.00
N LYS A 35 -2.08 -5.65 1.18
CA LYS A 35 -3.09 -5.91 2.17
C LYS A 35 -3.56 -4.60 2.78
N VAL A 36 -4.86 -4.35 2.85
CA VAL A 36 -5.38 -3.14 3.48
C VAL A 36 -6.29 -3.51 4.67
N SER A 37 -5.71 -3.45 5.87
CA SER A 37 -6.40 -3.68 7.13
C SER A 37 -7.30 -2.47 7.44
N LEU A 38 -8.41 -2.39 6.71
CA LEU A 38 -9.49 -1.42 6.89
C LEU A 38 -9.76 -1.14 8.36
N ASP A 39 -9.89 -2.19 9.17
CA ASP A 39 -10.25 -2.13 10.58
C ASP A 39 -9.42 -1.09 11.32
N ASN A 40 -8.10 -1.26 11.22
CA ASN A 40 -7.15 -0.38 11.89
C ASN A 40 -6.78 0.80 10.97
N GLN A 41 -7.32 0.79 9.75
CA GLN A 41 -7.04 1.68 8.65
C GLN A 41 -5.53 1.71 8.35
N GLU A 42 -4.97 0.51 8.12
CA GLU A 42 -3.55 0.30 7.88
C GLU A 42 -3.36 -0.42 6.53
N ALA A 43 -2.38 0.03 5.73
CA ALA A 43 -2.04 -0.50 4.42
C ALA A 43 -0.70 -1.24 4.50
N THR A 44 -0.78 -2.57 4.44
CA THR A 44 0.29 -3.54 4.30
C THR A 44 0.70 -3.65 2.83
N ILE A 45 1.61 -2.80 2.36
CA ILE A 45 2.09 -2.85 0.99
C ILE A 45 3.31 -3.78 0.94
N VAL A 46 3.33 -4.82 0.09
CA VAL A 46 4.40 -5.82 0.08
C VAL A 46 5.04 -5.89 -1.31
N TYR A 47 6.19 -5.25 -1.48
CA TYR A 47 6.83 -5.16 -2.78
C TYR A 47 8.20 -5.80 -2.79
N GLN A 48 8.66 -6.13 -4.01
CA GLN A 48 10.01 -6.60 -4.24
C GLN A 48 10.92 -5.37 -4.34
N PRO A 49 12.05 -5.33 -3.63
CA PRO A 49 12.99 -4.24 -3.77
C PRO A 49 13.53 -4.23 -5.20
N HIS A 50 14.14 -3.12 -5.62
CA HIS A 50 14.71 -2.93 -6.95
C HIS A 50 13.64 -2.74 -8.02
N LEU A 51 12.53 -3.50 -8.01
CA LEU A 51 11.51 -3.39 -9.04
C LEU A 51 10.74 -2.08 -8.92
N ILE A 52 10.28 -1.74 -7.70
CA ILE A 52 9.46 -0.58 -7.41
C ILE A 52 9.90 -0.01 -6.05
N SER A 53 9.28 1.08 -5.58
CA SER A 53 9.71 1.76 -4.37
C SER A 53 8.52 2.41 -3.65
N VAL A 54 8.74 2.77 -2.37
CA VAL A 54 7.77 3.52 -1.57
C VAL A 54 7.19 4.69 -2.35
N GLU A 55 8.02 5.46 -3.03
CA GLU A 55 7.53 6.67 -3.68
C GLU A 55 6.50 6.31 -4.75
N GLU A 56 6.72 5.28 -5.57
CA GLU A 56 5.76 4.86 -6.57
C GLU A 56 4.47 4.48 -5.86
N MET A 57 4.56 3.57 -4.89
CA MET A 57 3.43 3.23 -4.06
C MET A 57 2.68 4.47 -3.55
N LYS A 58 3.30 5.31 -2.73
CA LYS A 58 2.67 6.49 -2.18
C LYS A 58 2.14 7.41 -3.27
N LYS A 59 2.99 7.87 -4.18
CA LYS A 59 2.59 8.73 -5.28
C LYS A 59 1.32 8.19 -5.92
N GLN A 60 1.30 6.89 -6.21
CA GLN A 60 0.12 6.25 -6.78
C GLN A 60 -1.07 6.24 -5.81
N ILE A 61 -0.84 5.94 -4.53
CA ILE A 61 -1.87 5.88 -3.50
C ILE A 61 -2.41 7.27 -3.21
N GLU A 62 -1.56 8.16 -2.67
CA GLU A 62 -1.91 9.56 -2.46
C GLU A 62 -2.60 10.16 -3.70
N ALA A 63 -2.15 9.84 -4.92
CA ALA A 63 -2.82 10.35 -6.12
C ALA A 63 -4.31 10.06 -6.16
N MET A 64 -4.76 8.93 -5.61
CA MET A 64 -6.18 8.65 -5.49
C MET A 64 -6.88 9.75 -4.69
N GLY A 65 -6.24 10.20 -3.60
CA GLY A 65 -6.73 11.26 -2.73
C GLY A 65 -6.50 10.91 -1.27
N PHE A 66 -6.25 9.63 -0.98
CA PHE A 66 -6.15 9.12 0.38
C PHE A 66 -4.75 9.41 0.93
N PRO A 67 -4.60 10.21 1.99
CA PRO A 67 -3.30 10.39 2.61
C PRO A 67 -2.86 9.05 3.22
N ALA A 68 -1.54 8.83 3.30
CA ALA A 68 -0.98 7.62 3.90
C ALA A 68 0.31 7.95 4.64
N PHE A 69 0.50 7.34 5.81
CA PHE A 69 1.68 7.53 6.64
C PHE A 69 2.53 6.27 6.59
N VAL A 70 3.23 6.07 5.47
CA VAL A 70 4.23 5.01 5.31
C VAL A 70 5.38 5.20 6.28
N LYS A 71 5.47 4.40 7.35
CA LYS A 71 6.57 4.48 8.29
C LYS A 71 6.83 3.18 9.05
N LYS A 72 7.05 2.09 8.32
CA LYS A 72 7.54 0.82 8.86
C LYS A 72 8.23 0.11 7.70
N ILE A 73 9.31 -0.61 8.00
CA ILE A 73 10.04 -1.45 7.07
C ILE A 73 10.26 -2.78 7.80
N GLU A 74 9.15 -3.47 8.10
CA GLU A 74 9.18 -4.72 8.86
C GLU A 74 9.48 -5.85 7.89
N GLY A 75 10.77 -6.18 7.70
CA GLY A 75 11.22 -7.15 6.71
C GLY A 75 12.50 -7.86 7.15
N ARG A 76 13.08 -8.64 6.24
CA ARG A 76 14.36 -9.30 6.39
C ARG A 76 15.36 -8.58 5.48
CU CU1 B . -14.32 4.05 1.19
N GLY A 1 11.20 -13.04 -1.33
CA GLY A 1 12.06 -11.89 -1.01
C GLY A 1 11.30 -10.62 -1.33
N GLU A 2 11.05 -9.79 -0.33
CA GLU A 2 9.99 -8.80 -0.34
C GLU A 2 10.11 -8.01 0.97
N VAL A 3 9.64 -6.76 0.99
CA VAL A 3 9.60 -5.93 2.17
C VAL A 3 8.18 -5.38 2.31
N VAL A 4 7.59 -5.55 3.50
CA VAL A 4 6.25 -5.13 3.86
C VAL A 4 6.27 -3.67 4.30
N LEU A 5 5.68 -2.78 3.50
CA LEU A 5 5.55 -1.38 3.84
C LEU A 5 4.22 -1.23 4.56
N LYS A 6 4.29 -0.79 5.83
CA LYS A 6 3.15 -0.41 6.63
C LYS A 6 2.83 1.04 6.28
N MET A 7 1.58 1.35 5.92
CA MET A 7 1.11 2.70 5.72
C MET A 7 -0.17 2.84 6.54
N LYS A 8 -0.29 3.86 7.40
CA LYS A 8 -1.57 4.13 8.07
C LYS A 8 -2.35 5.14 7.24
N VAL A 9 -3.48 4.72 6.66
CA VAL A 9 -4.34 5.59 5.88
C VAL A 9 -5.39 6.22 6.80
N GLU A 10 -6.08 7.26 6.32
CA GLU A 10 -7.19 7.90 7.04
C GLU A 10 -8.44 7.81 6.16
N GLY A 11 -9.63 7.79 6.75
CA GLY A 11 -10.88 8.03 6.05
C GLY A 11 -11.41 6.82 5.27
N MET A 12 -10.51 5.99 4.73
CA MET A 12 -10.87 4.81 3.96
C MET A 12 -11.60 3.76 4.81
N THR A 13 -12.91 3.96 4.97
CA THR A 13 -13.78 3.12 5.77
C THR A 13 -14.81 2.40 4.88
N CYS A 14 -14.38 1.76 3.79
CA CYS A 14 -15.24 0.89 3.01
C CYS A 14 -14.42 -0.07 2.16
N HIS A 15 -15.09 -1.13 1.67
CA HIS A 15 -14.49 -2.10 0.76
C HIS A 15 -14.12 -1.44 -0.57
N SER A 16 -14.91 -0.46 -1.04
CA SER A 16 -14.70 0.12 -2.36
C SER A 16 -13.30 0.71 -2.50
N CYS A 17 -12.93 1.67 -1.64
CA CYS A 17 -11.63 2.32 -1.70
C CYS A 17 -10.51 1.29 -1.60
N THR A 18 -10.53 0.54 -0.49
CA THR A 18 -9.53 -0.46 -0.16
C THR A 18 -9.34 -1.43 -1.33
N SER A 19 -10.42 -2.08 -1.78
CA SER A 19 -10.40 -3.01 -2.89
C SER A 19 -9.92 -2.34 -4.17
N THR A 20 -10.40 -1.13 -4.49
CA THR A 20 -9.96 -0.41 -5.69
C THR A 20 -8.44 -0.23 -5.66
N ILE A 21 -7.90 0.25 -4.54
CA ILE A 21 -6.48 0.44 -4.37
C ILE A 21 -5.77 -0.90 -4.50
N GLU A 22 -6.24 -1.95 -3.80
CA GLU A 22 -5.70 -3.28 -3.90
C GLU A 22 -5.60 -3.72 -5.37
N GLY A 23 -6.69 -3.55 -6.12
CA GLY A 23 -6.73 -3.81 -7.55
C GLY A 23 -5.65 -3.02 -8.29
N LYS A 24 -5.63 -1.70 -8.12
CA LYS A 24 -4.73 -0.85 -8.91
C LYS A 24 -3.28 -1.18 -8.59
N ILE A 25 -2.92 -1.11 -7.32
CA ILE A 25 -1.55 -1.31 -6.84
C ILE A 25 -1.14 -2.77 -7.06
N GLY A 26 -2.08 -3.71 -6.94
CA GLY A 26 -1.87 -5.10 -7.29
C GLY A 26 -1.19 -5.25 -8.66
N LYS A 27 -1.50 -4.37 -9.61
CA LYS A 27 -0.99 -4.46 -10.96
C LYS A 27 0.40 -3.84 -11.12
N LEU A 28 1.07 -3.36 -10.06
CA LEU A 28 2.39 -2.75 -10.22
C LEU A 28 3.47 -3.78 -10.51
N GLN A 29 4.38 -3.43 -11.42
CA GLN A 29 5.48 -4.27 -11.82
C GLN A 29 6.63 -4.25 -10.80
N GLY A 30 6.49 -5.04 -9.74
CA GLY A 30 7.49 -5.09 -8.67
C GLY A 30 6.92 -5.44 -7.30
N VAL A 31 5.59 -5.48 -7.17
CA VAL A 31 4.96 -5.88 -5.93
C VAL A 31 4.97 -7.41 -5.80
N GLN A 32 4.98 -7.89 -4.56
CA GLN A 32 4.99 -9.31 -4.20
C GLN A 32 3.68 -9.70 -3.53
N ARG A 33 3.11 -8.81 -2.71
CA ARG A 33 1.87 -9.07 -1.97
C ARG A 33 1.33 -7.70 -1.57
N ILE A 34 0.05 -7.62 -1.29
CA ILE A 34 -0.63 -6.39 -0.99
C ILE A 34 -1.78 -6.78 -0.10
N LYS A 35 -2.01 -6.01 0.95
CA LYS A 35 -3.10 -6.19 1.88
C LYS A 35 -3.63 -4.82 2.32
N VAL A 36 -4.91 -4.72 2.68
CA VAL A 36 -5.48 -3.52 3.28
C VAL A 36 -6.36 -3.92 4.48
N SER A 37 -6.13 -3.30 5.63
CA SER A 37 -6.81 -3.55 6.89
C SER A 37 -7.69 -2.34 7.22
N LEU A 38 -8.86 -2.27 6.58
CA LEU A 38 -9.76 -1.13 6.72
C LEU A 38 -10.06 -0.85 8.20
N ASP A 39 -10.27 -1.91 8.97
CA ASP A 39 -10.58 -1.92 10.38
C ASP A 39 -9.68 -0.95 11.14
N ASN A 40 -8.37 -1.16 10.96
CA ASN A 40 -7.35 -0.41 11.67
C ASN A 40 -6.82 0.72 10.80
N GLN A 41 -7.57 1.06 9.74
CA GLN A 41 -7.24 1.94 8.65
C GLN A 41 -5.76 1.86 8.24
N GLU A 42 -5.32 0.63 7.96
CA GLU A 42 -3.94 0.31 7.61
C GLU A 42 -3.88 -0.20 6.16
N ALA A 43 -2.77 0.04 5.48
CA ALA A 43 -2.45 -0.51 4.17
C ALA A 43 -1.07 -1.17 4.24
N THR A 44 -0.98 -2.36 3.67
CA THR A 44 0.14 -3.29 3.68
C THR A 44 0.59 -3.46 2.24
N ILE A 45 1.75 -2.93 1.88
CA ILE A 45 2.21 -2.98 0.51
C ILE A 45 3.52 -3.76 0.51
N VAL A 46 3.50 -5.03 0.09
CA VAL A 46 4.67 -5.88 0.17
C VAL A 46 5.36 -5.91 -1.20
N TYR A 47 6.50 -5.26 -1.33
CA TYR A 47 7.13 -5.04 -2.63
C TYR A 47 8.58 -5.47 -2.62
N GLN A 48 9.18 -5.56 -3.82
CA GLN A 48 10.55 -6.00 -3.98
C GLN A 48 11.46 -4.78 -4.18
N PRO A 49 12.36 -4.46 -3.22
CA PRO A 49 13.12 -3.21 -3.20
C PRO A 49 14.25 -3.23 -4.22
N HIS A 50 13.86 -3.19 -5.50
CA HIS A 50 14.70 -3.17 -6.69
C HIS A 50 13.81 -2.87 -7.90
N LEU A 51 12.60 -3.45 -7.94
CA LEU A 51 11.71 -3.31 -9.09
C LEU A 51 10.91 -2.01 -9.05
N ILE A 52 10.34 -1.68 -7.89
CA ILE A 52 9.45 -0.55 -7.69
C ILE A 52 9.79 0.07 -6.33
N SER A 53 9.44 1.34 -6.11
CA SER A 53 9.83 2.09 -4.91
C SER A 53 8.65 2.29 -3.95
N VAL A 54 8.97 2.62 -2.69
CA VAL A 54 7.99 3.17 -1.75
C VAL A 54 7.31 4.38 -2.38
N GLU A 55 8.06 5.23 -3.10
CA GLU A 55 7.49 6.42 -3.69
C GLU A 55 6.42 6.05 -4.71
N GLU A 56 6.68 5.12 -5.62
CA GLU A 56 5.68 4.60 -6.54
C GLU A 56 4.44 4.18 -5.77
N MET A 57 4.58 3.30 -4.76
CA MET A 57 3.47 2.97 -3.90
C MET A 57 2.73 4.20 -3.36
N LYS A 58 3.40 5.05 -2.58
CA LYS A 58 2.75 6.21 -2.00
C LYS A 58 2.17 7.14 -3.06
N LYS A 59 2.98 7.62 -3.98
CA LYS A 59 2.57 8.52 -5.04
C LYS A 59 1.29 7.96 -5.66
N GLN A 60 1.29 6.68 -6.04
CA GLN A 60 0.07 6.07 -6.57
C GLN A 60 -1.09 6.15 -5.58
N ILE A 61 -0.87 5.79 -4.31
CA ILE A 61 -1.92 5.81 -3.30
C ILE A 61 -2.35 7.24 -2.95
N GLU A 62 -1.48 8.07 -2.35
CA GLU A 62 -1.78 9.47 -2.09
C GLU A 62 -2.40 10.17 -3.31
N ALA A 63 -1.99 9.86 -4.55
CA ALA A 63 -2.60 10.47 -5.73
C ALA A 63 -4.12 10.28 -5.79
N MET A 64 -4.64 9.17 -5.25
CA MET A 64 -6.08 8.98 -5.12
C MET A 64 -6.71 10.14 -4.35
N GLY A 65 -6.03 10.59 -3.28
CA GLY A 65 -6.47 11.68 -2.42
C GLY A 65 -6.28 11.33 -0.95
N PHE A 66 -6.14 10.02 -0.64
CA PHE A 66 -6.10 9.52 0.72
C PHE A 66 -4.74 9.82 1.34
N PRO A 67 -4.64 10.61 2.41
CA PRO A 67 -3.38 10.82 3.08
C PRO A 67 -2.92 9.50 3.71
N ALA A 68 -1.62 9.20 3.63
CA ALA A 68 -1.10 7.94 4.15
C ALA A 68 0.24 8.13 4.87
N PHE A 69 0.31 7.54 6.06
CA PHE A 69 1.50 7.54 6.89
C PHE A 69 2.32 6.32 6.53
N VAL A 70 3.01 6.41 5.38
CA VAL A 70 4.17 5.60 5.04
C VAL A 70 5.10 5.50 6.26
N LYS A 71 5.11 4.36 6.93
CA LYS A 71 6.05 4.00 7.95
C LYS A 71 7.17 3.23 7.27
N LYS A 72 8.12 2.81 8.08
CA LYS A 72 9.19 1.89 7.71
C LYS A 72 8.64 0.47 7.72
N ILE A 73 9.42 -0.46 7.18
CA ILE A 73 9.10 -1.86 7.12
C ILE A 73 9.38 -2.52 8.47
N GLU A 74 8.63 -3.58 8.80
CA GLU A 74 8.89 -4.43 9.95
C GLU A 74 9.37 -5.79 9.46
N GLY A 75 10.68 -6.01 9.48
CA GLY A 75 11.25 -7.35 9.37
C GLY A 75 11.24 -8.00 10.77
N ARG A 76 10.99 -9.30 10.85
CA ARG A 76 10.91 -10.04 12.10
C ARG A 76 11.06 -11.51 11.72
CU CU1 B . -14.21 4.12 1.08
N GLY A 1 14.08 -10.22 -0.66
CA GLY A 1 13.42 -9.72 -1.87
C GLY A 1 11.97 -9.29 -1.67
N GLU A 2 11.52 -9.16 -0.40
CA GLU A 2 10.16 -8.78 -0.06
C GLU A 2 10.29 -7.86 1.14
N VAL A 3 9.75 -6.64 1.08
CA VAL A 3 9.70 -5.73 2.20
C VAL A 3 8.26 -5.28 2.46
N VAL A 4 7.78 -5.50 3.68
CA VAL A 4 6.45 -5.18 4.14
C VAL A 4 6.36 -3.69 4.50
N LEU A 5 5.70 -2.88 3.67
CA LEU A 5 5.61 -1.45 3.87
C LEU A 5 4.29 -1.22 4.61
N LYS A 6 4.41 -0.84 5.89
CA LYS A 6 3.30 -0.49 6.73
C LYS A 6 3.01 0.99 6.53
N MET A 7 1.87 1.34 5.94
CA MET A 7 1.40 2.69 5.81
C MET A 7 0.06 2.81 6.53
N LYS A 8 -0.08 3.75 7.47
CA LYS A 8 -1.37 3.99 8.09
C LYS A 8 -2.18 4.88 7.16
N VAL A 9 -3.39 4.46 6.79
CA VAL A 9 -4.28 5.24 5.94
C VAL A 9 -5.40 5.79 6.80
N GLU A 10 -5.91 6.97 6.47
CA GLU A 10 -7.04 7.58 7.16
C GLU A 10 -8.26 7.56 6.24
N GLY A 11 -9.47 7.58 6.80
CA GLY A 11 -10.70 7.78 6.06
C GLY A 11 -11.21 6.50 5.41
N MET A 12 -10.33 5.75 4.75
CA MET A 12 -10.64 4.51 4.05
C MET A 12 -11.31 3.50 4.99
N THR A 13 -12.66 3.44 4.98
CA THR A 13 -13.44 2.63 5.91
C THR A 13 -14.58 1.89 5.19
N CYS A 14 -14.39 1.52 3.92
CA CYS A 14 -15.39 0.81 3.14
C CYS A 14 -14.74 -0.01 2.03
N HIS A 15 -15.37 -1.13 1.66
CA HIS A 15 -14.97 -2.01 0.56
C HIS A 15 -15.26 -1.36 -0.79
N SER A 16 -14.64 -0.21 -1.02
CA SER A 16 -14.58 0.47 -2.31
C SER A 16 -13.18 1.09 -2.42
N CYS A 17 -12.84 1.98 -1.50
CA CYS A 17 -11.57 2.70 -1.53
C CYS A 17 -10.41 1.72 -1.48
N THR A 18 -10.36 0.94 -0.39
CA THR A 18 -9.34 -0.06 -0.14
C THR A 18 -9.23 -1.01 -1.33
N SER A 19 -10.37 -1.53 -1.79
CA SER A 19 -10.44 -2.52 -2.86
C SER A 19 -9.98 -1.92 -4.18
N THR A 20 -10.38 -0.68 -4.49
CA THR A 20 -9.95 -0.01 -5.71
C THR A 20 -8.42 0.10 -5.72
N ILE A 21 -7.85 0.55 -4.60
CA ILE A 21 -6.40 0.60 -4.45
C ILE A 21 -5.82 -0.80 -4.61
N GLU A 22 -6.31 -1.81 -3.88
CA GLU A 22 -5.80 -3.17 -3.97
C GLU A 22 -5.80 -3.65 -5.43
N GLY A 23 -6.91 -3.46 -6.13
CA GLY A 23 -7.05 -3.79 -7.54
C GLY A 23 -6.02 -3.05 -8.40
N LYS A 24 -5.86 -1.74 -8.19
CA LYS A 24 -4.90 -0.97 -8.99
C LYS A 24 -3.47 -1.44 -8.69
N ILE A 25 -3.07 -1.30 -7.43
CA ILE A 25 -1.71 -1.50 -6.98
C ILE A 25 -1.30 -2.96 -7.16
N GLY A 26 -2.25 -3.89 -7.00
CA GLY A 26 -2.05 -5.30 -7.29
C GLY A 26 -1.43 -5.54 -8.67
N LYS A 27 -1.69 -4.67 -9.65
CA LYS A 27 -1.23 -4.84 -11.01
C LYS A 27 0.14 -4.16 -11.25
N LEU A 28 0.82 -3.64 -10.23
CA LEU A 28 2.13 -3.04 -10.43
C LEU A 28 3.24 -4.09 -10.57
N GLN A 29 4.28 -3.71 -11.30
CA GLN A 29 5.39 -4.58 -11.67
C GLN A 29 6.54 -4.47 -10.65
N GLY A 30 6.44 -5.21 -9.55
CA GLY A 30 7.42 -5.12 -8.47
C GLY A 30 6.82 -5.31 -7.08
N VAL A 31 5.49 -5.31 -6.97
CA VAL A 31 4.84 -5.71 -5.76
C VAL A 31 4.83 -7.23 -5.68
N GLN A 32 5.01 -7.77 -4.48
CA GLN A 32 5.02 -9.19 -4.19
C GLN A 32 3.69 -9.61 -3.57
N ARG A 33 3.18 -8.80 -2.63
CA ARG A 33 1.90 -9.01 -1.98
C ARG A 33 1.41 -7.66 -1.50
N ILE A 34 0.14 -7.58 -1.13
CA ILE A 34 -0.53 -6.37 -0.73
C ILE A 34 -1.64 -6.85 0.19
N LYS A 35 -1.81 -6.15 1.32
CA LYS A 35 -2.94 -6.29 2.21
C LYS A 35 -3.41 -4.91 2.70
N VAL A 36 -4.31 -4.26 1.96
CA VAL A 36 -4.86 -2.97 2.36
C VAL A 36 -6.07 -3.22 3.26
N SER A 37 -6.01 -2.82 4.53
CA SER A 37 -7.12 -3.03 5.44
C SER A 37 -8.09 -1.85 5.32
N LEU A 38 -8.96 -1.70 6.31
CA LEU A 38 -9.86 -0.58 6.43
C LEU A 38 -10.26 -0.40 7.90
N ASP A 39 -10.67 -1.49 8.55
CA ASP A 39 -11.14 -1.52 9.93
C ASP A 39 -10.15 -0.81 10.84
N ASN A 40 -8.92 -1.34 10.84
CA ASN A 40 -7.86 -0.83 11.67
C ASN A 40 -7.11 0.30 10.97
N GLN A 41 -7.65 0.82 9.86
CA GLN A 41 -7.09 1.88 9.03
C GLN A 41 -5.57 1.74 8.86
N GLU A 42 -5.14 0.63 8.25
CA GLU A 42 -3.74 0.39 7.92
C GLU A 42 -3.68 -0.26 6.56
N ALA A 43 -2.57 -0.06 5.86
CA ALA A 43 -2.30 -0.59 4.55
C ALA A 43 -0.94 -1.29 4.56
N THR A 44 -0.93 -2.55 4.13
CA THR A 44 0.23 -3.38 3.94
C THR A 44 0.54 -3.38 2.45
N ILE A 45 1.70 -2.88 2.04
CA ILE A 45 2.16 -2.96 0.67
C ILE A 45 3.47 -3.74 0.69
N VAL A 46 3.47 -5.00 0.22
CA VAL A 46 4.64 -5.85 0.30
C VAL A 46 5.34 -5.87 -1.06
N TYR A 47 6.44 -5.14 -1.21
CA TYR A 47 7.06 -4.97 -2.52
C TYR A 47 8.52 -5.39 -2.54
N GLN A 48 9.11 -5.40 -3.73
CA GLN A 48 10.48 -5.82 -3.95
C GLN A 48 11.38 -4.60 -4.17
N PRO A 49 12.30 -4.30 -3.22
CA PRO A 49 13.09 -3.08 -3.24
C PRO A 49 14.18 -3.18 -4.31
N HIS A 50 13.76 -3.00 -5.56
CA HIS A 50 14.59 -3.01 -6.76
C HIS A 50 13.70 -2.75 -7.96
N LEU A 51 12.51 -3.36 -7.99
CA LEU A 51 11.60 -3.22 -9.13
C LEU A 51 10.78 -1.94 -9.02
N ILE A 52 10.27 -1.64 -7.82
CA ILE A 52 9.36 -0.55 -7.56
C ILE A 52 9.76 0.10 -6.23
N SER A 53 9.45 1.39 -6.03
CA SER A 53 9.88 2.17 -4.88
C SER A 53 8.73 2.47 -3.91
N VAL A 54 9.09 2.88 -2.68
CA VAL A 54 8.16 3.49 -1.75
C VAL A 54 7.37 4.61 -2.43
N GLU A 55 8.07 5.47 -3.17
CA GLU A 55 7.43 6.62 -3.78
C GLU A 55 6.40 6.15 -4.81
N GLU A 56 6.68 5.17 -5.66
CA GLU A 56 5.66 4.58 -6.51
C GLU A 56 4.45 4.16 -5.68
N MET A 57 4.65 3.34 -4.63
CA MET A 57 3.56 3.00 -3.74
C MET A 57 2.76 4.24 -3.29
N LYS A 58 3.41 5.17 -2.59
CA LYS A 58 2.73 6.33 -2.06
C LYS A 58 2.15 7.22 -3.15
N LYS A 59 2.95 7.71 -4.08
CA LYS A 59 2.53 8.57 -5.16
C LYS A 59 1.29 7.97 -5.82
N GLN A 60 1.31 6.68 -6.13
CA GLN A 60 0.11 6.03 -6.65
C GLN A 60 -1.06 6.13 -5.66
N ILE A 61 -0.82 5.80 -4.40
CA ILE A 61 -1.86 5.79 -3.37
C ILE A 61 -2.37 7.19 -3.06
N GLU A 62 -1.53 8.08 -2.50
CA GLU A 62 -1.95 9.44 -2.23
C GLU A 62 -2.54 10.13 -3.47
N ALA A 63 -2.13 9.78 -4.70
CA ALA A 63 -2.77 10.33 -5.88
C ALA A 63 -4.28 10.10 -5.91
N MET A 64 -4.76 8.98 -5.36
CA MET A 64 -6.18 8.75 -5.22
C MET A 64 -6.84 9.85 -4.38
N GLY A 65 -6.16 10.27 -3.31
CA GLY A 65 -6.60 11.34 -2.43
C GLY A 65 -6.36 10.97 -0.97
N PHE A 66 -6.25 9.68 -0.69
CA PHE A 66 -6.17 9.14 0.66
C PHE A 66 -4.79 9.45 1.26
N PRO A 67 -4.69 10.24 2.34
CA PRO A 67 -3.41 10.49 2.98
C PRO A 67 -2.91 9.19 3.61
N ALA A 68 -1.60 8.94 3.54
CA ALA A 68 -1.01 7.73 4.10
C ALA A 68 0.32 8.00 4.79
N PHE A 69 0.49 7.42 5.98
CA PHE A 69 1.71 7.49 6.76
C PHE A 69 2.50 6.23 6.51
N VAL A 70 3.11 6.16 5.33
CA VAL A 70 4.30 5.35 5.05
C VAL A 70 5.21 5.38 6.29
N LYS A 71 5.24 4.24 6.99
CA LYS A 71 6.17 3.94 8.03
C LYS A 71 7.27 3.11 7.39
N LYS A 72 8.22 2.74 8.24
CA LYS A 72 9.32 1.88 7.88
C LYS A 72 8.83 0.43 7.87
N ILE A 73 9.63 -0.46 7.30
CA ILE A 73 9.30 -1.86 7.27
C ILE A 73 9.59 -2.51 8.63
N GLU A 74 8.80 -3.53 8.96
CA GLU A 74 9.01 -4.43 10.09
C GLU A 74 9.50 -5.77 9.52
N GLY A 75 10.04 -6.67 10.35
CA GLY A 75 10.81 -7.82 9.85
C GLY A 75 10.55 -9.05 10.70
N ARG A 76 10.92 -8.93 11.97
CA ARG A 76 10.16 -9.54 13.04
C ARG A 76 9.21 -8.43 13.48
CU CU1 B . -14.75 3.40 0.10
N GLY A 1 12.10 -10.85 2.15
CA GLY A 1 12.84 -11.09 0.89
C GLY A 1 12.34 -10.10 -0.16
N GLU A 2 11.03 -10.13 -0.39
CA GLU A 2 10.24 -8.91 -0.49
C GLU A 2 10.46 -8.03 0.75
N VAL A 3 9.93 -6.80 0.69
CA VAL A 3 9.87 -5.85 1.78
C VAL A 3 8.41 -5.45 1.98
N VAL A 4 8.01 -5.26 3.24
CA VAL A 4 6.72 -4.79 3.67
C VAL A 4 6.84 -3.31 3.98
N LEU A 5 5.90 -2.53 3.47
CA LEU A 5 5.69 -1.14 3.82
C LEU A 5 4.34 -1.10 4.53
N LYS A 6 4.27 -0.48 5.72
CA LYS A 6 3.05 -0.35 6.49
C LYS A 6 2.75 1.14 6.60
N MET A 7 1.54 1.55 6.23
CA MET A 7 1.17 2.93 6.17
C MET A 7 -0.24 3.12 6.70
N LYS A 8 -0.40 4.05 7.62
CA LYS A 8 -1.73 4.41 8.11
C LYS A 8 -2.41 5.19 6.99
N VAL A 9 -3.66 4.89 6.67
CA VAL A 9 -4.47 5.64 5.72
C VAL A 9 -5.68 6.17 6.49
N GLU A 10 -6.23 7.31 6.09
CA GLU A 10 -7.42 7.86 6.71
C GLU A 10 -8.58 7.91 5.73
N GLY A 11 -9.80 7.82 6.25
CA GLY A 11 -11.04 7.97 5.49
C GLY A 11 -11.54 6.66 4.88
N MET A 12 -10.61 5.79 4.47
CA MET A 12 -10.95 4.51 3.85
C MET A 12 -11.64 3.57 4.83
N THR A 13 -12.99 3.56 4.82
CA THR A 13 -13.80 2.75 5.71
C THR A 13 -14.80 1.90 4.92
N CYS A 14 -14.32 1.13 3.93
CA CYS A 14 -15.15 0.34 3.05
C CYS A 14 -14.32 -0.80 2.47
N HIS A 15 -14.99 -1.78 1.83
CA HIS A 15 -14.32 -2.80 1.05
C HIS A 15 -14.03 -2.33 -0.38
N SER A 16 -14.52 -1.13 -0.75
CA SER A 16 -14.45 -0.65 -2.12
C SER A 16 -13.06 -0.07 -2.38
N CYS A 17 -12.76 1.12 -1.85
CA CYS A 17 -11.52 1.84 -2.05
C CYS A 17 -10.31 0.97 -1.76
N THR A 18 -10.36 0.24 -0.65
CA THR A 18 -9.38 -0.76 -0.24
C THR A 18 -9.09 -1.73 -1.40
N SER A 19 -10.10 -2.49 -1.83
CA SER A 19 -10.00 -3.41 -2.95
C SER A 19 -9.51 -2.71 -4.22
N THR A 20 -10.05 -1.53 -4.54
CA THR A 20 -9.63 -0.73 -5.68
C THR A 20 -8.14 -0.44 -5.64
N ILE A 21 -7.62 0.00 -4.48
CA ILE A 21 -6.21 0.26 -4.28
C ILE A 21 -5.43 -1.05 -4.48
N GLU A 22 -5.86 -2.11 -3.80
CA GLU A 22 -5.32 -3.45 -3.92
C GLU A 22 -5.13 -3.81 -5.41
N GLY A 23 -6.19 -3.66 -6.22
CA GLY A 23 -6.14 -3.85 -7.65
C GLY A 23 -5.14 -2.91 -8.34
N LYS A 24 -5.33 -1.60 -8.18
CA LYS A 24 -4.58 -0.59 -8.92
C LYS A 24 -3.08 -0.76 -8.71
N ILE A 25 -2.69 -0.91 -7.45
CA ILE A 25 -1.29 -1.11 -7.06
C ILE A 25 -0.85 -2.51 -7.49
N GLY A 26 -1.69 -3.53 -7.30
CA GLY A 26 -1.45 -4.87 -7.81
C GLY A 26 -1.07 -4.88 -9.29
N LYS A 27 -1.66 -3.98 -10.08
CA LYS A 27 -1.38 -3.84 -11.50
C LYS A 27 0.08 -3.46 -11.80
N LEU A 28 0.82 -2.92 -10.83
CA LEU A 28 2.17 -2.40 -11.05
C LEU A 28 3.24 -3.48 -10.97
N GLN A 29 4.24 -3.36 -11.84
CA GLN A 29 5.35 -4.31 -11.91
C GLN A 29 6.31 -4.11 -10.74
N GLY A 30 6.22 -4.97 -9.71
CA GLY A 30 7.15 -4.92 -8.57
C GLY A 30 6.51 -5.35 -7.27
N VAL A 31 5.19 -5.28 -7.19
CA VAL A 31 4.46 -5.67 -6.01
C VAL A 31 4.17 -7.17 -6.09
N GLN A 32 4.43 -7.92 -5.01
CA GLN A 32 4.10 -9.34 -4.96
C GLN A 32 2.83 -9.58 -4.14
N ARG A 33 2.55 -8.73 -3.15
CA ARG A 33 1.35 -8.82 -2.35
C ARG A 33 1.05 -7.43 -1.82
N ILE A 34 -0.16 -7.25 -1.34
CA ILE A 34 -0.68 -6.01 -0.85
C ILE A 34 -1.82 -6.44 0.07
N LYS A 35 -2.02 -5.69 1.15
CA LYS A 35 -3.07 -5.95 2.12
C LYS A 35 -3.64 -4.64 2.67
N VAL A 36 -4.96 -4.46 2.74
CA VAL A 36 -5.53 -3.26 3.34
C VAL A 36 -6.55 -3.61 4.45
N SER A 37 -6.48 -2.89 5.57
CA SER A 37 -7.29 -3.08 6.77
C SER A 37 -8.05 -1.79 7.09
N LEU A 38 -9.38 -1.88 7.20
CA LEU A 38 -10.25 -0.74 7.46
C LEU A 38 -10.23 -0.37 8.94
N ASP A 39 -10.45 -1.33 9.83
CA ASP A 39 -10.63 -1.10 11.26
C ASP A 39 -9.49 -0.28 11.82
N ASN A 40 -8.28 -0.75 11.55
CA ASN A 40 -7.06 -0.13 12.03
C ASN A 40 -6.59 0.99 11.09
N GLN A 41 -7.39 1.28 10.06
CA GLN A 41 -7.15 2.22 8.97
C GLN A 41 -5.68 2.18 8.51
N GLU A 42 -5.25 1.01 8.02
CA GLU A 42 -3.85 0.77 7.68
C GLU A 42 -3.75 -0.08 6.41
N ALA A 43 -2.80 0.29 5.55
CA ALA A 43 -2.42 -0.45 4.36
C ALA A 43 -1.04 -1.08 4.56
N THR A 44 -0.87 -2.24 3.94
CA THR A 44 0.28 -3.13 3.88
C THR A 44 0.63 -3.24 2.40
N ILE A 45 1.86 -2.95 2.00
CA ILE A 45 2.27 -3.08 0.61
C ILE A 45 3.50 -3.97 0.60
N VAL A 46 3.44 -5.12 -0.10
CA VAL A 46 4.49 -6.12 -0.06
C VAL A 46 5.17 -6.18 -1.43
N TYR A 47 6.30 -5.48 -1.55
CA TYR A 47 6.93 -5.27 -2.84
C TYR A 47 8.37 -5.78 -2.86
N GLN A 48 8.93 -5.83 -4.06
CA GLN A 48 10.24 -6.37 -4.34
C GLN A 48 11.25 -5.21 -4.39
N PRO A 49 12.24 -5.13 -3.48
CA PRO A 49 13.15 -4.00 -3.40
C PRO A 49 14.18 -4.01 -4.55
N HIS A 50 13.72 -3.71 -5.76
CA HIS A 50 14.53 -3.52 -6.95
C HIS A 50 13.63 -3.04 -8.07
N LEU A 51 12.49 -3.72 -8.26
CA LEU A 51 11.53 -3.36 -9.29
C LEU A 51 10.88 -2.00 -9.02
N ILE A 52 10.39 -1.79 -7.80
CA ILE A 52 9.64 -0.62 -7.39
C ILE A 52 10.09 -0.17 -6.00
N SER A 53 9.55 0.94 -5.47
CA SER A 53 9.96 1.52 -4.20
C SER A 53 8.74 2.06 -3.41
N VAL A 54 8.91 2.25 -2.10
CA VAL A 54 7.94 2.92 -1.22
C VAL A 54 7.32 4.14 -1.89
N GLU A 55 8.16 5.01 -2.46
CA GLU A 55 7.69 6.29 -2.97
C GLU A 55 6.64 6.03 -4.04
N GLU A 56 6.92 5.19 -5.04
CA GLU A 56 6.00 4.76 -6.07
C GLU A 56 4.67 4.34 -5.44
N MET A 57 4.72 3.44 -4.45
CA MET A 57 3.54 3.04 -3.70
C MET A 57 2.76 4.24 -3.18
N LYS A 58 3.37 5.11 -2.37
CA LYS A 58 2.69 6.30 -1.87
C LYS A 58 2.23 7.22 -3.00
N LYS A 59 3.15 7.71 -3.82
CA LYS A 59 2.94 8.60 -4.94
C LYS A 59 1.74 8.13 -5.75
N GLN A 60 1.60 6.81 -5.93
CA GLN A 60 0.38 6.25 -6.50
C GLN A 60 -0.83 6.31 -5.54
N ILE A 61 -0.73 5.82 -4.31
CA ILE A 61 -1.86 5.79 -3.38
C ILE A 61 -2.33 7.21 -3.04
N GLU A 62 -1.46 8.05 -2.46
CA GLU A 62 -1.77 9.44 -2.17
C GLU A 62 -2.41 10.14 -3.38
N ALA A 63 -2.01 9.82 -4.61
CA ALA A 63 -2.64 10.44 -5.79
C ALA A 63 -4.14 10.23 -5.86
N MET A 64 -4.65 9.11 -5.35
CA MET A 64 -6.07 8.87 -5.24
C MET A 64 -6.74 10.01 -4.46
N GLY A 65 -6.07 10.49 -3.42
CA GLY A 65 -6.53 11.56 -2.54
C GLY A 65 -6.37 11.18 -1.07
N PHE A 66 -6.17 9.88 -0.79
CA PHE A 66 -6.11 9.37 0.56
C PHE A 66 -4.76 9.74 1.20
N PRO A 67 -4.73 10.58 2.24
CA PRO A 67 -3.46 10.88 2.90
C PRO A 67 -2.97 9.59 3.58
N ALA A 68 -1.65 9.35 3.55
CA ALA A 68 -1.08 8.17 4.17
C ALA A 68 0.18 8.49 4.96
N PHE A 69 0.26 7.97 6.19
CA PHE A 69 1.47 7.97 6.99
C PHE A 69 2.17 6.63 6.79
N VAL A 70 2.87 6.55 5.66
CA VAL A 70 3.82 5.50 5.33
C VAL A 70 5.01 5.55 6.30
N LYS A 71 5.12 4.59 7.23
CA LYS A 71 6.21 4.57 8.20
C LYS A 71 6.51 3.20 8.81
N LYS A 72 6.86 2.21 7.98
CA LYS A 72 7.51 0.98 8.42
C LYS A 72 8.29 0.41 7.25
N ILE A 73 9.35 -0.34 7.55
CA ILE A 73 10.09 -1.15 6.60
C ILE A 73 10.30 -2.51 7.28
N GLU A 74 9.24 -3.33 7.27
CA GLU A 74 9.25 -4.69 7.81
C GLU A 74 9.40 -5.71 6.66
N GLY A 75 9.43 -7.00 6.96
CA GLY A 75 9.66 -8.06 5.96
C GLY A 75 8.49 -9.05 5.91
N ARG A 76 8.80 -10.34 6.09
CA ARG A 76 7.80 -11.38 6.32
C ARG A 76 6.94 -11.02 7.54
CU CU1 B . -14.75 3.45 -0.56
N GLY A 1 13.99 -11.53 -0.17
CA GLY A 1 12.54 -11.65 0.01
C GLY A 1 11.91 -10.29 -0.26
N GLU A 2 10.58 -10.23 -0.37
CA GLU A 2 9.81 -9.01 -0.47
C GLU A 2 9.78 -8.32 0.91
N VAL A 3 9.56 -7.00 0.92
CA VAL A 3 9.50 -6.19 2.12
C VAL A 3 8.09 -5.60 2.25
N VAL A 4 7.52 -5.74 3.44
CA VAL A 4 6.19 -5.29 3.78
C VAL A 4 6.22 -3.86 4.31
N LEU A 5 5.53 -2.94 3.64
CA LEU A 5 5.44 -1.54 4.00
C LEU A 5 4.04 -1.32 4.57
N LYS A 6 3.98 -0.78 5.78
CA LYS A 6 2.74 -0.57 6.50
C LYS A 6 2.48 0.94 6.50
N MET A 7 1.41 1.36 5.85
CA MET A 7 1.07 2.75 5.63
C MET A 7 -0.23 3.04 6.38
N LYS A 8 -0.21 3.96 7.34
CA LYS A 8 -1.45 4.34 8.01
C LYS A 8 -2.25 5.15 7.00
N VAL A 9 -3.50 4.78 6.74
CA VAL A 9 -4.35 5.48 5.79
C VAL A 9 -5.54 6.02 6.56
N GLU A 10 -6.09 7.14 6.10
CA GLU A 10 -7.22 7.78 6.76
C GLU A 10 -8.46 7.69 5.87
N GLY A 11 -9.63 7.70 6.49
CA GLY A 11 -10.90 7.80 5.77
C GLY A 11 -11.37 6.43 5.25
N MET A 12 -10.47 5.65 4.65
CA MET A 12 -10.78 4.32 4.14
C MET A 12 -11.40 3.43 5.21
N THR A 13 -12.72 3.34 5.23
CA THR A 13 -13.50 2.59 6.21
C THR A 13 -14.56 1.72 5.52
N CYS A 14 -14.40 1.45 4.22
CA CYS A 14 -15.28 0.58 3.47
C CYS A 14 -14.41 -0.28 2.56
N HIS A 15 -14.99 -1.37 2.06
CA HIS A 15 -14.30 -2.27 1.16
C HIS A 15 -14.13 -1.65 -0.23
N SER A 16 -14.89 -0.60 -0.56
CA SER A 16 -14.84 0.03 -1.87
C SER A 16 -13.44 0.59 -2.13
N CYS A 17 -13.00 1.52 -1.28
CA CYS A 17 -11.70 2.15 -1.40
C CYS A 17 -10.61 1.10 -1.38
N THR A 18 -10.61 0.27 -0.33
CA THR A 18 -9.56 -0.70 -0.12
C THR A 18 -9.47 -1.65 -1.32
N SER A 19 -10.59 -2.23 -1.77
CA SER A 19 -10.62 -3.08 -2.95
C SER A 19 -10.11 -2.34 -4.18
N THR A 20 -10.55 -1.10 -4.42
CA THR A 20 -10.08 -0.33 -5.56
C THR A 20 -8.55 -0.24 -5.55
N ILE A 21 -7.98 0.16 -4.42
CA ILE A 21 -6.55 0.25 -4.26
C ILE A 21 -5.90 -1.14 -4.39
N GLU A 22 -6.49 -2.18 -3.80
CA GLU A 22 -5.97 -3.53 -3.90
C GLU A 22 -5.86 -3.94 -5.36
N GLY A 23 -6.91 -3.71 -6.14
CA GLY A 23 -6.92 -3.91 -7.58
C GLY A 23 -5.79 -3.11 -8.24
N LYS A 24 -5.73 -1.80 -8.01
CA LYS A 24 -4.76 -0.97 -8.73
C LYS A 24 -3.33 -1.31 -8.33
N ILE A 25 -3.04 -1.21 -7.04
CA ILE A 25 -1.71 -1.44 -6.48
C ILE A 25 -1.29 -2.89 -6.72
N GLY A 26 -2.23 -3.83 -6.69
CA GLY A 26 -2.00 -5.20 -7.10
C GLY A 26 -1.32 -5.31 -8.47
N LYS A 27 -1.52 -4.32 -9.36
CA LYS A 27 -0.98 -4.29 -10.70
C LYS A 27 0.23 -3.36 -10.81
N LEU A 28 0.89 -2.98 -9.71
CA LEU A 28 2.14 -2.25 -9.80
C LEU A 28 3.27 -3.15 -10.33
N GLN A 29 4.35 -2.51 -10.79
CA GLN A 29 5.50 -3.15 -11.42
C GLN A 29 6.64 -3.29 -10.41
N GLY A 30 6.62 -4.37 -9.61
CA GLY A 30 7.60 -4.61 -8.56
C GLY A 30 6.98 -5.05 -7.23
N VAL A 31 5.65 -5.18 -7.18
CA VAL A 31 4.95 -5.62 -6.00
C VAL A 31 4.85 -7.14 -5.97
N GLN A 32 4.64 -7.71 -4.79
CA GLN A 32 4.58 -9.14 -4.53
C GLN A 32 3.27 -9.54 -3.86
N ARG A 33 2.79 -8.74 -2.89
CA ARG A 33 1.55 -8.98 -2.19
C ARG A 33 1.09 -7.66 -1.63
N ILE A 34 -0.13 -7.63 -1.11
CA ILE A 34 -0.78 -6.45 -0.64
C ILE A 34 -1.82 -6.94 0.36
N LYS A 35 -1.94 -6.23 1.48
CA LYS A 35 -2.90 -6.46 2.54
C LYS A 35 -3.51 -5.14 3.03
N VAL A 36 -4.51 -4.61 2.32
CA VAL A 36 -5.10 -3.33 2.69
C VAL A 36 -6.18 -3.57 3.75
N SER A 37 -6.06 -2.93 4.93
CA SER A 37 -7.06 -3.06 5.98
C SER A 37 -7.91 -1.78 5.99
N LEU A 38 -9.02 -1.82 6.72
CA LEU A 38 -9.88 -0.67 6.94
C LEU A 38 -10.05 -0.43 8.44
N ASP A 39 -10.30 -1.50 9.20
CA ASP A 39 -10.60 -1.48 10.62
C ASP A 39 -9.63 -0.59 11.38
N ASN A 40 -8.34 -0.93 11.23
CA ASN A 40 -7.28 -0.26 11.94
C ASN A 40 -6.67 0.85 11.08
N GLN A 41 -7.42 1.31 10.08
CA GLN A 41 -7.05 2.31 9.07
C GLN A 41 -5.58 2.21 8.66
N GLU A 42 -5.19 1.06 8.07
CA GLU A 42 -3.80 0.79 7.74
C GLU A 42 -3.76 -0.08 6.48
N ALA A 43 -2.81 0.21 5.59
CA ALA A 43 -2.64 -0.42 4.29
C ALA A 43 -1.27 -1.07 4.25
N THR A 44 -1.23 -2.40 4.04
CA THR A 44 0.01 -3.14 3.89
C THR A 44 0.27 -3.30 2.40
N ILE A 45 1.43 -2.92 1.88
CA ILE A 45 1.81 -3.24 0.51
C ILE A 45 3.18 -3.94 0.60
N VAL A 46 3.30 -5.11 -0.04
CA VAL A 46 4.49 -5.95 0.03
C VAL A 46 5.19 -5.94 -1.33
N TYR A 47 6.43 -5.45 -1.39
CA TYR A 47 7.10 -5.19 -2.66
C TYR A 47 8.57 -5.58 -2.66
N GLN A 48 9.20 -5.44 -3.84
CA GLN A 48 10.58 -5.79 -4.09
C GLN A 48 11.44 -4.52 -4.18
N PRO A 49 12.28 -4.21 -3.17
CA PRO A 49 13.06 -2.98 -3.12
C PRO A 49 14.21 -3.04 -4.11
N HIS A 50 13.88 -2.82 -5.38
CA HIS A 50 14.77 -2.81 -6.54
C HIS A 50 13.95 -2.46 -7.77
N LEU A 51 12.81 -3.14 -7.96
CA LEU A 51 11.97 -2.92 -9.13
C LEU A 51 11.23 -1.60 -8.99
N ILE A 52 10.67 -1.36 -7.81
CA ILE A 52 9.82 -0.23 -7.50
C ILE A 52 10.28 0.33 -6.15
N SER A 53 9.81 1.51 -5.77
CA SER A 53 10.29 2.25 -4.60
C SER A 53 9.12 2.80 -3.79
N VAL A 54 9.35 3.09 -2.51
CA VAL A 54 8.42 3.75 -1.59
C VAL A 54 7.63 4.86 -2.30
N GLU A 55 8.33 5.71 -3.05
CA GLU A 55 7.68 6.80 -3.73
C GLU A 55 6.61 6.28 -4.70
N GLU A 56 6.90 5.33 -5.59
CA GLU A 56 5.90 4.81 -6.51
C GLU A 56 4.67 4.36 -5.73
N MET A 57 4.86 3.59 -4.66
CA MET A 57 3.79 3.24 -3.76
C MET A 57 2.98 4.48 -3.33
N LYS A 58 3.61 5.42 -2.62
CA LYS A 58 2.92 6.61 -2.14
C LYS A 58 2.33 7.42 -3.26
N LYS A 59 3.15 7.88 -4.21
CA LYS A 59 2.74 8.59 -5.40
C LYS A 59 1.49 7.95 -5.98
N GLN A 60 1.49 6.63 -6.21
CA GLN A 60 0.28 5.96 -6.69
C GLN A 60 -0.89 6.10 -5.71
N ILE A 61 -0.65 5.85 -4.43
CA ILE A 61 -1.69 5.90 -3.41
C ILE A 61 -2.20 7.33 -3.19
N GLU A 62 -1.35 8.24 -2.69
CA GLU A 62 -1.68 9.64 -2.56
C GLU A 62 -2.30 10.21 -3.86
N ALA A 63 -1.85 9.78 -5.05
CA ALA A 63 -2.46 10.27 -6.29
C ALA A 63 -3.98 10.02 -6.34
N MET A 64 -4.46 8.93 -5.74
CA MET A 64 -5.89 8.70 -5.63
C MET A 64 -6.56 9.85 -4.87
N GLY A 65 -5.92 10.28 -3.77
CA GLY A 65 -6.39 11.38 -2.94
C GLY A 65 -6.26 11.05 -1.45
N PHE A 66 -6.06 9.77 -1.13
CA PHE A 66 -6.04 9.28 0.23
C PHE A 66 -4.66 9.54 0.85
N PRO A 67 -4.55 10.34 1.92
CA PRO A 67 -3.27 10.51 2.58
C PRO A 67 -2.87 9.18 3.22
N ALA A 68 -1.60 8.81 3.09
CA ALA A 68 -1.05 7.59 3.67
C ALA A 68 0.31 7.88 4.31
N PHE A 69 0.58 7.27 5.46
CA PHE A 69 1.83 7.47 6.19
C PHE A 69 2.63 6.17 6.15
N VAL A 70 3.40 6.00 5.08
CA VAL A 70 4.26 4.86 4.79
C VAL A 70 5.54 4.89 5.64
N LYS A 71 5.56 4.14 6.76
CA LYS A 71 6.67 4.17 7.72
C LYS A 71 6.77 2.90 8.57
N LYS A 72 6.98 1.75 7.94
CA LYS A 72 7.27 0.47 8.57
C LYS A 72 7.99 -0.37 7.51
N ILE A 73 9.00 -1.14 7.88
CA ILE A 73 9.65 -2.12 7.01
C ILE A 73 9.73 -3.41 7.81
N GLU A 74 8.61 -4.13 7.92
CA GLU A 74 8.57 -5.35 8.73
C GLU A 74 9.10 -6.53 7.90
N GLY A 75 10.35 -6.40 7.45
CA GLY A 75 10.98 -7.39 6.57
C GLY A 75 11.02 -8.77 7.21
N ARG A 76 10.92 -9.81 6.38
CA ARG A 76 10.93 -11.21 6.80
C ARG A 76 12.33 -11.80 6.63
CU CU1 B . -14.11 3.71 1.65
N GLY A 1 7.76 -12.08 2.63
CA GLY A 1 8.51 -12.45 1.40
C GLY A 1 9.40 -11.30 1.00
N GLU A 2 8.98 -10.52 -0.01
CA GLU A 2 9.52 -9.19 -0.26
C GLU A 2 9.15 -8.27 0.92
N VAL A 3 9.49 -6.99 0.83
CA VAL A 3 9.51 -6.11 2.00
C VAL A 3 8.12 -5.53 2.18
N VAL A 4 7.63 -5.56 3.42
CA VAL A 4 6.30 -5.16 3.79
C VAL A 4 6.33 -3.80 4.48
N LEU A 5 5.69 -2.82 3.85
CA LEU A 5 5.62 -1.45 4.34
C LEU A 5 4.23 -1.29 4.93
N LYS A 6 4.15 -0.64 6.10
CA LYS A 6 2.90 -0.39 6.79
C LYS A 6 2.68 1.13 6.79
N MET A 7 1.63 1.57 6.10
CA MET A 7 1.23 2.96 6.02
C MET A 7 -0.16 3.14 6.62
N LYS A 8 -0.31 4.12 7.51
CA LYS A 8 -1.61 4.41 8.10
C LYS A 8 -2.39 5.25 7.10
N VAL A 9 -3.60 4.82 6.72
CA VAL A 9 -4.45 5.55 5.80
C VAL A 9 -5.67 6.03 6.58
N GLU A 10 -6.12 7.24 6.30
CA GLU A 10 -7.29 7.80 6.95
C GLU A 10 -8.49 7.75 6.00
N GLY A 11 -9.71 7.77 6.54
CA GLY A 11 -10.94 7.87 5.76
C GLY A 11 -11.36 6.57 5.07
N MET A 12 -10.41 5.73 4.66
CA MET A 12 -10.68 4.47 3.99
C MET A 12 -11.36 3.47 4.93
N THR A 13 -12.67 3.63 5.08
CA THR A 13 -13.53 2.83 5.93
C THR A 13 -14.59 2.13 5.07
N CYS A 14 -14.15 1.22 4.20
CA CYS A 14 -14.98 0.52 3.24
C CYS A 14 -14.12 -0.60 2.65
N HIS A 15 -14.74 -1.53 1.91
CA HIS A 15 -14.01 -2.50 1.10
C HIS A 15 -13.84 -2.02 -0.34
N SER A 16 -14.24 -0.79 -0.66
CA SER A 16 -14.22 -0.27 -2.03
C SER A 16 -12.84 0.30 -2.34
N CYS A 17 -12.47 1.38 -1.65
CA CYS A 17 -11.21 2.06 -1.83
C CYS A 17 -10.04 1.11 -1.61
N THR A 18 -10.08 0.33 -0.52
CA THR A 18 -9.08 -0.67 -0.21
C THR A 18 -8.85 -1.58 -1.41
N SER A 19 -9.90 -2.30 -1.84
CA SER A 19 -9.90 -3.16 -3.02
C SER A 19 -9.37 -2.42 -4.26
N THR A 20 -9.82 -1.18 -4.48
CA THR A 20 -9.38 -0.38 -5.61
C THR A 20 -7.86 -0.19 -5.58
N ILE A 21 -7.32 0.23 -4.43
CA ILE A 21 -5.89 0.40 -4.25
C ILE A 21 -5.20 -0.95 -4.44
N GLU A 22 -5.74 -2.00 -3.83
CA GLU A 22 -5.25 -3.36 -3.95
C GLU A 22 -5.08 -3.75 -5.42
N GLY A 23 -6.12 -3.56 -6.23
CA GLY A 23 -6.07 -3.78 -7.67
C GLY A 23 -5.00 -2.90 -8.34
N LYS A 24 -5.05 -1.59 -8.12
CA LYS A 24 -4.16 -0.66 -8.80
C LYS A 24 -2.70 -0.97 -8.50
N ILE A 25 -2.37 -1.08 -7.22
CA ILE A 25 -1.03 -1.40 -6.76
C ILE A 25 -0.65 -2.81 -7.24
N GLY A 26 -1.58 -3.76 -7.16
CA GLY A 26 -1.42 -5.08 -7.75
C GLY A 26 -0.92 -5.03 -9.20
N LYS A 27 -1.41 -4.07 -9.99
CA LYS A 27 -0.99 -3.90 -11.37
C LYS A 27 0.51 -3.56 -11.51
N LEU A 28 1.14 -2.98 -10.50
CA LEU A 28 2.50 -2.48 -10.63
C LEU A 28 3.53 -3.60 -10.76
N GLN A 29 4.37 -3.47 -11.78
CA GLN A 29 5.49 -4.36 -12.01
C GLN A 29 6.54 -4.23 -10.89
N GLY A 30 6.39 -4.99 -9.81
CA GLY A 30 7.29 -4.93 -8.68
C GLY A 30 6.65 -5.38 -7.37
N VAL A 31 5.33 -5.28 -7.29
CA VAL A 31 4.62 -5.70 -6.09
C VAL A 31 4.47 -7.21 -6.08
N GLN A 32 4.40 -7.80 -4.88
CA GLN A 32 4.16 -9.21 -4.67
C GLN A 32 2.81 -9.41 -3.99
N ARG A 33 2.58 -8.76 -2.85
CA ARG A 33 1.37 -8.93 -2.05
C ARG A 33 1.01 -7.56 -1.49
N ILE A 34 -0.21 -7.45 -0.98
CA ILE A 34 -0.76 -6.22 -0.49
C ILE A 34 -1.88 -6.65 0.45
N LYS A 35 -2.00 -5.97 1.58
CA LYS A 35 -2.98 -6.23 2.63
C LYS A 35 -3.50 -4.91 3.20
N VAL A 36 -4.52 -4.33 2.56
CA VAL A 36 -5.02 -3.01 2.90
C VAL A 36 -6.25 -3.14 3.81
N SER A 37 -6.09 -2.82 5.11
CA SER A 37 -7.14 -2.94 6.09
C SER A 37 -7.87 -1.61 6.20
N LEU A 38 -9.13 -1.67 6.63
CA LEU A 38 -9.97 -0.51 6.85
C LEU A 38 -10.09 -0.27 8.36
N ASP A 39 -10.37 -1.34 9.10
CA ASP A 39 -10.69 -1.34 10.53
C ASP A 39 -9.67 -0.52 11.30
N ASN A 40 -8.41 -0.97 11.19
CA ASN A 40 -7.31 -0.40 11.94
C ASN A 40 -6.59 0.66 11.09
N GLN A 41 -7.29 1.17 10.05
CA GLN A 41 -6.84 2.14 9.06
C GLN A 41 -5.36 1.99 8.68
N GLU A 42 -5.00 0.75 8.36
CA GLU A 42 -3.62 0.31 8.18
C GLU A 42 -3.52 -0.36 6.82
N ALA A 43 -2.59 0.11 6.00
CA ALA A 43 -2.37 -0.37 4.66
C ALA A 43 -1.01 -1.04 4.54
N THR A 44 -1.01 -2.35 4.31
CA THR A 44 0.17 -3.17 4.07
C THR A 44 0.43 -3.23 2.59
N ILE A 45 1.62 -2.87 2.11
CA ILE A 45 2.00 -3.15 0.73
C ILE A 45 3.32 -3.94 0.78
N VAL A 46 3.40 -5.04 0.02
CA VAL A 46 4.53 -5.96 0.01
C VAL A 46 5.15 -6.01 -1.37
N TYR A 47 6.33 -5.41 -1.54
CA TYR A 47 6.94 -5.25 -2.85
C TYR A 47 8.43 -5.52 -2.84
N GLN A 48 8.94 -5.79 -4.04
CA GLN A 48 10.31 -6.16 -4.31
C GLN A 48 11.20 -4.90 -4.38
N PRO A 49 12.14 -4.70 -3.45
CA PRO A 49 12.88 -3.46 -3.31
C PRO A 49 13.96 -3.35 -4.40
N HIS A 50 13.52 -3.07 -5.62
CA HIS A 50 14.32 -2.79 -6.81
C HIS A 50 13.39 -2.38 -7.93
N LEU A 51 12.33 -3.17 -8.16
CA LEU A 51 11.45 -2.96 -9.30
C LEU A 51 10.60 -1.70 -9.10
N ILE A 52 10.07 -1.51 -7.90
CA ILE A 52 9.20 -0.42 -7.53
C ILE A 52 9.70 0.10 -6.17
N SER A 53 9.20 1.24 -5.70
CA SER A 53 9.71 1.93 -4.53
C SER A 53 8.57 2.55 -3.72
N VAL A 54 8.87 2.95 -2.47
CA VAL A 54 7.96 3.69 -1.61
C VAL A 54 7.24 4.81 -2.37
N GLU A 55 7.99 5.56 -3.17
CA GLU A 55 7.40 6.66 -3.90
C GLU A 55 6.26 6.16 -4.78
N GLU A 56 6.47 5.21 -5.69
CA GLU A 56 5.43 4.73 -6.58
C GLU A 56 4.22 4.30 -5.76
N MET A 57 4.39 3.50 -4.70
CA MET A 57 3.30 3.24 -3.80
C MET A 57 2.56 4.53 -3.39
N LYS A 58 3.25 5.48 -2.74
CA LYS A 58 2.59 6.70 -2.30
C LYS A 58 2.01 7.48 -3.46
N LYS A 59 2.83 7.90 -4.42
CA LYS A 59 2.43 8.57 -5.63
C LYS A 59 1.12 7.98 -6.15
N GLN A 60 1.07 6.66 -6.35
CA GLN A 60 -0.17 6.04 -6.81
C GLN A 60 -1.30 6.16 -5.76
N ILE A 61 -1.03 5.85 -4.49
CA ILE A 61 -2.04 5.87 -3.43
C ILE A 61 -2.51 7.29 -3.15
N GLU A 62 -1.63 8.18 -2.66
CA GLU A 62 -1.94 9.57 -2.46
C GLU A 62 -2.57 10.21 -3.70
N ALA A 63 -2.19 9.82 -4.93
CA ALA A 63 -2.86 10.36 -6.12
C ALA A 63 -4.38 10.12 -6.10
N MET A 64 -4.85 9.00 -5.53
CA MET A 64 -6.27 8.78 -5.37
C MET A 64 -6.90 9.89 -4.52
N GLY A 65 -6.19 10.31 -3.48
CA GLY A 65 -6.61 11.37 -2.57
C GLY A 65 -6.32 10.99 -1.12
N PHE A 66 -6.16 9.69 -0.84
CA PHE A 66 -6.02 9.16 0.50
C PHE A 66 -4.61 9.48 1.05
N PRO A 67 -4.48 10.32 2.08
CA PRO A 67 -3.18 10.55 2.70
C PRO A 67 -2.75 9.25 3.37
N ALA A 68 -1.45 8.91 3.30
CA ALA A 68 -0.95 7.67 3.85
C ALA A 68 0.39 7.87 4.56
N PHE A 69 0.54 7.29 5.75
CA PHE A 69 1.67 7.53 6.64
C PHE A 69 2.57 6.29 6.66
N VAL A 70 3.30 6.09 5.56
CA VAL A 70 4.32 5.05 5.39
C VAL A 70 5.45 5.23 6.40
N LYS A 71 5.48 4.40 7.45
CA LYS A 71 6.50 4.47 8.48
C LYS A 71 6.68 3.13 9.21
N LYS A 72 6.95 2.08 8.43
CA LYS A 72 7.28 0.75 8.92
C LYS A 72 8.05 0.07 7.81
N ILE A 73 8.76 -1.00 8.15
CA ILE A 73 9.54 -1.79 7.21
C ILE A 73 9.68 -3.19 7.83
N GLU A 74 8.58 -3.93 7.87
CA GLU A 74 8.60 -5.28 8.44
C GLU A 74 9.21 -6.25 7.42
N GLY A 75 9.50 -7.47 7.90
CA GLY A 75 9.96 -8.57 7.08
C GLY A 75 9.58 -9.87 7.79
N ARG A 76 8.91 -10.77 7.07
CA ARG A 76 8.53 -12.12 7.47
C ARG A 76 8.03 -12.77 6.17
CU CU1 B . -14.40 3.66 -0.29
N GLY A 1 14.29 -11.36 0.27
CA GLY A 1 12.84 -11.55 0.08
C GLY A 1 12.19 -10.19 -0.06
N GLU A 2 10.86 -10.15 -0.03
CA GLU A 2 10.07 -8.94 -0.21
C GLU A 2 10.03 -8.14 1.10
N VAL A 3 9.79 -6.83 1.02
CA VAL A 3 9.71 -5.94 2.15
C VAL A 3 8.29 -5.40 2.27
N VAL A 4 7.70 -5.54 3.46
CA VAL A 4 6.37 -5.11 3.81
C VAL A 4 6.44 -3.68 4.36
N LEU A 5 5.78 -2.76 3.65
CA LEU A 5 5.71 -1.36 4.01
C LEU A 5 4.35 -1.15 4.64
N LYS A 6 4.34 -0.74 5.91
CA LYS A 6 3.11 -0.45 6.63
C LYS A 6 2.92 1.06 6.53
N MET A 7 1.82 1.48 5.91
CA MET A 7 1.42 2.86 5.80
C MET A 7 0.05 3.04 6.44
N LYS A 8 -0.04 3.96 7.40
CA LYS A 8 -1.30 4.30 8.05
C LYS A 8 -1.99 5.30 7.13
N VAL A 9 -3.19 4.95 6.62
CA VAL A 9 -3.86 5.74 5.59
C VAL A 9 -5.34 5.92 5.94
N GLU A 10 -5.79 7.18 6.02
CA GLU A 10 -7.13 7.50 6.46
C GLU A 10 -8.13 7.42 5.31
N GLY A 11 -9.41 7.23 5.63
CA GLY A 11 -10.51 7.39 4.69
C GLY A 11 -11.14 6.06 4.30
N MET A 12 -10.31 5.05 4.00
CA MET A 12 -10.78 3.72 3.69
C MET A 12 -11.57 3.15 4.87
N THR A 13 -12.89 3.02 4.73
CA THR A 13 -13.80 2.54 5.76
C THR A 13 -14.96 1.76 5.12
N CYS A 14 -14.78 1.29 3.88
CA CYS A 14 -15.80 0.57 3.13
C CYS A 14 -15.10 -0.27 2.07
N HIS A 15 -15.69 -1.42 1.72
CA HIS A 15 -15.02 -2.46 0.93
C HIS A 15 -15.04 -2.14 -0.57
N SER A 16 -14.78 -0.88 -0.91
CA SER A 16 -14.71 -0.38 -2.28
C SER A 16 -13.33 0.24 -2.46
N CYS A 17 -13.09 1.37 -1.79
CA CYS A 17 -11.88 2.17 -1.88
C CYS A 17 -10.64 1.28 -1.72
N THR A 18 -10.64 0.53 -0.60
CA THR A 18 -9.58 -0.42 -0.28
C THR A 18 -9.32 -1.35 -1.45
N SER A 19 -10.36 -2.04 -1.94
CA SER A 19 -10.27 -3.03 -3.00
C SER A 19 -9.75 -2.38 -4.29
N THR A 20 -10.26 -1.21 -4.66
CA THR A 20 -9.80 -0.47 -5.81
C THR A 20 -8.29 -0.20 -5.71
N ILE A 21 -7.84 0.34 -4.58
CA ILE A 21 -6.44 0.61 -4.34
C ILE A 21 -5.63 -0.69 -4.40
N GLU A 22 -6.09 -1.71 -3.71
CA GLU A 22 -5.53 -3.06 -3.70
C GLU A 22 -5.28 -3.54 -5.13
N GLY A 23 -6.30 -3.46 -5.99
CA GLY A 23 -6.17 -3.74 -7.40
C GLY A 23 -5.08 -2.89 -8.06
N LYS A 24 -5.23 -1.55 -8.00
CA LYS A 24 -4.38 -0.64 -8.75
C LYS A 24 -2.91 -0.83 -8.37
N ILE A 25 -2.63 -0.87 -7.08
CA ILE A 25 -1.28 -1.02 -6.57
C ILE A 25 -0.78 -2.44 -6.81
N GLY A 26 -1.60 -3.45 -6.49
CA GLY A 26 -1.28 -4.85 -6.72
C GLY A 26 -0.84 -5.11 -8.16
N LYS A 27 -1.44 -4.39 -9.12
CA LYS A 27 -1.14 -4.54 -10.53
C LYS A 27 0.26 -4.05 -10.91
N LEU A 28 0.95 -3.26 -10.09
CA LEU A 28 2.25 -2.73 -10.48
C LEU A 28 3.34 -3.81 -10.44
N GLN A 29 4.21 -3.77 -11.45
CA GLN A 29 5.31 -4.72 -11.59
C GLN A 29 6.37 -4.49 -10.51
N GLY A 30 6.31 -5.25 -9.42
CA GLY A 30 7.22 -5.07 -8.30
C GLY A 30 6.62 -5.45 -6.95
N VAL A 31 5.30 -5.64 -6.88
CA VAL A 31 4.62 -6.01 -5.65
C VAL A 31 4.28 -7.50 -5.65
N GLN A 32 4.44 -8.17 -4.50
CA GLN A 32 4.07 -9.56 -4.33
C GLN A 32 2.66 -9.71 -3.76
N ARG A 33 2.24 -8.75 -2.94
CA ARG A 33 1.00 -8.82 -2.19
C ARG A 33 0.77 -7.47 -1.53
N ILE A 34 -0.46 -7.28 -1.08
CA ILE A 34 -0.93 -6.04 -0.55
C ILE A 34 -2.09 -6.42 0.35
N LYS A 35 -2.17 -5.78 1.51
CA LYS A 35 -3.17 -5.97 2.53
C LYS A 35 -3.64 -4.64 3.10
N VAL A 36 -4.71 -4.08 2.52
CA VAL A 36 -5.31 -2.84 3.00
C VAL A 36 -6.46 -3.19 3.94
N SER A 37 -6.30 -2.81 5.21
CA SER A 37 -7.17 -3.12 6.32
C SER A 37 -7.98 -1.88 6.67
N LEU A 38 -9.26 -1.85 6.27
CA LEU A 38 -10.13 -0.71 6.52
C LEU A 38 -10.39 -0.56 8.02
N ASP A 39 -10.75 -1.65 8.71
CA ASP A 39 -11.10 -1.66 10.13
C ASP A 39 -9.99 -1.00 10.95
N ASN A 40 -8.77 -1.50 10.76
CA ASN A 40 -7.61 -1.03 11.47
C ASN A 40 -7.00 0.20 10.80
N GLN A 41 -7.66 0.73 9.76
CA GLN A 41 -7.27 1.82 8.91
C GLN A 41 -5.76 1.87 8.65
N GLU A 42 -5.25 0.79 8.06
CA GLU A 42 -3.84 0.57 7.79
C GLU A 42 -3.70 -0.05 6.40
N ALA A 43 -2.59 0.22 5.72
CA ALA A 43 -2.30 -0.27 4.37
C ALA A 43 -0.95 -0.97 4.35
N THR A 44 -0.96 -2.25 3.99
CA THR A 44 0.21 -3.13 3.90
C THR A 44 0.59 -3.30 2.44
N ILE A 45 1.75 -2.81 2.03
CA ILE A 45 2.19 -2.93 0.65
C ILE A 45 3.46 -3.76 0.66
N VAL A 46 3.45 -4.96 0.05
CA VAL A 46 4.58 -5.88 0.15
C VAL A 46 5.30 -5.96 -1.20
N TYR A 47 6.48 -5.33 -1.29
CA TYR A 47 7.14 -5.08 -2.57
C TYR A 47 8.59 -5.55 -2.60
N GLN A 48 9.17 -5.54 -3.80
CA GLN A 48 10.53 -5.97 -4.07
C GLN A 48 11.45 -4.76 -4.25
N PRO A 49 12.39 -4.50 -3.31
CA PRO A 49 13.26 -3.32 -3.36
C PRO A 49 14.30 -3.45 -4.45
N HIS A 50 13.87 -3.20 -5.68
CA HIS A 50 14.62 -3.10 -6.92
C HIS A 50 13.66 -2.82 -8.07
N LEU A 51 12.48 -3.44 -8.05
CA LEU A 51 11.52 -3.32 -9.16
C LEU A 51 10.77 -1.99 -9.09
N ILE A 52 10.20 -1.67 -7.93
CA ILE A 52 9.39 -0.49 -7.68
C ILE A 52 9.91 0.18 -6.42
N SER A 53 9.29 1.28 -5.97
CA SER A 53 9.79 2.06 -4.85
C SER A 53 8.64 2.60 -3.99
N VAL A 54 8.93 2.88 -2.72
CA VAL A 54 8.01 3.52 -1.78
C VAL A 54 7.34 4.73 -2.42
N GLU A 55 8.10 5.55 -3.15
CA GLU A 55 7.54 6.75 -3.74
C GLU A 55 6.46 6.41 -4.76
N GLU A 56 6.62 5.37 -5.58
CA GLU A 56 5.58 4.97 -6.51
C GLU A 56 4.37 4.54 -5.69
N MET A 57 4.57 3.64 -4.71
CA MET A 57 3.52 3.21 -3.81
C MET A 57 2.74 4.42 -3.24
N LYS A 58 3.40 5.31 -2.50
CA LYS A 58 2.72 6.50 -1.99
C LYS A 58 2.12 7.31 -3.11
N LYS A 59 2.91 7.79 -4.07
CA LYS A 59 2.43 8.74 -5.05
C LYS A 59 1.16 8.20 -5.69
N GLN A 60 1.19 6.92 -6.05
CA GLN A 60 0.00 6.23 -6.54
C GLN A 60 -1.15 6.28 -5.52
N ILE A 61 -0.89 5.92 -4.26
CA ILE A 61 -1.90 5.88 -3.22
C ILE A 61 -2.37 7.29 -2.85
N GLU A 62 -1.49 8.13 -2.28
CA GLU A 62 -1.79 9.52 -2.00
C GLU A 62 -2.52 10.21 -3.16
N ALA A 63 -2.13 9.95 -4.43
CA ALA A 63 -2.81 10.54 -5.58
C ALA A 63 -4.33 10.29 -5.58
N MET A 64 -4.78 9.14 -5.05
CA MET A 64 -6.20 8.88 -4.89
C MET A 64 -6.87 9.97 -4.05
N GLY A 65 -6.17 10.44 -3.01
CA GLY A 65 -6.61 11.53 -2.15
C GLY A 65 -6.27 11.24 -0.69
N PHE A 66 -6.04 9.97 -0.36
CA PHE A 66 -5.93 9.49 1.00
C PHE A 66 -4.50 9.69 1.53
N PRO A 67 -4.27 10.56 2.52
CA PRO A 67 -2.93 10.81 3.03
C PRO A 67 -2.42 9.57 3.74
N ALA A 68 -1.22 9.11 3.36
CA ALA A 68 -0.64 7.86 3.84
C ALA A 68 0.70 8.08 4.53
N PHE A 69 0.87 7.48 5.70
CA PHE A 69 2.07 7.56 6.51
C PHE A 69 2.84 6.26 6.41
N VAL A 70 3.53 6.07 5.28
CA VAL A 70 4.48 4.99 5.08
C VAL A 70 5.70 5.19 5.99
N LYS A 71 5.86 4.35 7.01
CA LYS A 71 7.00 4.44 7.91
C LYS A 71 7.26 3.11 8.61
N LYS A 72 7.42 2.03 7.83
CA LYS A 72 7.62 0.72 8.41
C LYS A 72 8.27 -0.20 7.38
N ILE A 73 9.59 -0.12 7.23
CA ILE A 73 10.35 -0.92 6.29
C ILE A 73 10.55 -2.35 6.87
N GLU A 74 9.46 -3.06 7.15
CA GLU A 74 9.53 -4.40 7.75
C GLU A 74 9.76 -5.45 6.65
N GLY A 75 10.18 -6.65 7.06
CA GLY A 75 10.59 -7.71 6.15
C GLY A 75 11.40 -8.72 6.95
N ARG A 76 10.72 -9.73 7.50
CA ARG A 76 11.30 -10.75 8.35
C ARG A 76 11.54 -12.03 7.54
CU CU1 B . -15.08 2.84 -0.12
N GLY A 1 12.88 -13.09 -1.41
CA GLY A 1 11.58 -12.57 -0.97
C GLY A 1 11.58 -11.06 -1.07
N GLU A 2 10.42 -10.46 -0.84
CA GLU A 2 10.13 -9.05 -0.94
C GLU A 2 10.23 -8.39 0.44
N VAL A 3 9.72 -7.16 0.59
CA VAL A 3 9.71 -6.43 1.84
C VAL A 3 8.33 -5.82 2.04
N VAL A 4 7.84 -5.84 3.28
CA VAL A 4 6.56 -5.35 3.70
C VAL A 4 6.69 -3.97 4.36
N LEU A 5 5.89 -3.02 3.88
CA LEU A 5 5.77 -1.70 4.45
C LEU A 5 4.33 -1.51 4.87
N LYS A 6 4.16 -0.78 5.96
CA LYS A 6 2.88 -0.51 6.57
C LYS A 6 2.72 1.00 6.63
N MET A 7 1.61 1.46 6.07
CA MET A 7 1.18 2.83 6.00
C MET A 7 -0.09 2.98 6.80
N LYS A 8 -0.17 3.96 7.70
CA LYS A 8 -1.45 4.30 8.33
C LYS A 8 -2.20 5.20 7.36
N VAL A 9 -3.44 4.87 6.99
CA VAL A 9 -4.22 5.68 6.07
C VAL A 9 -5.35 6.37 6.82
N GLU A 10 -5.88 7.48 6.29
CA GLU A 10 -7.08 8.10 6.83
C GLU A 10 -8.13 8.23 5.72
N GLY A 11 -9.38 8.05 6.11
CA GLY A 11 -10.57 8.22 5.29
C GLY A 11 -11.11 6.88 4.75
N MET A 12 -10.25 5.91 4.50
CA MET A 12 -10.65 4.63 3.93
C MET A 12 -11.53 3.85 4.91
N THR A 13 -12.86 3.89 4.73
CA THR A 13 -13.77 3.09 5.52
C THR A 13 -14.94 2.63 4.64
N CYS A 14 -14.62 1.94 3.54
CA CYS A 14 -15.56 1.16 2.74
C CYS A 14 -14.73 0.20 1.89
N HIS A 15 -15.33 -0.89 1.40
CA HIS A 15 -14.63 -1.85 0.55
C HIS A 15 -14.54 -1.35 -0.90
N SER A 16 -14.19 -0.08 -1.08
CA SER A 16 -13.92 0.50 -2.39
C SER A 16 -12.52 1.08 -2.36
N CYS A 17 -12.26 2.04 -1.46
CA CYS A 17 -10.96 2.67 -1.32
C CYS A 17 -9.84 1.63 -1.29
N THR A 18 -9.92 0.75 -0.29
CA THR A 18 -9.00 -0.36 -0.11
C THR A 18 -8.88 -1.19 -1.39
N SER A 19 -9.99 -1.75 -1.87
CA SER A 19 -10.00 -2.70 -2.97
C SER A 19 -9.42 -2.10 -4.25
N THR A 20 -9.83 -0.87 -4.60
CA THR A 20 -9.27 -0.14 -5.73
C THR A 20 -7.75 -0.07 -5.63
N ILE A 21 -7.22 0.35 -4.47
CA ILE A 21 -5.80 0.43 -4.26
C ILE A 21 -5.18 -0.96 -4.34
N GLU A 22 -5.80 -1.96 -3.74
CA GLU A 22 -5.36 -3.34 -3.78
C GLU A 22 -5.18 -3.81 -5.23
N GLY A 23 -6.18 -3.58 -6.07
CA GLY A 23 -6.09 -3.79 -7.50
C GLY A 23 -4.92 -3.01 -8.12
N LYS A 24 -4.92 -1.68 -7.95
CA LYS A 24 -3.96 -0.80 -8.62
C LYS A 24 -2.53 -1.21 -8.29
N ILE A 25 -2.23 -1.34 -7.00
CA ILE A 25 -0.95 -1.74 -6.47
C ILE A 25 -0.61 -3.15 -6.95
N GLY A 26 -1.55 -4.10 -6.83
CA GLY A 26 -1.40 -5.43 -7.41
C GLY A 26 -0.95 -5.37 -8.88
N LYS A 27 -1.49 -4.43 -9.64
CA LYS A 27 -1.19 -4.27 -11.05
C LYS A 27 0.24 -3.74 -11.32
N LEU A 28 0.95 -3.22 -10.32
CA LEU A 28 2.25 -2.61 -10.55
C LEU A 28 3.38 -3.64 -10.62
N GLN A 29 4.22 -3.48 -11.63
CA GLN A 29 5.35 -4.35 -11.86
C GLN A 29 6.43 -4.17 -10.77
N GLY A 30 6.34 -4.97 -9.69
CA GLY A 30 7.26 -4.86 -8.56
C GLY A 30 6.66 -5.30 -7.25
N VAL A 31 5.33 -5.31 -7.16
CA VAL A 31 4.63 -5.72 -5.96
C VAL A 31 4.46 -7.24 -5.96
N GLN A 32 4.42 -7.82 -4.76
CA GLN A 32 4.27 -9.24 -4.52
C GLN A 32 3.01 -9.54 -3.72
N ARG A 33 2.67 -8.70 -2.73
CA ARG A 33 1.47 -8.84 -1.93
C ARG A 33 1.06 -7.47 -1.43
N ILE A 34 -0.11 -7.40 -0.84
CA ILE A 34 -0.71 -6.20 -0.33
C ILE A 34 -1.75 -6.69 0.70
N LYS A 35 -1.93 -5.93 1.77
CA LYS A 35 -2.91 -6.15 2.81
C LYS A 35 -3.47 -4.81 3.35
N VAL A 36 -4.52 -4.27 2.73
CA VAL A 36 -5.11 -3.00 3.14
C VAL A 36 -6.31 -3.20 4.06
N SER A 37 -6.05 -3.28 5.37
CA SER A 37 -6.99 -3.50 6.45
C SER A 37 -7.82 -2.24 6.72
N LEU A 38 -9.14 -2.30 6.61
CA LEU A 38 -10.02 -1.17 6.87
C LEU A 38 -10.13 -0.88 8.37
N ASP A 39 -10.35 -1.92 9.18
CA ASP A 39 -10.70 -1.81 10.59
C ASP A 39 -9.77 -0.84 11.30
N ASN A 40 -8.48 -1.15 11.25
CA ASN A 40 -7.47 -0.38 11.94
C ASN A 40 -6.84 0.66 10.99
N GLN A 41 -7.58 1.06 9.95
CA GLN A 41 -7.16 1.84 8.79
C GLN A 41 -5.66 1.74 8.47
N GLU A 42 -5.28 0.60 7.91
CA GLU A 42 -3.90 0.22 7.65
C GLU A 42 -3.78 -0.18 6.19
N ALA A 43 -2.72 0.27 5.54
CA ALA A 43 -2.33 -0.13 4.21
C ALA A 43 -0.99 -0.85 4.29
N THR A 44 -1.00 -2.18 4.22
CA THR A 44 0.20 -2.99 4.09
C THR A 44 0.48 -3.15 2.61
N ILE A 45 1.68 -2.82 2.13
CA ILE A 45 2.09 -3.14 0.77
C ILE A 45 3.38 -3.95 0.86
N VAL A 46 3.43 -5.06 0.11
CA VAL A 46 4.52 -6.03 0.15
C VAL A 46 5.16 -6.09 -1.23
N TYR A 47 6.33 -5.45 -1.39
CA TYR A 47 6.92 -5.18 -2.69
C TYR A 47 8.43 -5.44 -2.69
N GLN A 48 8.98 -5.52 -3.90
CA GLN A 48 10.36 -5.90 -4.11
C GLN A 48 11.23 -4.64 -4.27
N PRO A 49 12.11 -4.32 -3.31
CA PRO A 49 12.87 -3.08 -3.26
C PRO A 49 13.96 -3.07 -4.35
N HIS A 50 13.53 -2.85 -5.58
CA HIS A 50 14.33 -2.88 -6.79
C HIS A 50 13.43 -2.44 -7.94
N LEU A 51 12.24 -3.06 -8.03
CA LEU A 51 11.36 -2.88 -9.18
C LEU A 51 10.54 -1.60 -9.02
N ILE A 52 9.98 -1.41 -7.83
CA ILE A 52 9.11 -0.31 -7.50
C ILE A 52 9.62 0.28 -6.17
N SER A 53 9.33 1.56 -5.90
CA SER A 53 9.84 2.30 -4.76
C SER A 53 8.68 2.85 -3.92
N VAL A 54 8.97 3.23 -2.66
CA VAL A 54 8.00 3.85 -1.77
C VAL A 54 7.20 4.96 -2.46
N GLU A 55 7.90 5.82 -3.21
CA GLU A 55 7.26 6.97 -3.83
C GLU A 55 6.19 6.47 -4.81
N GLU A 56 6.55 5.63 -5.78
CA GLU A 56 5.63 4.92 -6.68
C GLU A 56 4.41 4.45 -5.90
N MET A 57 4.61 3.62 -4.86
CA MET A 57 3.51 3.19 -4.03
C MET A 57 2.66 4.37 -3.55
N LYS A 58 3.23 5.30 -2.78
CA LYS A 58 2.45 6.41 -2.26
C LYS A 58 1.84 7.24 -3.37
N LYS A 59 2.63 7.86 -4.23
CA LYS A 59 2.16 8.63 -5.37
C LYS A 59 0.96 7.95 -6.01
N GLN A 60 1.05 6.64 -6.30
CA GLN A 60 -0.08 5.93 -6.88
C GLN A 60 -1.26 5.75 -5.89
N ILE A 61 -1.01 5.53 -4.60
CA ILE A 61 -2.03 5.44 -3.56
C ILE A 61 -2.61 6.82 -3.25
N GLU A 62 -1.81 7.73 -2.69
CA GLU A 62 -2.14 9.13 -2.50
C GLU A 62 -2.93 9.71 -3.68
N ALA A 63 -2.59 9.36 -4.94
CA ALA A 63 -3.35 9.83 -6.11
C ALA A 63 -4.87 9.66 -5.95
N MET A 64 -5.33 8.59 -5.29
CA MET A 64 -6.74 8.33 -5.04
C MET A 64 -7.36 9.47 -4.22
N GLY A 65 -6.59 10.01 -3.27
CA GLY A 65 -7.01 11.12 -2.42
C GLY A 65 -6.67 10.85 -0.96
N PHE A 66 -6.36 9.59 -0.63
CA PHE A 66 -6.19 9.13 0.74
C PHE A 66 -4.76 9.39 1.20
N PRO A 67 -4.52 10.24 2.22
CA PRO A 67 -3.19 10.43 2.75
C PRO A 67 -2.74 9.12 3.42
N ALA A 68 -1.46 8.78 3.28
CA ALA A 68 -0.90 7.56 3.86
C ALA A 68 0.43 7.84 4.56
N PHE A 69 0.60 7.28 5.75
CA PHE A 69 1.78 7.44 6.59
C PHE A 69 2.61 6.18 6.55
N VAL A 70 3.33 5.98 5.44
CA VAL A 70 4.32 4.92 5.26
C VAL A 70 5.45 5.04 6.30
N LYS A 71 5.45 4.18 7.33
CA LYS A 71 6.45 4.24 8.38
C LYS A 71 6.64 2.89 9.10
N LYS A 72 7.04 1.87 8.34
CA LYS A 72 7.41 0.56 8.84
C LYS A 72 8.33 -0.06 7.81
N ILE A 73 9.09 -1.09 8.17
CA ILE A 73 10.01 -1.78 7.28
C ILE A 73 10.24 -3.19 7.83
N GLU A 74 9.23 -4.06 7.75
CA GLU A 74 9.31 -5.37 8.38
C GLU A 74 10.08 -6.34 7.45
N GLY A 75 11.38 -6.07 7.30
CA GLY A 75 12.27 -6.90 6.50
C GLY A 75 12.33 -8.33 7.05
N ARG A 76 12.65 -9.30 6.19
CA ARG A 76 12.65 -10.71 6.51
C ARG A 76 13.33 -11.44 5.35
CU CU1 B . -13.86 4.02 1.48
N GLY A 1 14.03 -10.80 1.02
CA GLY A 1 12.79 -11.17 0.31
C GLY A 1 11.98 -9.91 0.08
N GLU A 2 10.67 -10.04 -0.14
CA GLU A 2 9.77 -8.91 -0.20
C GLU A 2 9.73 -8.19 1.16
N VAL A 3 9.47 -6.88 1.17
CA VAL A 3 9.45 -6.06 2.35
C VAL A 3 8.04 -5.50 2.56
N VAL A 4 7.49 -5.66 3.77
CA VAL A 4 6.14 -5.28 4.14
C VAL A 4 6.11 -3.82 4.58
N LEU A 5 5.60 -2.94 3.72
CA LEU A 5 5.57 -1.51 3.94
C LEU A 5 4.22 -1.20 4.59
N LYS A 6 4.24 -1.00 5.91
CA LYS A 6 3.10 -0.59 6.67
C LYS A 6 2.90 0.90 6.49
N MET A 7 1.74 1.29 5.98
CA MET A 7 1.35 2.68 5.79
C MET A 7 0.06 2.90 6.56
N LYS A 8 0.06 3.80 7.54
CA LYS A 8 -1.17 4.09 8.28
C LYS A 8 -2.00 5.04 7.41
N VAL A 9 -3.17 4.60 6.95
CA VAL A 9 -4.00 5.36 6.03
C VAL A 9 -5.14 5.99 6.83
N GLU A 10 -5.71 7.09 6.35
CA GLU A 10 -6.85 7.73 6.98
C GLU A 10 -8.07 7.56 6.05
N GLY A 11 -9.29 7.64 6.59
CA GLY A 11 -10.49 7.88 5.80
C GLY A 11 -11.08 6.62 5.18
N MET A 12 -10.25 5.74 4.60
CA MET A 12 -10.72 4.52 3.95
C MET A 12 -11.46 3.60 4.93
N THR A 13 -12.76 3.84 5.08
CA THR A 13 -13.65 3.14 5.98
C THR A 13 -14.72 2.38 5.17
N CYS A 14 -14.35 1.81 4.03
CA CYS A 14 -15.21 0.91 3.27
C CYS A 14 -14.30 0.00 2.44
N HIS A 15 -14.85 -1.10 1.96
CA HIS A 15 -14.09 -2.07 1.18
C HIS A 15 -13.85 -1.59 -0.24
N SER A 16 -14.69 -0.66 -0.73
CA SER A 16 -14.57 -0.14 -2.08
C SER A 16 -13.19 0.47 -2.30
N CYS A 17 -12.82 1.47 -1.50
CA CYS A 17 -11.54 2.16 -1.66
C CYS A 17 -10.39 1.15 -1.63
N THR A 18 -10.35 0.33 -0.57
CA THR A 18 -9.28 -0.61 -0.36
C THR A 18 -9.18 -1.58 -1.54
N SER A 19 -10.28 -2.24 -1.90
CA SER A 19 -10.34 -3.18 -3.00
C SER A 19 -9.96 -2.51 -4.33
N THR A 20 -10.48 -1.32 -4.63
CA THR A 20 -10.10 -0.57 -5.82
C THR A 20 -8.58 -0.36 -5.86
N ILE A 21 -8.00 0.11 -4.75
CA ILE A 21 -6.57 0.28 -4.66
C ILE A 21 -5.87 -1.07 -4.89
N GLU A 22 -6.33 -2.13 -4.22
CA GLU A 22 -5.75 -3.46 -4.35
C GLU A 22 -5.77 -3.91 -5.81
N GLY A 23 -6.88 -3.70 -6.50
CA GLY A 23 -7.02 -3.94 -7.93
C GLY A 23 -5.98 -3.14 -8.72
N LYS A 24 -5.92 -1.82 -8.51
CA LYS A 24 -5.04 -0.96 -9.28
C LYS A 24 -3.58 -1.35 -9.04
N ILE A 25 -3.17 -1.28 -7.78
CA ILE A 25 -1.81 -1.50 -7.32
C ILE A 25 -1.39 -2.94 -7.58
N GLY A 26 -2.32 -3.90 -7.50
CA GLY A 26 -2.08 -5.28 -7.87
C GLY A 26 -1.35 -5.40 -9.22
N LYS A 27 -1.59 -4.47 -10.15
CA LYS A 27 -1.01 -4.52 -11.48
C LYS A 27 0.44 -4.00 -11.53
N LEU A 28 1.02 -3.49 -10.44
CA LEU A 28 2.35 -2.91 -10.47
C LEU A 28 3.44 -3.97 -10.59
N GLN A 29 4.44 -3.65 -11.41
CA GLN A 29 5.60 -4.49 -11.62
C GLN A 29 6.63 -4.30 -10.51
N GLY A 30 6.45 -5.02 -9.39
CA GLY A 30 7.38 -4.96 -8.27
C GLY A 30 6.74 -5.24 -6.92
N VAL A 31 5.41 -5.23 -6.85
CA VAL A 31 4.69 -5.61 -5.65
C VAL A 31 4.60 -7.13 -5.60
N GLN A 32 4.67 -7.69 -4.38
CA GLN A 32 4.69 -9.12 -4.12
C GLN A 32 3.43 -9.56 -3.36
N ARG A 33 2.92 -8.73 -2.43
CA ARG A 33 1.68 -8.96 -1.70
C ARG A 33 1.14 -7.58 -1.36
N ILE A 34 -0.14 -7.48 -1.06
CA ILE A 34 -0.76 -6.21 -0.74
C ILE A 34 -1.97 -6.54 0.11
N LYS A 35 -2.08 -5.92 1.30
CA LYS A 35 -3.27 -6.01 2.11
C LYS A 35 -3.71 -4.66 2.68
N VAL A 36 -4.74 -4.04 2.10
CA VAL A 36 -5.22 -2.73 2.52
C VAL A 36 -6.39 -2.88 3.50
N SER A 37 -6.10 -2.78 4.80
CA SER A 37 -7.04 -2.97 5.89
C SER A 37 -7.73 -1.66 6.25
N LEU A 38 -9.07 -1.66 6.26
CA LEU A 38 -9.87 -0.50 6.57
C LEU A 38 -10.04 -0.37 8.09
N ASP A 39 -10.29 -1.49 8.77
CA ASP A 39 -10.59 -1.58 10.20
C ASP A 39 -9.55 -0.82 11.01
N ASN A 40 -8.30 -1.26 10.86
CA ASN A 40 -7.18 -0.66 11.57
C ASN A 40 -6.62 0.54 10.80
N GLN A 41 -7.32 0.97 9.74
CA GLN A 41 -6.93 1.93 8.73
C GLN A 41 -5.42 1.89 8.44
N GLU A 42 -4.99 0.76 7.86
CA GLU A 42 -3.59 0.44 7.62
C GLU A 42 -3.43 -0.32 6.32
N ALA A 43 -2.35 -0.02 5.60
CA ALA A 43 -2.02 -0.61 4.31
C ALA A 43 -0.72 -1.41 4.44
N THR A 44 -0.82 -2.70 4.14
CA THR A 44 0.25 -3.68 4.08
C THR A 44 0.73 -3.76 2.62
N ILE A 45 1.53 -2.81 2.15
CA ILE A 45 2.04 -2.85 0.78
C ILE A 45 3.33 -3.65 0.79
N VAL A 46 3.30 -4.91 0.33
CA VAL A 46 4.48 -5.78 0.40
C VAL A 46 5.16 -5.82 -0.97
N TYR A 47 6.33 -5.18 -1.10
CA TYR A 47 6.96 -4.99 -2.39
C TYR A 47 8.43 -5.38 -2.39
N GLN A 48 9.05 -5.32 -3.57
CA GLN A 48 10.41 -5.76 -3.80
C GLN A 48 11.33 -4.54 -4.00
N PRO A 49 12.22 -4.24 -3.03
CA PRO A 49 13.01 -3.00 -2.99
C PRO A 49 14.12 -3.02 -4.04
N HIS A 50 13.70 -2.86 -5.29
CA HIS A 50 14.53 -2.81 -6.48
C HIS A 50 13.62 -2.56 -7.68
N LEU A 51 12.43 -3.18 -7.70
CA LEU A 51 11.54 -3.08 -8.85
C LEU A 51 10.70 -1.80 -8.80
N ILE A 52 10.13 -1.48 -7.63
CA ILE A 52 9.21 -0.37 -7.44
C ILE A 52 9.60 0.35 -6.15
N SER A 53 9.39 1.67 -6.07
CA SER A 53 9.84 2.50 -4.98
C SER A 53 8.70 2.80 -4.00
N VAL A 54 9.06 3.18 -2.76
CA VAL A 54 8.14 3.77 -1.81
C VAL A 54 7.37 4.93 -2.46
N GLU A 55 8.08 5.76 -3.23
CA GLU A 55 7.49 6.93 -3.83
C GLU A 55 6.38 6.49 -4.78
N GLU A 56 6.66 5.59 -5.72
CA GLU A 56 5.66 4.98 -6.58
C GLU A 56 4.45 4.51 -5.76
N MET A 57 4.67 3.69 -4.73
CA MET A 57 3.60 3.33 -3.83
C MET A 57 2.79 4.54 -3.35
N LYS A 58 3.42 5.46 -2.61
CA LYS A 58 2.74 6.65 -2.10
C LYS A 58 2.13 7.47 -3.22
N LYS A 59 2.92 8.03 -4.12
CA LYS A 59 2.51 8.80 -5.27
C LYS A 59 1.24 8.21 -5.86
N GLN A 60 1.23 6.90 -6.16
CA GLN A 60 0.01 6.30 -6.67
C GLN A 60 -1.13 6.28 -5.65
N ILE A 61 -0.86 5.85 -4.41
CA ILE A 61 -1.90 5.77 -3.39
C ILE A 61 -2.42 7.17 -3.02
N GLU A 62 -1.57 8.05 -2.50
CA GLU A 62 -1.87 9.44 -2.29
C GLU A 62 -2.63 10.05 -3.47
N ALA A 63 -2.22 9.79 -4.72
CA ALA A 63 -2.90 10.37 -5.87
C ALA A 63 -4.39 10.06 -5.91
N MET A 64 -4.82 8.91 -5.38
CA MET A 64 -6.24 8.62 -5.24
C MET A 64 -6.92 9.70 -4.39
N GLY A 65 -6.26 10.12 -3.31
CA GLY A 65 -6.72 11.20 -2.43
C GLY A 65 -6.37 10.90 -0.97
N PHE A 66 -6.09 9.63 -0.65
CA PHE A 66 -5.97 9.15 0.71
C PHE A 66 -4.57 9.48 1.26
N PRO A 67 -4.45 10.29 2.33
CA PRO A 67 -3.16 10.51 2.95
C PRO A 67 -2.70 9.19 3.59
N ALA A 68 -1.41 8.87 3.48
CA ALA A 68 -0.84 7.66 4.04
C ALA A 68 0.48 7.96 4.76
N PHE A 69 0.60 7.44 5.97
CA PHE A 69 1.81 7.52 6.76
C PHE A 69 2.61 6.26 6.50
N VAL A 70 3.35 6.28 5.39
CA VAL A 70 4.48 5.39 5.13
C VAL A 70 5.31 5.28 6.40
N LYS A 71 5.24 4.11 7.04
CA LYS A 71 6.06 3.70 8.15
C LYS A 71 7.11 2.74 7.58
N LYS A 72 7.96 2.27 8.47
CA LYS A 72 9.10 1.43 8.17
C LYS A 72 8.66 -0.03 8.12
N ILE A 73 9.47 -0.89 7.51
CA ILE A 73 9.16 -2.30 7.37
C ILE A 73 9.40 -3.01 8.70
N GLU A 74 8.44 -3.86 9.09
CA GLU A 74 8.51 -4.67 10.30
C GLU A 74 8.74 -6.13 9.88
N GLY A 75 9.97 -6.62 10.09
CA GLY A 75 10.39 -7.97 9.73
C GLY A 75 11.91 -7.96 9.60
N ARG A 76 12.54 -9.13 9.58
CA ARG A 76 13.98 -9.29 9.40
C ARG A 76 14.24 -10.78 9.18
CU CU1 B . -13.99 3.88 1.30
N GLY A 1 10.31 -12.77 1.44
CA GLY A 1 11.55 -12.06 1.05
C GLY A 1 11.29 -10.60 0.74
N GLU A 2 10.21 -10.34 0.01
CA GLU A 2 9.60 -9.04 -0.20
C GLU A 2 9.43 -8.27 1.12
N VAL A 3 9.42 -6.93 1.04
CA VAL A 3 9.36 -6.06 2.20
C VAL A 3 7.96 -5.45 2.29
N VAL A 4 7.38 -5.50 3.49
CA VAL A 4 6.07 -4.99 3.80
C VAL A 4 6.20 -3.56 4.34
N LEU A 5 5.63 -2.62 3.59
CA LEU A 5 5.46 -1.24 4.02
C LEU A 5 4.13 -1.21 4.75
N LYS A 6 4.15 -0.74 5.99
CA LYS A 6 2.97 -0.55 6.80
C LYS A 6 2.75 0.97 6.81
N MET A 7 1.71 1.44 6.12
CA MET A 7 1.36 2.85 6.05
C MET A 7 -0.04 3.04 6.60
N LYS A 8 -0.28 4.16 7.29
CA LYS A 8 -1.64 4.48 7.75
C LYS A 8 -2.25 5.52 6.83
N VAL A 9 -3.42 5.20 6.26
CA VAL A 9 -3.98 5.96 5.17
C VAL A 9 -5.46 6.24 5.46
N GLU A 10 -5.75 7.43 5.99
CA GLU A 10 -7.09 7.74 6.46
C GLU A 10 -8.05 7.84 5.27
N GLY A 11 -9.28 7.36 5.49
CA GLY A 11 -10.38 7.48 4.54
C GLY A 11 -10.99 6.12 4.19
N MET A 12 -10.16 5.13 3.86
CA MET A 12 -10.67 3.85 3.35
C MET A 12 -11.30 3.00 4.44
N THR A 13 -12.56 3.30 4.75
CA THR A 13 -13.36 2.65 5.77
C THR A 13 -14.49 1.82 5.13
N CYS A 14 -14.25 1.24 3.95
CA CYS A 14 -15.15 0.29 3.31
C CYS A 14 -14.32 -0.58 2.39
N HIS A 15 -14.84 -1.75 2.03
CA HIS A 15 -14.09 -2.72 1.24
C HIS A 15 -14.04 -2.34 -0.25
N SER A 16 -14.69 -1.24 -0.66
CA SER A 16 -14.59 -0.75 -2.02
C SER A 16 -13.26 -0.05 -2.24
N CYS A 17 -12.99 1.02 -1.50
CA CYS A 17 -11.80 1.84 -1.68
C CYS A 17 -10.52 0.99 -1.58
N THR A 18 -10.46 0.17 -0.52
CA THR A 18 -9.37 -0.76 -0.31
C THR A 18 -9.18 -1.61 -1.55
N SER A 19 -10.22 -2.36 -1.94
CA SER A 19 -10.22 -3.23 -3.12
C SER A 19 -9.74 -2.48 -4.37
N THR A 20 -10.27 -1.29 -4.65
CA THR A 20 -9.82 -0.48 -5.78
C THR A 20 -8.32 -0.26 -5.74
N ILE A 21 -7.80 0.21 -4.60
CA ILE A 21 -6.39 0.45 -4.41
C ILE A 21 -5.61 -0.87 -4.54
N GLU A 22 -6.15 -1.96 -4.00
CA GLU A 22 -5.59 -3.30 -4.10
C GLU A 22 -5.42 -3.70 -5.57
N GLY A 23 -6.46 -3.52 -6.38
CA GLY A 23 -6.40 -3.70 -7.82
C GLY A 23 -5.30 -2.84 -8.44
N LYS A 24 -5.36 -1.52 -8.21
CA LYS A 24 -4.44 -0.58 -8.82
C LYS A 24 -2.98 -0.94 -8.53
N ILE A 25 -2.69 -1.11 -7.24
CA ILE A 25 -1.35 -1.37 -6.73
C ILE A 25 -0.89 -2.77 -7.12
N GLY A 26 -1.76 -3.77 -6.94
CA GLY A 26 -1.49 -5.15 -7.35
C GLY A 26 -1.01 -5.23 -8.80
N LYS A 27 -1.56 -4.39 -9.67
CA LYS A 27 -1.24 -4.35 -11.08
C LYS A 27 0.14 -3.73 -11.38
N LEU A 28 0.83 -3.13 -10.40
CA LEU A 28 2.16 -2.55 -10.63
C LEU A 28 3.24 -3.63 -10.58
N GLN A 29 4.08 -3.67 -11.61
CA GLN A 29 5.21 -4.57 -11.64
C GLN A 29 6.23 -4.17 -10.57
N GLY A 30 6.31 -4.99 -9.53
CA GLY A 30 7.19 -4.78 -8.39
C GLY A 30 6.51 -5.10 -7.06
N VAL A 31 5.17 -5.18 -7.07
CA VAL A 31 4.42 -5.63 -5.91
C VAL A 31 4.41 -7.14 -5.83
N GLN A 32 4.29 -7.65 -4.60
CA GLN A 32 4.29 -9.07 -4.27
C GLN A 32 3.00 -9.44 -3.53
N ARG A 33 2.59 -8.63 -2.55
CA ARG A 33 1.38 -8.83 -1.78
C ARG A 33 0.87 -7.45 -1.39
N ILE A 34 -0.37 -7.38 -0.94
CA ILE A 34 -0.96 -6.14 -0.53
C ILE A 34 -2.08 -6.54 0.43
N LYS A 35 -2.21 -5.79 1.52
CA LYS A 35 -3.22 -5.98 2.54
C LYS A 35 -3.75 -4.65 3.07
N VAL A 36 -4.81 -4.12 2.47
CA VAL A 36 -5.37 -2.83 2.86
C VAL A 36 -6.48 -3.01 3.89
N SER A 37 -6.10 -2.99 5.18
CA SER A 37 -6.99 -3.28 6.30
C SER A 37 -7.77 -2.03 6.72
N LEU A 38 -9.09 -2.05 6.46
CA LEU A 38 -9.98 -0.95 6.84
C LEU A 38 -10.06 -0.77 8.36
N ASP A 39 -10.28 -1.84 9.12
CA ASP A 39 -10.57 -1.82 10.54
C ASP A 39 -9.57 -0.95 11.29
N ASN A 40 -8.30 -1.33 11.18
CA ASN A 40 -7.21 -0.65 11.85
C ASN A 40 -6.60 0.43 10.94
N GLN A 41 -7.36 0.83 9.91
CA GLN A 41 -7.03 1.77 8.83
C GLN A 41 -5.53 1.79 8.48
N GLU A 42 -5.01 0.64 8.05
CA GLU A 42 -3.59 0.43 7.76
C GLU A 42 -3.41 -0.37 6.48
N ALA A 43 -2.54 0.11 5.60
CA ALA A 43 -2.19 -0.47 4.33
C ALA A 43 -0.84 -1.19 4.45
N THR A 44 -0.89 -2.52 4.33
CA THR A 44 0.22 -3.45 4.28
C THR A 44 0.60 -3.64 2.81
N ILE A 45 1.43 -2.75 2.25
CA ILE A 45 1.79 -2.81 0.85
C ILE A 45 3.10 -3.60 0.76
N VAL A 46 3.10 -4.80 0.16
CA VAL A 46 4.26 -5.69 0.18
C VAL A 46 4.92 -5.73 -1.18
N TYR A 47 6.14 -5.17 -1.27
CA TYR A 47 6.82 -4.93 -2.53
C TYR A 47 8.24 -5.48 -2.53
N GLN A 48 8.83 -5.45 -3.74
CA GLN A 48 10.15 -5.96 -4.00
C GLN A 48 11.14 -4.80 -4.18
N PRO A 49 12.06 -4.57 -3.23
CA PRO A 49 12.93 -3.40 -3.24
C PRO A 49 14.02 -3.54 -4.30
N HIS A 50 13.63 -3.29 -5.54
CA HIS A 50 14.45 -3.23 -6.75
C HIS A 50 13.53 -2.86 -7.92
N LEU A 51 12.32 -3.42 -7.98
CA LEU A 51 11.42 -3.14 -9.09
C LEU A 51 10.75 -1.78 -8.92
N ILE A 52 10.11 -1.56 -7.76
CA ILE A 52 9.35 -0.36 -7.45
C ILE A 52 9.91 0.24 -6.15
N SER A 53 9.36 1.37 -5.68
CA SER A 53 9.89 2.12 -4.55
C SER A 53 8.76 2.78 -3.75
N VAL A 54 9.07 3.12 -2.48
CA VAL A 54 8.20 3.88 -1.58
C VAL A 54 7.48 5.00 -2.32
N GLU A 55 8.20 5.78 -3.12
CA GLU A 55 7.63 6.92 -3.80
C GLU A 55 6.51 6.47 -4.75
N GLU A 56 6.72 5.49 -5.62
CA GLU A 56 5.66 4.98 -6.49
C GLU A 56 4.48 4.59 -5.62
N MET A 57 4.73 3.78 -4.58
CA MET A 57 3.68 3.35 -3.70
C MET A 57 2.86 4.54 -3.18
N LYS A 58 3.52 5.53 -2.56
CA LYS A 58 2.82 6.72 -2.10
C LYS A 58 2.19 7.48 -3.24
N LYS A 59 2.97 7.99 -4.20
CA LYS A 59 2.48 8.77 -5.31
C LYS A 59 1.21 8.14 -5.86
N GLN A 60 1.24 6.83 -6.13
CA GLN A 60 0.05 6.12 -6.60
C GLN A 60 -1.10 6.20 -5.59
N ILE A 61 -0.84 5.89 -4.32
CA ILE A 61 -1.87 5.89 -3.29
C ILE A 61 -2.33 7.31 -2.96
N GLU A 62 -1.45 8.18 -2.44
CA GLU A 62 -1.75 9.58 -2.21
C GLU A 62 -2.44 10.24 -3.40
N ALA A 63 -2.07 9.91 -4.65
CA ALA A 63 -2.76 10.46 -5.82
C ALA A 63 -4.28 10.24 -5.79
N MET A 64 -4.75 9.13 -5.22
CA MET A 64 -6.16 8.89 -5.03
C MET A 64 -6.80 10.03 -4.22
N GLY A 65 -6.09 10.51 -3.19
CA GLY A 65 -6.48 11.63 -2.35
C GLY A 65 -6.18 11.36 -0.89
N PHE A 66 -6.00 10.08 -0.54
CA PHE A 66 -5.87 9.63 0.83
C PHE A 66 -4.43 9.86 1.31
N PRO A 67 -4.18 10.74 2.30
CA PRO A 67 -2.83 10.94 2.82
C PRO A 67 -2.36 9.64 3.45
N ALA A 68 -1.08 9.27 3.29
CA ALA A 68 -0.58 8.00 3.83
C ALA A 68 0.72 8.15 4.63
N PHE A 69 0.78 7.51 5.79
CA PHE A 69 1.92 7.59 6.70
C PHE A 69 2.69 6.29 6.63
N VAL A 70 3.38 6.05 5.50
CA VAL A 70 4.33 4.97 5.33
C VAL A 70 5.48 5.11 6.34
N LYS A 71 5.53 4.26 7.37
CA LYS A 71 6.65 4.31 8.31
C LYS A 71 6.94 2.96 8.94
N LYS A 72 7.18 1.96 8.10
CA LYS A 72 7.61 0.63 8.47
C LYS A 72 8.34 0.06 7.27
N ILE A 73 9.17 -0.94 7.51
CA ILE A 73 9.93 -1.67 6.51
C ILE A 73 10.11 -3.09 7.07
N GLU A 74 8.98 -3.75 7.35
CA GLU A 74 9.02 -5.11 7.88
C GLU A 74 9.29 -6.07 6.72
N GLY A 75 9.52 -7.36 7.03
CA GLY A 75 9.69 -8.41 6.05
C GLY A 75 8.67 -9.51 6.30
N ARG A 76 8.51 -10.42 5.35
CA ARG A 76 7.73 -11.63 5.46
C ARG A 76 8.37 -12.60 4.45
CU CU1 B . -14.39 3.39 1.25
N GLY A 1 12.75 -13.45 0.35
CA GLY A 1 11.44 -12.79 0.27
C GLY A 1 11.65 -11.29 0.22
N GLU A 2 10.62 -10.55 -0.14
CA GLU A 2 10.64 -9.12 -0.34
C GLU A 2 10.47 -8.37 1.00
N VAL A 3 9.96 -7.13 0.96
CA VAL A 3 9.84 -6.26 2.13
C VAL A 3 8.42 -5.70 2.20
N VAL A 4 7.88 -5.60 3.43
CA VAL A 4 6.55 -5.13 3.74
C VAL A 4 6.59 -3.72 4.32
N LEU A 5 5.80 -2.82 3.72
CA LEU A 5 5.67 -1.45 4.16
C LEU A 5 4.28 -1.34 4.76
N LYS A 6 4.20 -0.82 5.99
CA LYS A 6 2.96 -0.62 6.70
C LYS A 6 2.72 0.89 6.69
N MET A 7 1.70 1.32 5.96
CA MET A 7 1.31 2.71 5.82
C MET A 7 -0.05 2.89 6.46
N LYS A 8 -0.15 3.79 7.44
CA LYS A 8 -1.42 4.14 8.03
C LYS A 8 -2.17 5.01 7.03
N VAL A 9 -3.43 4.70 6.73
CA VAL A 9 -4.23 5.50 5.81
C VAL A 9 -5.39 6.10 6.58
N GLU A 10 -5.90 7.24 6.10
CA GLU A 10 -7.06 7.89 6.68
C GLU A 10 -8.16 7.90 5.62
N GLY A 11 -9.41 7.80 6.06
CA GLY A 11 -10.60 7.98 5.21
C GLY A 11 -11.25 6.66 4.83
N MET A 12 -10.47 5.62 4.53
CA MET A 12 -11.04 4.37 4.04
C MET A 12 -11.95 3.75 5.10
N THR A 13 -13.12 3.23 4.68
CA THR A 13 -14.05 2.56 5.57
C THR A 13 -14.72 1.39 4.85
N CYS A 14 -15.39 1.64 3.71
CA CYS A 14 -16.04 0.55 3.01
C CYS A 14 -15.01 -0.35 2.33
N HIS A 15 -15.39 -1.60 2.07
CA HIS A 15 -14.52 -2.53 1.39
C HIS A 15 -14.24 -2.08 -0.06
N SER A 16 -15.07 -1.19 -0.61
CA SER A 16 -14.91 -0.72 -1.97
C SER A 16 -13.60 0.06 -2.11
N CYS A 17 -13.33 1.04 -1.24
CA CYS A 17 -12.09 1.80 -1.29
C CYS A 17 -10.89 0.86 -1.26
N THR A 18 -10.83 0.05 -0.21
CA THR A 18 -9.75 -0.87 0.05
C THR A 18 -9.57 -1.79 -1.15
N SER A 19 -10.62 -2.50 -1.57
CA SER A 19 -10.60 -3.39 -2.71
C SER A 19 -10.16 -2.68 -4.00
N THR A 20 -10.68 -1.48 -4.28
CA THR A 20 -10.31 -0.75 -5.49
C THR A 20 -8.81 -0.49 -5.51
N ILE A 21 -8.26 0.01 -4.40
CA ILE A 21 -6.85 0.24 -4.25
C ILE A 21 -6.09 -1.09 -4.37
N GLU A 22 -6.57 -2.13 -3.68
CA GLU A 22 -5.97 -3.46 -3.73
C GLU A 22 -5.82 -3.90 -5.18
N GLY A 23 -6.89 -3.80 -5.97
CA GLY A 23 -6.86 -4.03 -7.40
C GLY A 23 -5.82 -3.16 -8.11
N LYS A 24 -5.93 -1.85 -7.96
CA LYS A 24 -5.10 -0.91 -8.72
C LYS A 24 -3.62 -1.13 -8.44
N ILE A 25 -3.23 -1.00 -7.17
CA ILE A 25 -1.86 -1.12 -6.73
C ILE A 25 -1.38 -2.55 -6.89
N GLY A 26 -2.29 -3.50 -6.68
CA GLY A 26 -2.05 -4.90 -7.02
C GLY A 26 -1.45 -5.07 -8.42
N LYS A 27 -1.81 -4.21 -9.37
CA LYS A 27 -1.32 -4.26 -10.73
C LYS A 27 -0.07 -3.37 -10.94
N LEU A 28 0.58 -2.87 -9.89
CA LEU A 28 1.89 -2.27 -10.02
C LEU A 28 2.92 -3.34 -10.42
N GLN A 29 3.96 -2.92 -11.13
CA GLN A 29 5.11 -3.76 -11.41
C GLN A 29 6.13 -3.58 -10.28
N GLY A 30 6.62 -4.69 -9.73
CA GLY A 30 7.66 -4.71 -8.69
C GLY A 30 7.09 -5.16 -7.34
N VAL A 31 5.79 -5.44 -7.31
CA VAL A 31 5.06 -5.80 -6.11
C VAL A 31 4.97 -7.32 -6.00
N GLN A 32 4.82 -7.82 -4.78
CA GLN A 32 4.69 -9.25 -4.49
C GLN A 32 3.37 -9.53 -3.77
N ARG A 33 2.98 -8.67 -2.82
CA ARG A 33 1.73 -8.81 -2.10
C ARG A 33 1.27 -7.41 -1.69
N ILE A 34 0.01 -7.32 -1.32
CA ILE A 34 -0.67 -6.09 -1.02
C ILE A 34 -1.81 -6.51 -0.12
N LYS A 35 -2.10 -5.73 0.92
CA LYS A 35 -3.26 -5.90 1.76
C LYS A 35 -3.77 -4.53 2.23
N VAL A 36 -5.08 -4.36 2.44
CA VAL A 36 -5.62 -3.14 3.06
C VAL A 36 -6.71 -3.49 4.07
N SER A 37 -6.73 -2.76 5.20
CA SER A 37 -7.64 -2.94 6.33
C SER A 37 -8.39 -1.64 6.63
N LEU A 38 -9.72 -1.71 6.79
CA LEU A 38 -10.55 -0.57 7.15
C LEU A 38 -10.46 -0.25 8.64
N ASP A 39 -10.71 -1.22 9.53
CA ASP A 39 -10.95 -1.01 10.94
C ASP A 39 -9.79 -0.23 11.55
N ASN A 40 -8.61 -0.80 11.39
CA ASN A 40 -7.38 -0.26 11.93
C ASN A 40 -6.75 0.74 10.94
N GLN A 41 -7.49 1.11 9.89
CA GLN A 41 -7.15 2.01 8.80
C GLN A 41 -5.67 1.94 8.41
N GLU A 42 -5.26 0.76 7.96
CA GLU A 42 -3.87 0.46 7.64
C GLU A 42 -3.80 -0.20 6.27
N ALA A 43 -2.76 0.14 5.51
CA ALA A 43 -2.45 -0.42 4.21
C ALA A 43 -1.07 -1.09 4.29
N THR A 44 -1.01 -2.30 3.75
CA THR A 44 0.11 -3.21 3.67
C THR A 44 0.53 -3.27 2.21
N ILE A 45 1.75 -2.85 1.88
CA ILE A 45 2.22 -2.92 0.51
C ILE A 45 3.54 -3.68 0.56
N VAL A 46 3.61 -4.82 -0.13
CA VAL A 46 4.69 -5.78 0.00
C VAL A 46 5.38 -5.93 -1.34
N TYR A 47 6.60 -5.40 -1.45
CA TYR A 47 7.23 -5.19 -2.75
C TYR A 47 8.73 -5.43 -2.70
N GLN A 48 9.30 -5.58 -3.90
CA GLN A 48 10.69 -5.92 -4.14
C GLN A 48 11.53 -4.64 -4.20
N PRO A 49 12.39 -4.33 -3.20
CA PRO A 49 13.17 -3.09 -3.17
C PRO A 49 14.29 -3.12 -4.21
N HIS A 50 13.91 -3.00 -5.49
CA HIS A 50 14.79 -2.96 -6.65
C HIS A 50 13.97 -2.50 -7.86
N LEU A 51 12.85 -3.18 -8.13
CA LEU A 51 12.06 -2.90 -9.32
C LEU A 51 11.30 -1.58 -9.18
N ILE A 52 10.71 -1.32 -8.02
CA ILE A 52 9.91 -0.17 -7.73
C ILE A 52 10.38 0.37 -6.38
N SER A 53 9.83 1.49 -5.88
CA SER A 53 10.28 2.15 -4.67
C SER A 53 9.07 2.54 -3.80
N VAL A 54 9.31 2.83 -2.52
CA VAL A 54 8.34 3.42 -1.59
C VAL A 54 7.59 4.57 -2.26
N GLU A 55 8.34 5.45 -2.94
CA GLU A 55 7.79 6.65 -3.52
C GLU A 55 6.74 6.29 -4.56
N GLU A 56 7.06 5.52 -5.61
CA GLU A 56 6.12 4.98 -6.59
C GLU A 56 4.83 4.56 -5.91
N MET A 57 4.89 3.66 -4.91
CA MET A 57 3.73 3.29 -4.15
C MET A 57 2.98 4.52 -3.63
N LYS A 58 3.61 5.32 -2.76
CA LYS A 58 2.93 6.48 -2.18
C LYS A 58 2.44 7.43 -3.24
N LYS A 59 3.31 7.96 -4.08
CA LYS A 59 3.00 8.78 -5.23
C LYS A 59 1.72 8.26 -5.91
N GLN A 60 1.67 6.98 -6.28
CA GLN A 60 0.42 6.46 -6.86
C GLN A 60 -0.76 6.45 -5.87
N ILE A 61 -0.52 6.07 -4.61
CA ILE A 61 -1.58 5.96 -3.62
C ILE A 61 -2.10 7.35 -3.25
N GLU A 62 -1.26 8.22 -2.71
CA GLU A 62 -1.56 9.63 -2.53
C GLU A 62 -2.24 10.23 -3.76
N ALA A 63 -1.82 9.89 -4.99
CA ALA A 63 -2.47 10.43 -6.19
C ALA A 63 -3.97 10.16 -6.22
N MET A 64 -4.45 9.05 -5.65
CA MET A 64 -5.87 8.81 -5.49
C MET A 64 -6.53 9.95 -4.70
N GLY A 65 -5.88 10.38 -3.62
CA GLY A 65 -6.34 11.43 -2.73
C GLY A 65 -6.13 11.05 -1.27
N PHE A 66 -5.89 9.77 -1.00
CA PHE A 66 -5.82 9.23 0.35
C PHE A 66 -4.44 9.52 0.96
N PRO A 67 -4.33 10.29 2.05
CA PRO A 67 -3.05 10.49 2.69
C PRO A 67 -2.64 9.17 3.34
N ALA A 68 -1.34 8.83 3.26
CA ALA A 68 -0.80 7.59 3.79
C ALA A 68 0.52 7.85 4.52
N PHE A 69 0.73 7.18 5.66
CA PHE A 69 1.93 7.34 6.47
C PHE A 69 2.72 6.04 6.47
N VAL A 70 3.47 5.82 5.38
CA VAL A 70 4.46 4.75 5.26
C VAL A 70 5.57 4.96 6.29
N LYS A 71 5.60 4.17 7.36
CA LYS A 71 6.68 4.27 8.34
C LYS A 71 6.93 2.95 9.08
N LYS A 72 7.15 1.89 8.31
CA LYS A 72 7.38 0.55 8.80
C LYS A 72 8.11 -0.17 7.68
N ILE A 73 9.20 -0.87 8.01
CA ILE A 73 9.97 -1.68 7.09
C ILE A 73 10.13 -3.03 7.78
N GLU A 74 9.02 -3.79 7.88
CA GLU A 74 9.09 -5.14 8.41
C GLU A 74 9.49 -6.12 7.30
N GLY A 75 9.67 -7.39 7.67
CA GLY A 75 10.03 -8.46 6.76
C GLY A 75 8.90 -9.48 6.66
N ARG A 76 8.60 -9.92 5.43
CA ARG A 76 7.72 -11.04 5.12
C ARG A 76 6.24 -10.69 5.33
CU CU1 B . -14.95 3.58 1.27
#